data_5CD3
#
_entry.id   5CD3
#
_cell.length_a   66.829
_cell.length_b   73.747
_cell.length_c   101.158
_cell.angle_alpha   89.84
_cell.angle_beta   89.40
_cell.angle_gamma   89.95
#
_symmetry.space_group_name_H-M   'P 1'
#
loop_
_entity.id
_entity.type
_entity.pdbx_description
1 polymer 'DRVIA7 Heavy Chain'
2 polymer 'DRVIA7 Light Chain'
#
loop_
_entity_poly.entity_id
_entity_poly.type
_entity_poly.pdbx_seq_one_letter_code
_entity_poly.pdbx_strand_id
1 'polypeptide(L)'
;QVQLVESGTQFRRPGASVRLSCEASGYTFISSFIHWIRQGPGQGLEWMGWMNPRHGAVNYPRRFQGKVTMTRDTSIDTAY
MELRDLRSDDTAMYFCVTSRTKDYDWDFVWGQGTLVVVSSASTKGPSVFPLAPSSKSTSGGTAALGCLVKDYFPEPVTVS
WNSGALTSGVHTFPAVLQSSGLYSLSSVVTVPSSSLGTQTYICNVNHKPSNTKVDKKVEP
;
G,A,C,E
2 'polypeptide(L)'
;DIQMTQSPVTLSASIGDRVTITCRASQRIDNWVAWYQQKPGRAPKLLIYKASILETGVPSRFSGSGSGTEFTLSINSLQP
DDVATYYCQQFEEFGRGTKIDIKRTVAAPSVFIFPPSDEQLKSGTASVVCLLNNFYPREAKVQWKVDNALQSGNSQESVT
EQDSKDSTYSLSSTLTLSKADYEKHKVYACEVTHQGLSSPVTKSFNRGEC
;
H,B,D,F
#
# COMPACT_ATOMS: atom_id res chain seq x y z
N GLN A 1 19.42 3.81 -37.18
CA GLN A 1 18.78 2.50 -37.15
C GLN A 1 17.94 2.26 -38.41
N VAL A 2 18.13 1.11 -39.05
CA VAL A 2 17.31 0.74 -40.20
C VAL A 2 15.94 0.32 -39.69
N GLN A 3 14.90 0.93 -40.24
CA GLN A 3 13.53 0.58 -39.88
C GLN A 3 12.59 0.46 -41.07
N LEU A 4 11.81 -0.60 -41.09
CA LEU A 4 10.69 -0.71 -42.02
C LEU A 4 9.36 -0.77 -41.27
N VAL A 5 8.50 0.20 -41.52
CA VAL A 5 7.21 0.29 -40.83
C VAL A 5 6.04 0.10 -41.78
N GLU A 6 5.33 -1.01 -41.63
CA GLU A 6 4.20 -1.33 -42.49
C GLU A 6 2.85 -0.90 -41.97
N SER A 7 1.87 -0.90 -42.86
CA SER A 7 0.51 -0.51 -42.50
C SER A 7 -0.13 -1.50 -41.53
N GLY A 8 -1.25 -1.10 -40.97
CA GLY A 8 -1.98 -1.90 -40.00
C GLY A 8 -2.68 -3.09 -40.63
N THR A 9 -3.20 -3.97 -39.77
CA THR A 9 -3.85 -5.17 -40.25
C THR A 9 -5.04 -4.79 -41.13
N GLN A 10 -5.27 -5.56 -42.19
CA GLN A 10 -6.34 -5.27 -43.11
C GLN A 10 -7.35 -6.42 -43.13
N PHE A 11 -8.60 -6.09 -43.40
CA PHE A 11 -9.65 -7.09 -43.52
C PHE A 11 -10.27 -6.94 -44.88
N ARG A 12 -10.30 -8.04 -45.63
CA ARG A 12 -10.83 -8.03 -46.97
C ARG A 12 -11.81 -9.19 -47.19
N ARG A 13 -12.68 -9.01 -48.18
CA ARG A 13 -13.65 -10.04 -48.55
C ARG A 13 -13.14 -10.70 -49.81
N PRO A 14 -13.21 -12.04 -49.88
CA PRO A 14 -12.70 -12.79 -51.02
C PRO A 14 -13.04 -12.13 -52.36
N GLY A 15 -12.05 -12.08 -53.26
CA GLY A 15 -12.20 -11.41 -54.54
C GLY A 15 -11.69 -9.97 -54.53
N ALA A 16 -11.62 -9.37 -53.34
CA ALA A 16 -11.11 -8.00 -53.20
C ALA A 16 -9.59 -7.97 -53.32
N SER A 17 -9.03 -6.77 -53.22
CA SER A 17 -7.59 -6.61 -53.24
C SER A 17 -7.09 -5.83 -52.04
N VAL A 18 -5.81 -5.97 -51.73
CA VAL A 18 -5.21 -5.30 -50.60
C VAL A 18 -3.95 -4.57 -51.06
N ARG A 19 -3.68 -3.42 -50.47
CA ARG A 19 -2.49 -2.64 -50.80
C ARG A 19 -1.70 -2.40 -49.53
N LEU A 20 -0.45 -2.83 -49.54
CA LEU A 20 0.38 -2.75 -48.34
C LEU A 20 1.55 -1.83 -48.57
N SER A 21 1.83 -0.99 -47.58
CA SER A 21 2.90 -0.02 -47.69
C SER A 21 4.04 -0.34 -46.75
N CYS A 22 5.23 0.16 -47.09
CA CYS A 22 6.39 -0.05 -46.27
C CYS A 22 7.19 1.24 -46.21
N GLU A 23 7.23 1.84 -45.03
CA GLU A 23 7.95 3.09 -44.85
C GLU A 23 9.37 2.80 -44.39
N ALA A 24 10.33 3.29 -45.17
CA ALA A 24 11.73 3.06 -44.88
C ALA A 24 12.35 4.28 -44.24
N SER A 25 13.21 4.04 -43.26
CA SER A 25 13.98 5.11 -42.64
C SER A 25 15.31 4.57 -42.14
N GLY A 26 16.29 5.44 -41.97
CA GLY A 26 17.57 5.03 -41.44
C GLY A 26 18.61 4.63 -42.48
N TYR A 27 18.24 4.67 -43.76
CA TYR A 27 19.19 4.35 -44.83
C TYR A 27 18.79 4.98 -46.16
N THR A 28 19.69 4.89 -47.14
CA THR A 28 19.42 5.38 -48.49
C THR A 28 18.47 4.41 -49.19
N PHE A 29 17.23 4.84 -49.38
CA PHE A 29 16.16 4.01 -49.91
C PHE A 29 16.49 3.35 -51.26
N ILE A 30 17.12 4.12 -52.14
CA ILE A 30 17.51 3.65 -53.46
C ILE A 30 18.59 2.56 -53.45
N SER A 31 19.41 2.55 -52.41
CA SER A 31 20.57 1.64 -52.36
C SER A 31 20.28 0.14 -52.40
N SER A 32 19.23 -0.34 -51.75
CA SER A 32 18.98 -1.78 -51.74
C SER A 32 17.56 -2.18 -52.07
N PHE A 33 17.43 -3.40 -52.57
CA PHE A 33 16.15 -3.97 -52.99
C PHE A 33 15.14 -4.12 -51.86
N ILE A 34 13.87 -4.03 -52.22
CA ILE A 34 12.80 -4.27 -51.26
C ILE A 34 12.10 -5.56 -51.62
N HIS A 35 12.04 -6.47 -50.65
CA HIS A 35 11.43 -7.77 -50.85
C HIS A 35 10.13 -7.81 -50.05
N TRP A 36 9.26 -8.74 -50.40
CA TRP A 36 8.07 -8.99 -49.60
C TRP A 36 7.99 -10.46 -49.26
N ILE A 37 7.67 -10.77 -48.01
CA ILE A 37 7.63 -12.15 -47.55
C ILE A 37 6.34 -12.43 -46.78
N ARG A 38 5.76 -13.61 -46.96
CA ARG A 38 4.53 -13.90 -46.23
C ARG A 38 4.64 -15.16 -45.39
N GLN A 39 3.96 -15.14 -44.25
CA GLN A 39 3.93 -16.29 -43.35
C GLN A 39 2.50 -16.76 -43.10
N GLY A 40 2.23 -18.01 -43.49
CA GLY A 40 0.93 -18.61 -43.28
C GLY A 40 0.79 -18.88 -41.80
N PRO A 41 -0.45 -18.96 -41.29
CA PRO A 41 -0.58 -19.19 -39.85
C PRO A 41 0.03 -20.53 -39.45
N GLY A 42 0.85 -20.54 -38.41
CA GLY A 42 1.54 -21.74 -37.99
C GLY A 42 2.33 -22.34 -39.14
N GLN A 43 3.04 -21.50 -39.89
CA GLN A 43 3.80 -21.95 -41.07
C GLN A 43 5.10 -21.17 -41.32
N GLY A 44 5.85 -21.67 -42.29
CA GLY A 44 7.13 -21.11 -42.71
C GLY A 44 7.08 -19.84 -43.54
N LEU A 45 8.26 -19.31 -43.85
CA LEU A 45 8.41 -18.07 -44.62
C LEU A 45 8.41 -18.34 -46.13
N GLU A 46 7.74 -17.47 -46.88
CA GLU A 46 7.64 -17.61 -48.33
C GLU A 46 7.97 -16.29 -49.04
N TRP A 47 8.98 -16.31 -49.91
CA TRP A 47 9.39 -15.11 -50.63
C TRP A 47 8.39 -14.77 -51.72
N MET A 48 8.04 -13.49 -51.83
CA MET A 48 7.03 -13.04 -52.81
C MET A 48 7.61 -12.28 -53.99
N GLY A 49 8.78 -11.68 -53.82
CA GLY A 49 9.41 -10.95 -54.91
C GLY A 49 10.35 -9.88 -54.40
N TRP A 50 11.09 -9.25 -55.32
CA TRP A 50 11.90 -8.10 -54.92
C TRP A 50 11.66 -6.97 -55.91
N MET A 51 11.91 -5.76 -55.44
CA MET A 51 11.74 -4.58 -56.24
C MET A 51 12.95 -3.65 -56.13
N ASN A 52 13.33 -3.05 -57.24
CA ASN A 52 14.42 -2.08 -57.24
C ASN A 52 13.84 -0.69 -57.06
N PRO A 53 14.17 -0.04 -55.94
CA PRO A 53 13.64 1.29 -55.65
C PRO A 53 14.06 2.32 -56.68
N ARG A 54 15.26 2.16 -57.26
CA ARG A 54 15.78 3.15 -58.19
C ARG A 54 14.92 3.35 -59.44
N HIS A 55 14.53 2.27 -60.09
CA HIS A 55 13.70 2.38 -61.31
C HIS A 55 12.41 1.56 -61.31
N GLY A 56 12.14 0.83 -60.23
CA GLY A 56 10.93 0.03 -60.18
C GLY A 56 11.06 -1.34 -60.82
N ALA A 57 12.30 -1.74 -61.09
CA ALA A 57 12.56 -3.04 -61.69
C ALA A 57 12.01 -4.12 -60.77
N VAL A 58 11.46 -5.17 -61.35
CA VAL A 58 10.79 -6.18 -60.55
C VAL A 58 11.11 -7.65 -60.89
N ASN A 59 11.18 -8.48 -59.86
CA ASN A 59 11.34 -9.92 -60.02
C ASN A 59 10.31 -10.63 -59.15
N TYR A 60 9.55 -11.54 -59.73
CA TYR A 60 8.57 -12.31 -58.97
C TYR A 60 8.78 -13.80 -59.17
N PRO A 61 8.47 -14.58 -58.13
CA PRO A 61 8.52 -16.03 -58.26
C PRO A 61 7.36 -16.44 -59.13
N ARG A 62 7.46 -17.64 -59.69
CA ARG A 62 6.49 -18.19 -60.61
C ARG A 62 5.05 -18.22 -60.08
N ARG A 63 4.92 -18.54 -58.81
CA ARG A 63 3.62 -18.66 -58.14
C ARG A 63 2.82 -17.36 -58.02
N PHE A 64 3.48 -16.25 -57.72
CA PHE A 64 2.79 -14.98 -57.51
C PHE A 64 2.64 -14.05 -58.71
N GLN A 65 3.23 -14.40 -59.85
CA GLN A 65 3.12 -13.52 -61.01
C GLN A 65 1.66 -13.36 -61.45
N GLY A 66 1.26 -12.12 -61.69
CA GLY A 66 -0.11 -11.83 -62.09
C GLY A 66 -1.09 -11.71 -60.94
N LYS A 67 -0.59 -11.85 -59.72
CA LYS A 67 -1.43 -11.71 -58.54
C LYS A 67 -0.82 -10.67 -57.60
N VAL A 68 0.44 -10.34 -57.85
CA VAL A 68 1.17 -9.37 -57.02
C VAL A 68 1.70 -8.21 -57.88
N THR A 69 1.75 -7.02 -57.28
CA THR A 69 2.33 -5.86 -57.95
C THR A 69 3.15 -5.01 -56.98
N MET A 70 4.43 -4.78 -57.30
CA MET A 70 5.26 -3.95 -56.43
C MET A 70 5.63 -2.60 -57.06
N THR A 71 5.36 -1.54 -56.30
CA THR A 71 5.60 -0.15 -56.68
C THR A 71 6.17 0.59 -55.49
N ARG A 72 6.25 1.91 -55.54
CA ARG A 72 7.31 2.64 -54.87
C ARG A 72 7.08 4.13 -55.06
N ASP A 73 7.26 4.87 -53.97
CA ASP A 73 7.27 6.31 -54.02
C ASP A 73 8.62 6.79 -53.50
N THR A 74 9.48 7.18 -54.42
CA THR A 74 10.84 7.62 -54.11
C THR A 74 10.86 8.90 -53.28
N SER A 75 9.89 9.77 -53.52
CA SER A 75 9.90 11.08 -52.86
C SER A 75 9.59 10.98 -51.37
N ILE A 76 8.92 9.91 -50.96
CA ILE A 76 8.58 9.73 -49.55
C ILE A 76 9.24 8.48 -48.97
N ASP A 77 10.06 7.81 -49.79
CA ASP A 77 10.79 6.60 -49.38
C ASP A 77 9.84 5.50 -48.89
N THR A 78 8.71 5.34 -49.56
CA THR A 78 7.73 4.34 -49.19
C THR A 78 7.49 3.31 -50.30
N ALA A 79 7.50 2.03 -49.94
CA ALA A 79 7.29 0.93 -50.88
C ALA A 79 5.86 0.38 -50.83
N TYR A 80 5.37 -0.11 -51.96
CA TYR A 80 4.06 -0.75 -51.99
C TYR A 80 4.08 -2.16 -52.58
N MET A 81 3.22 -3.01 -52.04
CA MET A 81 2.96 -4.31 -52.63
C MET A 81 1.46 -4.50 -52.62
N GLU A 82 0.87 -4.68 -53.79
CA GLU A 82 -0.58 -4.88 -53.86
C GLU A 82 -0.91 -6.30 -54.30
N LEU A 83 -1.84 -6.90 -53.56
CA LEU A 83 -2.23 -8.28 -53.80
C LEU A 83 -3.68 -8.30 -54.26
N ARG A 84 -3.98 -9.05 -55.32
CA ARG A 84 -5.34 -9.06 -55.86
C ARG A 84 -5.94 -10.45 -55.95
N ASP A 85 -7.26 -10.49 -56.11
CA ASP A 85 -8.03 -11.73 -56.18
C ASP A 85 -7.71 -12.55 -54.94
N LEU A 86 -7.88 -11.92 -53.79
CA LEU A 86 -7.58 -12.56 -52.51
C LEU A 86 -8.42 -13.80 -52.24
N ARG A 87 -7.76 -14.83 -51.72
CA ARG A 87 -8.40 -16.09 -51.34
C ARG A 87 -8.20 -16.30 -49.85
N SER A 88 -8.97 -17.22 -49.27
CA SER A 88 -8.89 -17.51 -47.85
C SER A 88 -7.47 -17.88 -47.42
N ASP A 89 -6.73 -18.53 -48.32
CA ASP A 89 -5.35 -18.89 -48.04
C ASP A 89 -4.37 -17.74 -48.22
N ASP A 90 -4.88 -16.56 -48.55
CA ASP A 90 -4.01 -15.39 -48.57
C ASP A 90 -3.92 -14.77 -47.20
N THR A 91 -4.70 -15.31 -46.27
CA THR A 91 -4.64 -14.87 -44.89
C THR A 91 -3.26 -15.26 -44.37
N ALA A 92 -2.47 -14.26 -44.01
CA ALA A 92 -1.08 -14.48 -43.59
C ALA A 92 -0.48 -13.19 -43.06
N MET A 93 0.76 -13.29 -42.58
CA MET A 93 1.51 -12.12 -42.17
C MET A 93 2.46 -11.72 -43.28
N TYR A 94 2.34 -10.49 -43.77
CA TYR A 94 3.19 -10.03 -44.86
C TYR A 94 4.29 -9.08 -44.36
N PHE A 95 5.53 -9.31 -44.80
CA PHE A 95 6.66 -8.50 -44.35
C PHE A 95 7.35 -7.79 -45.52
N CYS A 96 7.57 -6.48 -45.42
CA CYS A 96 8.41 -5.83 -46.42
C CYS A 96 9.81 -5.95 -45.86
N VAL A 97 10.75 -6.17 -46.75
CA VAL A 97 12.11 -6.43 -46.35
C VAL A 97 13.16 -5.74 -47.23
N THR A 98 14.32 -5.46 -46.64
CA THR A 98 15.46 -4.86 -47.34
C THR A 98 16.75 -5.49 -46.82
N SER A 99 17.83 -5.41 -47.60
CA SER A 99 19.08 -6.00 -47.18
C SER A 99 20.12 -4.99 -46.73
N ARG A 100 20.55 -5.13 -45.48
CA ARG A 100 21.56 -4.26 -44.89
C ARG A 100 22.94 -4.40 -45.54
N THR A 101 23.32 -5.64 -45.85
CA THR A 101 24.64 -5.90 -46.44
C THR A 101 24.82 -5.28 -47.83
N LYS A 102 26.01 -4.73 -48.04
CA LYS A 102 26.36 -4.09 -49.30
C LYS A 102 26.85 -5.15 -50.27
N ASP A 103 26.31 -5.09 -51.50
CA ASP A 103 26.63 -5.99 -52.62
C ASP A 103 25.83 -7.29 -52.53
N TYR A 104 24.95 -7.39 -51.54
CA TYR A 104 24.11 -8.58 -51.37
C TYR A 104 22.69 -8.20 -50.97
N ASP A 105 21.71 -8.76 -51.67
CA ASP A 105 20.32 -8.44 -51.40
C ASP A 105 19.52 -9.44 -50.55
N TRP A 106 20.19 -10.45 -49.98
CA TRP A 106 19.47 -11.45 -49.19
C TRP A 106 19.57 -11.50 -47.66
N ASP A 107 20.24 -10.54 -47.01
CA ASP A 107 20.29 -10.56 -45.54
C ASP A 107 19.27 -9.53 -45.11
N PHE A 108 18.20 -10.01 -44.48
CA PHE A 108 17.09 -9.13 -44.16
C PHE A 108 16.88 -8.48 -42.81
N VAL A 109 16.37 -7.26 -42.89
CA VAL A 109 15.96 -6.45 -41.75
C VAL A 109 14.46 -6.50 -41.99
N TRP A 110 13.69 -6.88 -40.98
CA TRP A 110 12.25 -7.06 -41.14
C TRP A 110 11.32 -6.00 -40.56
N GLY A 111 10.24 -5.73 -41.29
CA GLY A 111 9.18 -4.82 -40.86
C GLY A 111 8.39 -5.55 -39.79
N GLN A 112 7.60 -4.83 -39.01
CA GLN A 112 6.83 -5.47 -37.95
C GLN A 112 5.84 -6.52 -38.45
N GLY A 113 5.60 -6.58 -39.75
CA GLY A 113 4.65 -7.53 -40.30
C GLY A 113 3.27 -6.92 -40.44
N THR A 114 2.55 -7.34 -41.47
CA THR A 114 1.18 -6.91 -41.69
C THR A 114 0.28 -8.12 -41.87
N LEU A 115 -0.58 -8.36 -40.88
CA LEU A 115 -1.56 -9.42 -41.01
C LEU A 115 -2.67 -9.01 -41.95
N VAL A 116 -2.92 -9.85 -42.94
CA VAL A 116 -4.01 -9.61 -43.87
C VAL A 116 -4.99 -10.74 -43.68
N VAL A 117 -6.21 -10.42 -43.30
CA VAL A 117 -7.21 -11.45 -43.08
C VAL A 117 -8.26 -11.40 -44.17
N VAL A 118 -8.36 -12.49 -44.91
CA VAL A 118 -9.34 -12.57 -45.98
C VAL A 118 -10.53 -13.36 -45.50
N SER A 119 -11.62 -12.64 -45.25
CA SER A 119 -12.85 -13.24 -44.76
C SER A 119 -14.05 -12.47 -45.27
N SER A 120 -15.17 -13.17 -45.44
CA SER A 120 -16.37 -12.52 -45.94
C SER A 120 -17.18 -12.06 -44.75
N ALA A 121 -16.67 -12.34 -43.56
CA ALA A 121 -17.36 -12.01 -42.33
C ALA A 121 -17.35 -10.52 -42.01
N SER A 122 -18.33 -10.12 -41.20
CA SER A 122 -18.46 -8.77 -40.71
C SER A 122 -18.42 -8.93 -39.20
N THR A 123 -18.13 -7.86 -38.46
CA THR A 123 -17.94 -8.01 -37.03
C THR A 123 -19.17 -8.66 -36.40
N LYS A 124 -18.93 -9.65 -35.53
CA LYS A 124 -20.00 -10.45 -34.95
C LYS A 124 -19.60 -11.00 -33.57
N GLY A 125 -20.50 -10.85 -32.61
CA GLY A 125 -20.26 -11.35 -31.27
C GLY A 125 -20.25 -12.86 -31.25
N PRO A 126 -19.55 -13.44 -30.28
CA PRO A 126 -19.43 -14.89 -30.15
C PRO A 126 -20.66 -15.55 -29.52
N SER A 127 -20.90 -16.81 -29.86
CA SER A 127 -21.78 -17.65 -29.08
C SER A 127 -20.93 -18.35 -28.04
N VAL A 128 -21.44 -18.43 -26.80
CA VAL A 128 -20.69 -19.08 -25.74
C VAL A 128 -21.42 -20.32 -25.22
N PHE A 129 -20.77 -21.46 -25.36
CA PHE A 129 -21.33 -22.75 -24.96
C PHE A 129 -20.51 -23.39 -23.86
N PRO A 130 -21.18 -23.97 -22.85
CA PRO A 130 -20.49 -24.64 -21.75
C PRO A 130 -19.87 -25.98 -22.20
N LEU A 131 -18.68 -26.29 -21.68
CA LEU A 131 -18.12 -27.64 -21.81
C LEU A 131 -18.27 -28.27 -20.46
N ALA A 132 -19.39 -28.95 -20.26
CA ALA A 132 -19.78 -29.45 -18.95
C ALA A 132 -18.83 -30.51 -18.40
N PRO A 133 -18.56 -30.45 -17.09
CA PRO A 133 -17.81 -31.54 -16.47
C PRO A 133 -18.72 -32.76 -16.35
N SER A 134 -18.18 -33.95 -16.56
CA SER A 134 -18.95 -35.17 -16.39
C SER A 134 -18.07 -36.35 -16.01
N SER A 135 -18.64 -37.54 -16.01
CA SER A 135 -17.87 -38.76 -15.76
C SER A 135 -16.78 -38.90 -16.81
N LYS A 136 -17.08 -38.46 -18.03
CA LYS A 136 -16.13 -38.49 -19.14
C LYS A 136 -14.95 -37.55 -18.94
N SER A 137 -15.18 -36.42 -18.27
CA SER A 137 -14.12 -35.45 -18.06
C SER A 137 -13.60 -35.46 -16.62
N THR A 138 -13.37 -36.64 -16.07
CA THR A 138 -12.83 -36.74 -14.71
C THR A 138 -11.78 -37.84 -14.63
N SER A 139 -10.57 -37.47 -14.22
CA SER A 139 -9.48 -38.41 -14.00
C SER A 139 -8.83 -38.17 -12.65
N GLY A 140 -8.53 -39.26 -11.94
CA GLY A 140 -8.14 -39.16 -10.54
C GLY A 140 -9.25 -38.42 -9.85
N GLY A 141 -8.90 -37.44 -9.02
CA GLY A 141 -9.93 -36.60 -8.44
C GLY A 141 -9.96 -35.27 -9.15
N THR A 142 -9.60 -35.27 -10.42
CA THR A 142 -9.53 -34.04 -11.19
C THR A 142 -10.57 -34.02 -12.32
N ALA A 143 -11.30 -32.92 -12.43
CA ALA A 143 -12.26 -32.78 -13.50
C ALA A 143 -11.84 -31.62 -14.40
N ALA A 144 -12.32 -31.65 -15.63
CA ALA A 144 -12.04 -30.58 -16.58
C ALA A 144 -13.35 -29.97 -17.04
N LEU A 145 -13.38 -28.64 -17.13
CA LEU A 145 -14.54 -27.95 -17.63
C LEU A 145 -14.09 -26.75 -18.43
N GLY A 146 -14.99 -26.16 -19.20
CA GLY A 146 -14.59 -25.03 -20.02
C GLY A 146 -15.67 -24.37 -20.85
N CYS A 147 -15.23 -23.52 -21.77
CA CYS A 147 -16.14 -22.76 -22.60
C CYS A 147 -15.77 -22.87 -24.06
N LEU A 148 -16.79 -22.90 -24.91
CA LEU A 148 -16.59 -22.88 -26.34
C LEU A 148 -17.03 -21.52 -26.84
N VAL A 149 -16.07 -20.75 -27.34
CA VAL A 149 -16.35 -19.41 -27.83
C VAL A 149 -16.34 -19.48 -29.35
N LYS A 150 -17.51 -19.61 -29.95
CA LYS A 150 -17.63 -20.03 -31.34
C LYS A 150 -18.25 -18.95 -32.23
N ASP A 151 -17.70 -18.80 -33.44
CA ASP A 151 -18.27 -17.95 -34.49
C ASP A 151 -18.29 -16.46 -34.13
N TYR A 152 -17.10 -15.90 -33.89
CA TYR A 152 -16.96 -14.46 -33.66
C TYR A 152 -15.99 -13.90 -34.69
N PHE A 153 -16.07 -12.58 -34.92
CA PHE A 153 -15.14 -11.94 -35.84
C PHE A 153 -15.11 -10.44 -35.57
N PRO A 154 -13.91 -9.82 -35.57
CA PRO A 154 -12.58 -10.42 -35.71
C PRO A 154 -11.98 -10.72 -34.34
N GLU A 155 -10.70 -11.09 -34.33
CA GLU A 155 -9.95 -11.22 -33.09
C GLU A 155 -9.84 -9.86 -32.40
N PRO A 156 -9.65 -9.84 -31.07
CA PRO A 156 -9.56 -10.97 -30.15
C PRO A 156 -10.77 -11.09 -29.23
N VAL A 157 -10.80 -12.17 -28.44
CA VAL A 157 -11.70 -12.26 -27.29
C VAL A 157 -10.84 -12.45 -26.06
N THR A 158 -11.32 -12.01 -24.90
CA THR A 158 -10.64 -12.31 -23.65
C THR A 158 -11.49 -13.26 -22.82
N VAL A 159 -10.84 -14.23 -22.20
CA VAL A 159 -11.57 -15.16 -21.34
C VAL A 159 -10.94 -15.22 -19.96
N SER A 160 -11.77 -15.05 -18.94
CA SER A 160 -11.36 -15.22 -17.55
C SER A 160 -12.32 -16.17 -16.86
N TRP A 161 -11.96 -16.61 -15.66
CA TRP A 161 -12.80 -17.54 -14.94
C TRP A 161 -13.12 -17.02 -13.53
N ASN A 162 -14.41 -16.99 -13.21
CA ASN A 162 -14.92 -16.39 -11.97
C ASN A 162 -14.37 -14.99 -11.70
N SER A 163 -14.34 -14.17 -12.75
CA SER A 163 -13.91 -12.77 -12.66
C SER A 163 -12.42 -12.63 -12.31
N GLY A 164 -11.66 -13.68 -12.55
CA GLY A 164 -10.23 -13.66 -12.27
C GLY A 164 -9.81 -14.35 -10.98
N ALA A 165 -10.75 -14.91 -10.25
CA ALA A 165 -10.41 -15.66 -9.04
C ALA A 165 -9.74 -16.99 -9.35
N LEU A 166 -10.06 -17.57 -10.49
CA LEU A 166 -9.51 -18.87 -10.88
C LEU A 166 -8.54 -18.75 -12.06
N THR A 167 -7.25 -18.93 -11.78
CA THR A 167 -6.25 -18.85 -12.84
C THR A 167 -5.44 -20.14 -13.01
N SER A 168 -5.22 -20.88 -11.92
CA SER A 168 -4.38 -22.08 -12.00
C SER A 168 -5.14 -23.21 -12.68
N GLY A 169 -4.50 -23.78 -13.71
CA GLY A 169 -5.07 -24.91 -14.43
C GLY A 169 -5.92 -24.45 -15.59
N VAL A 170 -5.96 -23.14 -15.81
CA VAL A 170 -6.70 -22.55 -16.90
C VAL A 170 -5.89 -22.58 -18.20
N HIS A 171 -6.52 -23.02 -19.28
CA HIS A 171 -5.90 -22.95 -20.61
C HIS A 171 -6.83 -22.29 -21.61
N THR A 172 -6.40 -21.15 -22.14
CA THR A 172 -7.10 -20.50 -23.24
C THR A 172 -6.31 -20.73 -24.53
N PHE A 173 -6.93 -21.45 -25.46
CA PHE A 173 -6.28 -21.86 -26.68
C PHE A 173 -6.32 -20.78 -27.75
N PRO A 174 -5.30 -20.75 -28.62
CA PRO A 174 -5.29 -19.84 -29.78
C PRO A 174 -6.55 -20.02 -30.62
N ALA A 175 -7.10 -18.91 -31.10
CA ALA A 175 -8.26 -18.97 -31.97
C ALA A 175 -7.94 -19.71 -33.25
N VAL A 176 -8.93 -20.43 -33.76
CA VAL A 176 -8.83 -21.02 -35.08
C VAL A 176 -9.79 -20.28 -36.01
N LEU A 177 -9.32 -19.97 -37.21
CA LEU A 177 -10.18 -19.35 -38.22
C LEU A 177 -10.86 -20.44 -39.05
N GLN A 178 -12.19 -20.49 -38.97
CA GLN A 178 -12.96 -21.53 -39.64
C GLN A 178 -13.23 -21.15 -41.10
N SER A 179 -13.79 -22.09 -41.87
CA SER A 179 -14.08 -21.84 -43.28
C SER A 179 -15.22 -20.85 -43.47
N SER A 180 -15.99 -20.63 -42.41
CA SER A 180 -17.08 -19.66 -42.45
C SER A 180 -16.58 -18.21 -42.43
N GLY A 181 -15.31 -18.03 -42.10
CA GLY A 181 -14.75 -16.70 -41.96
C GLY A 181 -14.86 -16.16 -40.56
N LEU A 182 -15.38 -17.00 -39.66
CA LEU A 182 -15.50 -16.64 -38.25
C LEU A 182 -14.44 -17.40 -37.45
N TYR A 183 -14.03 -16.82 -36.32
CA TYR A 183 -13.08 -17.49 -35.44
C TYR A 183 -13.80 -18.33 -34.39
N SER A 184 -13.08 -19.30 -33.84
CA SER A 184 -13.58 -20.12 -32.75
C SER A 184 -12.45 -20.53 -31.83
N LEU A 185 -12.71 -20.55 -30.53
CA LEU A 185 -11.71 -21.01 -29.57
C LEU A 185 -12.40 -21.61 -28.36
N SER A 186 -11.61 -22.32 -27.57
CA SER A 186 -12.10 -22.86 -26.32
C SER A 186 -11.16 -22.46 -25.20
N SER A 187 -11.71 -22.38 -24.00
CA SER A 187 -10.91 -22.13 -22.81
C SER A 187 -11.30 -23.17 -21.77
N VAL A 188 -10.30 -23.85 -21.21
CA VAL A 188 -10.57 -24.89 -20.23
C VAL A 188 -9.87 -24.63 -18.91
N VAL A 189 -10.31 -25.36 -17.89
CA VAL A 189 -9.69 -25.34 -16.58
C VAL A 189 -9.88 -26.70 -15.93
N THR A 190 -8.86 -27.15 -15.21
CA THR A 190 -8.95 -28.40 -14.46
C THR A 190 -9.12 -28.10 -12.98
N VAL A 191 -10.03 -28.82 -12.34
CA VAL A 191 -10.36 -28.57 -10.95
C VAL A 191 -10.49 -29.87 -10.18
N PRO A 192 -10.39 -29.81 -8.84
CA PRO A 192 -10.67 -31.03 -8.08
C PRO A 192 -12.12 -31.44 -8.27
N SER A 193 -12.35 -32.72 -8.56
CA SER A 193 -13.71 -33.19 -8.81
C SER A 193 -14.55 -33.01 -7.54
N SER A 194 -13.90 -33.05 -6.39
CA SER A 194 -14.55 -32.85 -5.09
C SER A 194 -15.23 -31.49 -4.98
N SER A 195 -14.76 -30.52 -5.75
CA SER A 195 -15.28 -29.15 -5.68
C SER A 195 -16.49 -28.93 -6.60
N LEU A 196 -16.78 -29.91 -7.45
CA LEU A 196 -17.89 -29.78 -8.40
C LEU A 196 -19.22 -29.55 -7.69
N GLY A 197 -19.35 -30.13 -6.50
CA GLY A 197 -20.56 -29.99 -5.71
C GLY A 197 -20.80 -28.60 -5.15
N THR A 198 -19.75 -27.97 -4.65
CA THR A 198 -19.89 -26.68 -3.97
C THR A 198 -19.46 -25.44 -4.76
N GLN A 199 -18.27 -25.46 -5.34
CA GLN A 199 -17.77 -24.28 -6.05
C GLN A 199 -18.45 -24.07 -7.40
N THR A 200 -18.87 -22.83 -7.66
CA THR A 200 -19.51 -22.51 -8.93
C THR A 200 -18.47 -21.97 -9.89
N TYR A 201 -18.52 -22.43 -11.14
CA TYR A 201 -17.58 -21.97 -12.15
C TYR A 201 -18.27 -21.14 -13.22
N ILE A 202 -17.81 -19.91 -13.37
CA ILE A 202 -18.33 -19.00 -14.36
C ILE A 202 -17.22 -18.55 -15.31
N CYS A 203 -17.48 -18.61 -16.61
CA CYS A 203 -16.52 -18.12 -17.59
C CYS A 203 -16.97 -16.76 -18.10
N ASN A 204 -16.03 -15.84 -18.16
CA ASN A 204 -16.34 -14.49 -18.58
C ASN A 204 -15.71 -14.23 -19.94
N VAL A 205 -16.55 -14.07 -20.95
CA VAL A 205 -16.07 -13.88 -22.31
C VAL A 205 -16.39 -12.46 -22.75
N ASN A 206 -15.34 -11.72 -23.08
CA ASN A 206 -15.47 -10.35 -23.55
C ASN A 206 -14.97 -10.23 -24.99
N HIS A 207 -15.82 -9.74 -25.87
CA HIS A 207 -15.43 -9.47 -27.25
C HIS A 207 -15.65 -8.01 -27.61
N LYS A 208 -14.65 -7.18 -27.31
CA LYS A 208 -14.76 -5.72 -27.50
C LYS A 208 -15.19 -5.26 -28.90
N PRO A 209 -14.72 -5.92 -29.98
CA PRO A 209 -15.11 -5.41 -31.29
C PRO A 209 -16.62 -5.32 -31.53
N SER A 210 -17.41 -6.14 -30.84
CA SER A 210 -18.87 -6.05 -30.93
C SER A 210 -19.50 -5.71 -29.59
N ASN A 211 -18.68 -5.23 -28.67
CA ASN A 211 -19.10 -4.91 -27.31
C ASN A 211 -19.90 -6.04 -26.64
N THR A 212 -19.53 -7.27 -26.96
CA THR A 212 -20.26 -8.43 -26.47
C THR A 212 -19.61 -9.02 -25.22
N LYS A 213 -20.38 -9.14 -24.14
CA LYS A 213 -19.90 -9.76 -22.92
C LYS A 213 -20.87 -10.85 -22.52
N VAL A 214 -20.34 -11.98 -22.07
CA VAL A 214 -21.19 -13.11 -21.73
C VAL A 214 -20.60 -13.85 -20.53
N ASP A 215 -21.41 -14.01 -19.48
CA ASP A 215 -21.02 -14.84 -18.36
C ASP A 215 -21.78 -16.15 -18.48
N LYS A 216 -21.06 -17.26 -18.54
CA LYS A 216 -21.72 -18.55 -18.70
C LYS A 216 -21.34 -19.48 -17.56
N LYS A 217 -22.35 -19.92 -16.83
CA LYS A 217 -22.15 -20.85 -15.73
C LYS A 217 -22.03 -22.27 -16.28
N VAL A 218 -20.94 -22.94 -15.92
CA VAL A 218 -20.71 -24.31 -16.38
C VAL A 218 -21.06 -25.27 -15.26
N GLU A 219 -22.14 -26.02 -15.45
CA GLU A 219 -22.61 -26.96 -14.43
C GLU A 219 -22.42 -28.38 -14.95
N PRO A 220 -22.25 -29.35 -14.04
CA PRO A 220 -22.07 -30.76 -14.40
C PRO A 220 -23.18 -31.29 -15.29
N ILE B 2 17.15 -23.77 -55.73
CA ILE B 2 17.76 -24.52 -54.63
C ILE B 2 16.74 -24.74 -53.51
N GLN B 3 16.94 -25.79 -52.72
CA GLN B 3 16.04 -26.07 -51.60
C GLN B 3 16.79 -26.21 -50.29
N MET B 4 16.25 -25.64 -49.22
CA MET B 4 16.85 -25.77 -47.91
C MET B 4 15.99 -26.63 -47.00
N THR B 5 16.62 -27.64 -46.41
CA THR B 5 15.94 -28.55 -45.49
C THR B 5 16.57 -28.40 -44.11
N GLN B 6 15.74 -28.17 -43.10
CA GLN B 6 16.24 -27.98 -41.74
C GLN B 6 15.97 -29.15 -40.82
N SER B 7 16.88 -29.29 -39.87
CA SER B 7 16.77 -30.31 -38.83
C SER B 7 17.31 -29.72 -37.53
N PRO B 8 16.69 -30.09 -36.40
CA PRO B 8 15.51 -30.94 -36.34
C PRO B 8 14.26 -30.08 -36.54
N VAL B 9 13.11 -30.69 -36.82
CA VAL B 9 11.88 -29.91 -36.94
C VAL B 9 11.57 -29.25 -35.59
N THR B 10 11.82 -29.99 -34.52
CA THR B 10 11.65 -29.51 -33.15
C THR B 10 12.90 -29.87 -32.38
N LEU B 11 13.31 -28.99 -31.48
CA LEU B 11 14.52 -29.20 -30.71
C LEU B 11 14.27 -28.98 -29.24
N SER B 12 14.51 -30.03 -28.46
CA SER B 12 14.18 -30.05 -27.05
C SER B 12 15.44 -30.12 -26.23
N ALA B 13 15.79 -29.01 -25.59
CA ALA B 13 17.04 -28.92 -24.83
C ALA B 13 16.89 -28.20 -23.48
N SER B 14 17.80 -28.52 -22.55
CA SER B 14 17.85 -27.87 -21.23
C SER B 14 18.65 -26.57 -21.30
N ILE B 15 18.35 -25.64 -20.40
CA ILE B 15 19.07 -24.37 -20.37
C ILE B 15 20.55 -24.61 -20.05
N GLY B 16 21.42 -23.88 -20.73
CA GLY B 16 22.86 -24.01 -20.53
C GLY B 16 23.50 -25.09 -21.39
N ASP B 17 22.70 -25.78 -22.19
CA ASP B 17 23.21 -26.86 -23.03
C ASP B 17 23.67 -26.35 -24.38
N ARG B 18 24.55 -27.09 -25.03
CA ARG B 18 24.94 -26.69 -26.38
C ARG B 18 23.89 -27.21 -27.34
N VAL B 19 23.51 -26.34 -28.27
CA VAL B 19 22.47 -26.64 -29.25
C VAL B 19 22.98 -26.50 -30.69
N THR B 20 22.71 -27.51 -31.53
CA THR B 20 23.11 -27.45 -32.92
C THR B 20 21.95 -27.68 -33.89
N ILE B 21 21.79 -26.76 -34.85
CA ILE B 21 20.72 -26.83 -35.85
C ILE B 21 21.33 -27.04 -37.23
N THR B 22 20.79 -27.99 -37.99
CA THR B 22 21.36 -28.32 -39.30
C THR B 22 20.48 -27.87 -40.48
N CYS B 23 21.12 -27.25 -41.47
CA CYS B 23 20.45 -26.84 -42.70
C CYS B 23 21.24 -27.39 -43.89
N ARG B 24 20.55 -28.11 -44.78
CA ARG B 24 21.19 -28.72 -45.94
C ARG B 24 20.73 -28.15 -47.28
N ALA B 25 21.69 -27.91 -48.17
CA ALA B 25 21.39 -27.35 -49.48
C ALA B 25 21.57 -28.36 -50.61
N SER B 26 20.50 -28.57 -51.38
CA SER B 26 20.49 -29.53 -52.48
C SER B 26 21.41 -29.24 -53.66
N GLN B 27 21.52 -27.97 -54.06
CA GLN B 27 22.32 -27.59 -55.24
C GLN B 27 23.81 -27.91 -55.09
N ARG B 28 24.31 -27.80 -53.85
CA ARG B 28 25.69 -28.16 -53.46
C ARG B 28 26.77 -27.08 -53.63
N ILE B 29 26.40 -25.86 -54.01
CA ILE B 29 27.40 -24.81 -54.18
C ILE B 29 26.97 -23.53 -53.44
N ASP B 30 27.06 -23.56 -52.11
CA ASP B 30 26.65 -22.41 -51.30
C ASP B 30 27.76 -21.87 -50.40
N ASN B 31 28.10 -20.58 -50.55
CA ASN B 31 29.07 -19.96 -49.64
C ASN B 31 28.43 -18.90 -48.74
N TRP B 32 27.17 -18.56 -49.03
CA TRP B 32 26.45 -17.51 -48.32
C TRP B 32 25.20 -18.11 -47.70
N VAL B 33 24.99 -17.90 -46.41
CA VAL B 33 23.84 -18.48 -45.72
C VAL B 33 23.45 -17.58 -44.57
N ALA B 34 22.16 -17.31 -44.44
CA ALA B 34 21.67 -16.52 -43.31
C ALA B 34 20.90 -17.37 -42.32
N TRP B 35 20.96 -16.98 -41.05
CA TRP B 35 20.13 -17.56 -40.01
C TRP B 35 19.26 -16.50 -39.34
N TYR B 36 18.06 -16.89 -38.93
CA TYR B 36 17.13 -15.98 -38.29
C TYR B 36 16.53 -16.56 -37.01
N GLN B 37 16.20 -15.69 -36.06
CA GLN B 37 15.43 -16.09 -34.89
C GLN B 37 14.08 -15.39 -34.96
N GLN B 38 13.01 -16.14 -34.75
CA GLN B 38 11.66 -15.56 -34.65
C GLN B 38 10.95 -16.05 -33.40
N LYS B 39 10.45 -15.10 -32.60
CA LYS B 39 9.67 -15.40 -31.41
C LYS B 39 8.19 -15.22 -31.72
N PRO B 40 7.30 -15.88 -30.96
CA PRO B 40 5.85 -15.78 -31.18
C PRO B 40 5.36 -14.34 -31.24
N GLY B 41 4.67 -13.98 -32.32
CA GLY B 41 4.04 -12.68 -32.43
C GLY B 41 4.93 -11.55 -32.91
N ARG B 42 6.16 -11.86 -33.31
CA ARG B 42 7.09 -10.82 -33.76
C ARG B 42 7.80 -11.15 -35.07
N ALA B 43 8.38 -10.11 -35.68
CA ALA B 43 9.17 -10.24 -36.89
C ALA B 43 10.46 -11.02 -36.67
N PRO B 44 10.97 -11.66 -37.73
CA PRO B 44 12.29 -12.31 -37.66
C PRO B 44 13.44 -11.32 -37.42
N LYS B 45 14.52 -11.84 -36.82
CA LYS B 45 15.69 -11.05 -36.46
C LYS B 45 16.93 -11.74 -37.03
N LEU B 46 17.74 -10.99 -37.79
CA LEU B 46 18.94 -11.57 -38.38
C LEU B 46 19.99 -11.90 -37.32
N LEU B 47 20.44 -13.14 -37.32
CA LEU B 47 21.47 -13.62 -36.39
C LEU B 47 22.81 -13.79 -37.08
N ILE B 48 22.80 -14.54 -38.17
CA ILE B 48 24.03 -14.91 -38.86
C ILE B 48 23.86 -14.69 -40.35
N TYR B 49 24.90 -14.21 -41.01
CA TYR B 49 24.94 -14.15 -42.47
C TYR B 49 26.30 -14.59 -42.94
N LYS B 50 26.38 -15.00 -44.21
CA LYS B 50 27.61 -15.52 -44.80
C LYS B 50 28.06 -16.77 -44.05
N ALA B 51 27.08 -17.50 -43.51
CA ALA B 51 27.29 -18.76 -42.78
C ALA B 51 27.89 -18.57 -41.37
N SER B 52 29.03 -17.90 -41.26
CA SER B 52 29.69 -17.76 -39.96
C SER B 52 29.81 -16.34 -39.36
N ILE B 53 29.06 -15.37 -39.88
CA ILE B 53 29.19 -14.00 -39.36
C ILE B 53 28.01 -13.49 -38.54
N LEU B 54 28.32 -13.05 -37.33
CA LEU B 54 27.35 -12.52 -36.37
C LEU B 54 26.86 -11.10 -36.64
N GLU B 55 25.55 -10.90 -36.57
CA GLU B 55 24.95 -9.57 -36.71
C GLU B 55 25.32 -8.74 -35.48
N THR B 56 25.42 -7.43 -35.66
CA THR B 56 25.80 -6.58 -34.54
C THR B 56 24.75 -6.67 -33.44
N GLY B 57 25.20 -6.69 -32.20
CA GLY B 57 24.30 -6.78 -31.07
C GLY B 57 23.86 -8.20 -30.73
N VAL B 58 24.41 -9.20 -31.42
CA VAL B 58 24.06 -10.58 -31.14
C VAL B 58 25.09 -11.17 -30.18
N PRO B 59 24.62 -11.92 -29.16
CA PRO B 59 25.51 -12.51 -28.15
C PRO B 59 26.52 -13.50 -28.74
N SER B 60 27.69 -13.58 -28.10
CA SER B 60 28.79 -14.43 -28.56
C SER B 60 28.47 -15.92 -28.58
N ARG B 61 27.46 -16.34 -27.82
CA ARG B 61 27.07 -17.75 -27.77
C ARG B 61 26.55 -18.31 -29.11
N PHE B 62 26.17 -17.42 -30.02
CA PHE B 62 25.67 -17.81 -31.33
C PHE B 62 26.80 -17.89 -32.35
N SER B 63 26.94 -19.05 -33.00
CA SER B 63 27.91 -19.21 -34.07
C SER B 63 27.32 -20.03 -35.21
N GLY B 64 27.81 -19.79 -36.42
CA GLY B 64 27.38 -20.57 -37.57
C GLY B 64 28.58 -21.15 -38.29
N SER B 65 28.41 -22.30 -38.93
CA SER B 65 29.50 -22.86 -39.74
C SER B 65 29.02 -23.63 -40.95
N GLY B 66 30.00 -24.17 -41.68
CA GLY B 66 29.74 -25.06 -42.79
C GLY B 66 30.16 -24.55 -44.16
N SER B 67 30.44 -25.50 -45.04
CA SER B 67 30.82 -25.24 -46.43
C SER B 67 30.09 -26.21 -47.35
N GLY B 68 29.87 -25.80 -48.61
CA GLY B 68 29.14 -26.64 -49.55
C GLY B 68 27.69 -26.90 -49.16
N THR B 69 27.31 -28.16 -49.11
CA THR B 69 25.94 -28.58 -48.81
C THR B 69 25.41 -28.34 -47.38
N GLU B 70 26.25 -28.55 -46.37
CA GLU B 70 25.78 -28.51 -44.99
C GLU B 70 26.21 -27.30 -44.16
N PHE B 71 25.24 -26.69 -43.49
CA PHE B 71 25.49 -25.54 -42.61
C PHE B 71 24.82 -25.70 -41.26
N THR B 72 25.42 -25.14 -40.22
CA THR B 72 24.87 -25.30 -38.88
C THR B 72 24.78 -23.99 -38.06
N LEU B 73 23.75 -23.90 -37.23
CA LEU B 73 23.60 -22.78 -36.32
C LEU B 73 23.74 -23.35 -34.91
N SER B 74 24.67 -22.81 -34.13
CA SER B 74 24.92 -23.35 -32.79
C SER B 74 24.86 -22.31 -31.67
N ILE B 75 24.24 -22.71 -30.56
CA ILE B 75 24.19 -21.91 -29.34
C ILE B 75 25.06 -22.60 -28.29
N ASN B 76 26.08 -21.90 -27.79
CA ASN B 76 27.06 -22.50 -26.89
C ASN B 76 26.44 -22.91 -25.54
N SER B 77 25.65 -22.01 -24.97
CA SER B 77 24.98 -22.28 -23.70
C SER B 77 23.63 -21.59 -23.73
N LEU B 78 22.57 -22.40 -23.83
CA LEU B 78 21.23 -21.88 -24.10
C LEU B 78 20.77 -20.92 -23.01
N GLN B 79 20.33 -19.75 -23.42
CA GLN B 79 19.74 -18.78 -22.50
C GLN B 79 18.24 -18.77 -22.69
N PRO B 80 17.48 -18.59 -21.60
CA PRO B 80 16.01 -18.70 -21.71
C PRO B 80 15.41 -17.75 -22.75
N ASP B 81 16.19 -16.73 -23.11
CA ASP B 81 15.78 -15.75 -24.10
C ASP B 81 15.95 -16.31 -25.52
N ASP B 82 16.63 -17.44 -25.64
CA ASP B 82 16.92 -18.03 -26.95
C ASP B 82 15.81 -18.98 -27.42
N VAL B 83 14.80 -19.16 -26.58
CA VAL B 83 13.71 -20.08 -26.90
C VAL B 83 12.78 -19.50 -27.96
N ALA B 84 12.88 -20.03 -29.17
CA ALA B 84 12.16 -19.50 -30.32
C ALA B 84 12.33 -20.36 -31.57
N THR B 85 11.73 -19.91 -32.66
CA THR B 85 11.82 -20.58 -33.95
C THR B 85 12.99 -20.04 -34.79
N TYR B 86 13.81 -20.93 -35.31
CA TYR B 86 14.98 -20.50 -36.09
C TYR B 86 14.90 -20.88 -37.58
N TYR B 87 15.21 -19.92 -38.45
CA TYR B 87 15.17 -20.14 -39.90
C TYR B 87 16.55 -19.93 -40.53
N CYS B 88 16.92 -20.77 -41.49
CA CYS B 88 18.09 -20.52 -42.31
C CYS B 88 17.65 -20.07 -43.70
N GLN B 89 18.58 -19.54 -44.48
CA GLN B 89 18.21 -18.95 -45.77
C GLN B 89 19.30 -18.99 -46.82
N GLN B 90 18.89 -19.28 -48.05
CA GLN B 90 19.75 -19.24 -49.22
C GLN B 90 18.97 -18.54 -50.32
N PHE B 91 19.35 -17.29 -50.63
CA PHE B 91 18.64 -16.52 -51.65
C PHE B 91 17.15 -16.44 -51.30
N GLU B 92 16.27 -16.72 -52.25
CA GLU B 92 14.84 -16.62 -51.98
C GLU B 92 14.27 -17.79 -51.18
N GLU B 93 15.11 -18.75 -50.81
CA GLU B 93 14.63 -19.94 -50.11
C GLU B 93 14.95 -19.99 -48.63
N PHE B 94 13.96 -20.42 -47.84
CA PHE B 94 14.13 -20.61 -46.40
C PHE B 94 13.98 -22.08 -46.02
N GLY B 95 14.62 -22.49 -44.93
CA GLY B 95 14.40 -23.81 -44.38
C GLY B 95 13.04 -23.82 -43.71
N ARG B 96 12.53 -25.00 -43.36
CA ARG B 96 11.21 -25.08 -42.74
C ARG B 96 11.15 -24.42 -41.37
N GLY B 97 12.28 -24.29 -40.69
CA GLY B 97 12.28 -23.73 -39.36
C GLY B 97 12.48 -24.76 -38.26
N THR B 98 13.29 -24.40 -37.26
CA THR B 98 13.50 -25.24 -36.09
C THR B 98 13.01 -24.52 -34.85
N LYS B 99 12.14 -25.18 -34.09
CA LYS B 99 11.59 -24.61 -32.86
C LYS B 99 12.35 -25.15 -31.65
N ILE B 100 13.24 -24.34 -31.09
CA ILE B 100 13.85 -24.65 -29.80
C ILE B 100 12.82 -24.61 -28.69
N ASP B 101 12.70 -25.75 -28.02
CA ASP B 101 11.73 -25.95 -26.96
C ASP B 101 12.46 -26.39 -25.68
N ILE B 102 12.11 -25.82 -24.53
CA ILE B 102 12.75 -26.16 -23.24
C ILE B 102 12.28 -27.52 -22.70
N LYS B 103 13.21 -28.45 -22.56
CA LYS B 103 12.85 -29.82 -22.16
C LYS B 103 12.57 -30.07 -20.68
N ARG B 104 11.55 -30.90 -20.50
CA ARG B 104 11.04 -31.36 -19.22
C ARG B 104 10.92 -32.88 -19.33
N THR B 105 10.94 -33.61 -18.23
CA THR B 105 10.81 -35.06 -18.31
C THR B 105 9.45 -35.38 -18.96
N VAL B 106 9.40 -36.44 -19.75
CA VAL B 106 8.19 -36.82 -20.47
C VAL B 106 6.96 -36.98 -19.56
N ALA B 107 5.86 -36.35 -19.97
CA ALA B 107 4.60 -36.44 -19.24
C ALA B 107 3.45 -36.78 -20.19
N ALA B 108 2.68 -37.81 -19.83
CA ALA B 108 1.54 -38.25 -20.63
C ALA B 108 0.35 -37.31 -20.48
N PRO B 109 -0.40 -37.10 -21.57
CA PRO B 109 -1.59 -36.23 -21.50
C PRO B 109 -2.70 -36.80 -20.63
N SER B 110 -3.34 -35.92 -19.87
CA SER B 110 -4.63 -36.24 -19.28
C SER B 110 -5.66 -35.97 -20.37
N VAL B 111 -6.47 -36.97 -20.70
CA VAL B 111 -7.39 -36.81 -21.83
C VAL B 111 -8.83 -36.65 -21.33
N PHE B 112 -9.49 -35.61 -21.81
CA PHE B 112 -10.87 -35.32 -21.45
C PHE B 112 -11.69 -35.13 -22.70
N ILE B 113 -12.97 -35.48 -22.64
CA ILE B 113 -13.85 -35.31 -23.79
C ILE B 113 -15.16 -34.62 -23.38
N PHE B 114 -15.64 -33.73 -24.24
CA PHE B 114 -16.85 -32.94 -23.98
C PHE B 114 -17.89 -33.13 -25.08
N PRO B 115 -19.09 -33.61 -24.70
CA PRO B 115 -20.23 -33.67 -25.62
C PRO B 115 -20.72 -32.28 -26.03
N PRO B 116 -21.49 -32.19 -27.12
CA PRO B 116 -22.05 -30.88 -27.47
C PRO B 116 -23.08 -30.44 -26.45
N SER B 117 -23.13 -29.15 -26.17
CA SER B 117 -24.08 -28.60 -25.21
C SER B 117 -25.46 -28.68 -25.81
N ASP B 118 -26.48 -28.76 -24.96
CA ASP B 118 -27.86 -28.80 -25.43
C ASP B 118 -28.13 -27.50 -26.17
N GLU B 119 -27.54 -26.42 -25.66
CA GLU B 119 -27.70 -25.09 -26.23
C GLU B 119 -27.14 -24.98 -27.65
N GLN B 120 -26.01 -25.61 -27.91
CA GLN B 120 -25.43 -25.57 -29.25
C GLN B 120 -26.31 -26.31 -30.26
N LEU B 121 -26.91 -27.42 -29.83
CA LEU B 121 -27.75 -28.23 -30.70
C LEU B 121 -28.87 -27.37 -31.26
N LYS B 122 -29.33 -26.42 -30.46
CA LYS B 122 -30.37 -25.48 -30.86
C LYS B 122 -29.95 -24.71 -32.12
N SER B 123 -28.66 -24.37 -32.20
CA SER B 123 -28.10 -23.66 -33.34
C SER B 123 -28.21 -24.45 -34.64
N GLY B 124 -28.11 -25.77 -34.54
CA GLY B 124 -28.15 -26.63 -35.71
C GLY B 124 -26.82 -27.29 -36.02
N THR B 125 -25.82 -27.00 -35.20
CA THR B 125 -24.49 -27.59 -35.34
C THR B 125 -24.04 -28.16 -34.00
N ALA B 126 -23.36 -29.30 -34.03
CA ALA B 126 -22.89 -29.97 -32.82
C ALA B 126 -21.37 -30.05 -32.79
N SER B 127 -20.78 -29.59 -31.70
CA SER B 127 -19.33 -29.62 -31.55
C SER B 127 -18.91 -30.61 -30.47
N VAL B 128 -17.99 -31.49 -30.83
CA VAL B 128 -17.40 -32.40 -29.86
C VAL B 128 -15.97 -31.94 -29.58
N VAL B 129 -15.61 -31.89 -28.29
CA VAL B 129 -14.32 -31.34 -27.91
C VAL B 129 -13.51 -32.35 -27.12
N CYS B 130 -12.24 -32.48 -27.49
CA CYS B 130 -11.31 -33.35 -26.80
C CYS B 130 -10.21 -32.48 -26.23
N LEU B 131 -9.90 -32.66 -24.94
CA LEU B 131 -8.82 -31.92 -24.32
C LEU B 131 -7.63 -32.82 -24.00
N LEU B 132 -6.44 -32.39 -24.42
CA LEU B 132 -5.19 -33.07 -24.10
C LEU B 132 -4.43 -32.19 -23.11
N ASN B 133 -4.39 -32.60 -21.85
CA ASN B 133 -3.93 -31.70 -20.81
C ASN B 133 -2.54 -31.94 -20.24
N ASN B 134 -1.73 -30.88 -20.25
CA ASN B 134 -0.44 -30.86 -19.58
C ASN B 134 0.44 -32.03 -19.98
N PHE B 135 0.99 -31.96 -21.18
CA PHE B 135 1.80 -33.05 -21.70
C PHE B 135 3.11 -32.54 -22.27
N TYR B 136 4.09 -33.44 -22.40
CA TYR B 136 5.35 -33.13 -23.02
C TYR B 136 5.97 -34.44 -23.51
N PRO B 137 6.55 -34.45 -24.72
CA PRO B 137 6.80 -33.32 -25.64
C PRO B 137 5.55 -32.86 -26.41
N ARG B 138 5.71 -31.84 -27.24
CA ARG B 138 4.60 -31.24 -27.98
C ARG B 138 3.91 -32.18 -28.97
N GLU B 139 4.69 -33.05 -29.62
CA GLU B 139 4.18 -33.97 -30.63
C GLU B 139 3.06 -34.85 -30.07
N ALA B 140 1.87 -34.71 -30.65
CA ALA B 140 0.72 -35.50 -30.21
C ALA B 140 -0.22 -35.75 -31.38
N LYS B 141 -0.77 -36.96 -31.45
CA LYS B 141 -1.69 -37.31 -32.54
C LYS B 141 -3.11 -37.56 -32.00
N VAL B 142 -4.06 -36.81 -32.54
CA VAL B 142 -5.47 -36.97 -32.18
C VAL B 142 -6.29 -37.51 -33.36
N GLN B 143 -6.99 -38.62 -33.15
CA GLN B 143 -7.88 -39.16 -34.17
C GLN B 143 -9.32 -39.24 -33.67
N TRP B 144 -10.26 -38.79 -34.48
CA TRP B 144 -11.68 -38.80 -34.10
C TRP B 144 -12.42 -39.99 -34.69
N LYS B 145 -13.15 -40.71 -33.86
CA LYS B 145 -13.91 -41.86 -34.33
C LYS B 145 -15.38 -41.75 -33.94
N VAL B 146 -16.27 -41.93 -34.91
CA VAL B 146 -17.70 -41.88 -34.68
C VAL B 146 -18.32 -43.20 -35.09
N ASP B 147 -18.84 -43.94 -34.12
CA ASP B 147 -19.25 -45.34 -34.32
C ASP B 147 -18.09 -46.14 -34.94
N ASN B 148 -16.89 -45.86 -34.44
CA ASN B 148 -15.65 -46.52 -34.85
C ASN B 148 -15.24 -46.15 -36.26
N ALA B 149 -15.92 -45.18 -36.87
CA ALA B 149 -15.57 -44.74 -38.22
C ALA B 149 -14.59 -43.58 -38.12
N LEU B 150 -13.50 -43.66 -38.87
CA LEU B 150 -12.46 -42.64 -38.83
C LEU B 150 -12.94 -41.33 -39.44
N GLN B 151 -12.72 -40.24 -38.72
CA GLN B 151 -13.08 -38.90 -39.20
C GLN B 151 -11.86 -38.21 -39.77
N SER B 152 -12.04 -37.45 -40.84
CA SER B 152 -10.95 -36.61 -41.33
C SER B 152 -11.48 -35.32 -41.94
N GLY B 153 -10.77 -34.21 -41.68
CA GLY B 153 -11.06 -32.93 -42.27
C GLY B 153 -12.23 -32.19 -41.66
N ASN B 154 -12.83 -32.78 -40.63
CA ASN B 154 -13.93 -32.14 -39.93
C ASN B 154 -13.53 -31.91 -38.49
N SER B 155 -12.23 -31.81 -38.27
CA SER B 155 -11.71 -31.49 -36.96
C SER B 155 -10.65 -30.41 -37.11
N GLN B 156 -10.54 -29.57 -36.10
CA GLN B 156 -9.52 -28.56 -36.06
C GLN B 156 -8.92 -28.61 -34.67
N GLU B 157 -7.63 -28.33 -34.57
CA GLU B 157 -7.00 -28.35 -33.26
C GLU B 157 -6.13 -27.12 -33.04
N SER B 158 -5.83 -26.86 -31.77
CA SER B 158 -5.07 -25.68 -31.39
C SER B 158 -4.19 -26.03 -30.19
N VAL B 159 -3.01 -25.44 -30.12
CA VAL B 159 -2.08 -25.79 -29.06
C VAL B 159 -1.54 -24.56 -28.36
N THR B 160 -1.46 -24.65 -27.03
CA THR B 160 -0.94 -23.55 -26.23
C THR B 160 0.57 -23.43 -26.38
N GLU B 161 1.11 -22.28 -26.02
CA GLU B 161 2.56 -22.13 -25.91
C GLU B 161 3.07 -22.97 -24.74
N GLN B 162 4.36 -23.23 -24.70
CA GLN B 162 4.92 -24.01 -23.59
C GLN B 162 4.71 -23.25 -22.30
N ASP B 163 4.15 -23.93 -21.30
CA ASP B 163 3.82 -23.29 -20.03
C ASP B 163 5.10 -22.85 -19.33
N SER B 164 5.13 -21.60 -18.88
CA SER B 164 6.34 -21.05 -18.30
C SER B 164 6.69 -21.65 -16.94
N LYS B 165 5.71 -22.22 -16.25
CA LYS B 165 5.96 -22.85 -14.96
C LYS B 165 6.46 -24.28 -15.07
N ASP B 166 5.66 -25.15 -15.69
CA ASP B 166 5.97 -26.57 -15.70
C ASP B 166 6.32 -27.12 -17.08
N SER B 167 6.44 -26.22 -18.07
CA SER B 167 6.89 -26.55 -19.42
C SER B 167 6.10 -27.65 -20.14
N THR B 168 4.83 -27.81 -19.82
CA THR B 168 4.00 -28.75 -20.57
C THR B 168 3.19 -28.00 -21.62
N TYR B 169 2.55 -28.76 -22.50
CA TYR B 169 1.67 -28.21 -23.52
C TYR B 169 0.26 -28.72 -23.25
N SER B 170 -0.72 -28.04 -23.82
CA SER B 170 -2.09 -28.57 -23.82
C SER B 170 -2.67 -28.42 -25.21
N LEU B 171 -3.58 -29.32 -25.57
CA LEU B 171 -4.12 -29.33 -26.92
C LEU B 171 -5.63 -29.45 -26.86
N SER B 172 -6.30 -28.71 -27.73
CA SER B 172 -7.74 -28.78 -27.87
C SER B 172 -8.05 -29.20 -29.28
N SER B 173 -8.88 -30.24 -29.41
CA SER B 173 -9.31 -30.71 -30.71
C SER B 173 -10.82 -30.56 -30.75
N THR B 174 -11.32 -30.00 -31.83
CA THR B 174 -12.75 -29.79 -31.95
C THR B 174 -13.26 -30.56 -33.15
N LEU B 175 -14.19 -31.46 -32.89
CA LEU B 175 -14.82 -32.22 -33.96
C LEU B 175 -16.14 -31.56 -34.23
N THR B 176 -16.38 -31.22 -35.49
CA THR B 176 -17.57 -30.44 -35.81
C THR B 176 -18.48 -31.27 -36.68
N LEU B 177 -19.71 -31.43 -36.20
CA LEU B 177 -20.73 -32.15 -36.92
C LEU B 177 -22.01 -31.33 -36.97
N SER B 178 -22.92 -31.73 -37.84
CA SER B 178 -24.26 -31.20 -37.83
C SER B 178 -25.10 -31.84 -36.74
N LYS B 179 -26.18 -31.16 -36.35
CA LYS B 179 -27.12 -31.74 -35.40
C LYS B 179 -27.67 -33.08 -35.87
N ALA B 180 -28.09 -33.11 -37.13
CA ALA B 180 -28.66 -34.32 -37.71
C ALA B 180 -27.66 -35.46 -37.78
N ASP B 181 -26.46 -35.15 -38.25
CA ASP B 181 -25.39 -36.14 -38.35
C ASP B 181 -25.03 -36.57 -36.93
N TYR B 182 -24.98 -35.60 -36.00
CA TYR B 182 -24.66 -35.91 -34.61
C TYR B 182 -25.66 -36.91 -34.02
N GLU B 183 -26.93 -36.78 -34.39
CA GLU B 183 -27.97 -37.64 -33.84
C GLU B 183 -28.14 -38.97 -34.58
N LYS B 184 -27.49 -39.10 -35.75
CA LYS B 184 -27.56 -40.36 -36.50
C LYS B 184 -26.59 -41.39 -35.98
N HIS B 185 -25.74 -40.98 -35.03
CA HIS B 185 -24.74 -41.89 -34.48
C HIS B 185 -24.74 -41.89 -32.94
N LYS B 186 -24.06 -42.88 -32.37
CA LYS B 186 -24.15 -43.14 -30.94
C LYS B 186 -22.86 -42.89 -30.17
N VAL B 187 -21.77 -43.51 -30.61
CA VAL B 187 -20.53 -43.49 -29.84
C VAL B 187 -19.50 -42.49 -30.39
N TYR B 188 -19.06 -41.59 -29.54
CA TYR B 188 -18.10 -40.57 -29.93
C TYR B 188 -16.77 -40.75 -29.19
N ALA B 189 -15.66 -40.80 -29.91
CA ALA B 189 -14.37 -41.09 -29.30
C ALA B 189 -13.21 -40.37 -29.98
N CYS B 190 -12.30 -39.81 -29.19
CA CYS B 190 -11.04 -39.32 -29.70
C CYS B 190 -9.92 -40.21 -29.18
N GLU B 191 -8.99 -40.53 -30.08
CA GLU B 191 -7.91 -41.43 -29.74
C GLU B 191 -6.60 -40.64 -29.70
N VAL B 192 -5.91 -40.72 -28.56
CA VAL B 192 -4.72 -39.90 -28.36
C VAL B 192 -3.46 -40.76 -28.39
N THR B 193 -2.52 -40.38 -29.25
CA THR B 193 -1.21 -41.02 -29.31
C THR B 193 -0.15 -39.99 -28.94
N HIS B 194 0.69 -40.35 -27.97
CA HIS B 194 1.77 -39.49 -27.50
C HIS B 194 2.82 -40.44 -26.95
N GLN B 195 4.10 -40.09 -27.09
CA GLN B 195 5.14 -41.05 -26.71
C GLN B 195 5.15 -41.33 -25.21
N GLY B 196 4.49 -40.47 -24.43
CA GLY B 196 4.42 -40.66 -23.00
C GLY B 196 3.40 -41.72 -22.62
N LEU B 197 2.57 -42.10 -23.60
CA LEU B 197 1.57 -43.15 -23.44
C LEU B 197 2.04 -44.43 -24.12
N SER B 198 2.05 -45.53 -23.39
CA SER B 198 2.51 -46.81 -23.93
C SER B 198 1.67 -47.30 -25.12
N SER B 199 0.35 -47.15 -25.04
CA SER B 199 -0.52 -47.39 -26.19
C SER B 199 -1.53 -46.24 -26.24
N PRO B 200 -2.17 -46.03 -27.40
CA PRO B 200 -3.17 -44.97 -27.52
C PRO B 200 -4.31 -45.02 -26.50
N VAL B 201 -4.61 -43.87 -25.89
CA VAL B 201 -5.71 -43.75 -24.93
C VAL B 201 -6.96 -43.25 -25.65
N THR B 202 -8.10 -43.91 -25.43
CA THR B 202 -9.35 -43.50 -26.05
C THR B 202 -10.36 -43.04 -25.00
N LYS B 203 -10.78 -41.79 -25.14
CA LYS B 203 -11.89 -41.24 -24.35
C LYS B 203 -13.14 -41.14 -25.18
N SER B 204 -14.25 -41.61 -24.63
CA SER B 204 -15.48 -41.70 -25.40
C SER B 204 -16.71 -41.47 -24.54
N PHE B 205 -17.84 -41.27 -25.20
CA PHE B 205 -19.13 -41.16 -24.51
C PHE B 205 -20.26 -41.65 -25.40
N ASN B 206 -21.33 -42.13 -24.77
CA ASN B 206 -22.51 -42.57 -25.49
C ASN B 206 -23.59 -41.49 -25.48
N ARG B 207 -23.96 -41.02 -26.67
CA ARG B 207 -25.04 -40.04 -26.80
C ARG B 207 -26.36 -40.54 -26.24
N GLN C 1 23.99 11.59 9.86
CA GLN C 1 23.45 10.27 10.17
C GLN C 1 22.32 9.94 9.19
N VAL C 2 22.38 8.76 8.57
CA VAL C 2 21.31 8.29 7.68
C VAL C 2 20.08 7.84 8.48
N GLN C 3 18.92 8.37 8.13
CA GLN C 3 17.66 7.94 8.76
C GLN C 3 16.49 7.77 7.82
N LEU C 4 15.77 6.67 8.00
CA LEU C 4 14.49 6.47 7.37
C LEU C 4 13.36 6.37 8.41
N VAL C 5 12.39 7.28 8.31
CA VAL C 5 11.27 7.31 9.25
C VAL C 5 9.99 7.01 8.49
N GLU C 6 9.40 5.85 8.78
CA GLU C 6 8.18 5.44 8.11
C GLU C 6 6.92 5.78 8.86
N SER C 7 5.80 5.69 8.16
CA SER C 7 4.51 5.98 8.74
C SER C 7 4.11 5.01 9.85
N GLY C 8 3.07 5.39 10.57
CA GLY C 8 2.55 4.64 11.68
C GLY C 8 1.82 3.38 11.24
N THR C 9 1.47 2.53 12.20
CA THR C 9 0.82 1.27 11.89
C THR C 9 -0.49 1.56 11.17
N GLN C 10 -0.86 0.72 10.21
CA GLN C 10 -2.08 0.92 9.45
C GLN C 10 -3.03 -0.23 9.67
N PHE C 11 -4.33 0.05 9.63
CA PHE C 11 -5.33 -1.00 9.74
C PHE C 11 -6.25 -0.96 8.52
N ARG C 12 -6.35 -2.09 7.85
CA ARG C 12 -7.15 -2.21 6.63
C ARG C 12 -8.03 -3.45 6.57
N ARG C 13 -9.07 -3.37 5.75
CA ARG C 13 -10.00 -4.48 5.49
C ARG C 13 -9.64 -5.06 4.14
N PRO C 14 -9.60 -6.40 4.03
CA PRO C 14 -9.21 -7.10 2.80
C PRO C 14 -9.77 -6.46 1.53
N GLY C 15 -8.95 -6.36 0.49
CA GLY C 15 -9.38 -5.74 -0.76
C GLY C 15 -9.01 -4.27 -0.86
N ALA C 16 -8.78 -3.63 0.27
CA ALA C 16 -8.35 -2.23 0.28
C ALA C 16 -6.88 -2.10 -0.08
N SER C 17 -6.41 -0.86 -0.14
CA SER C 17 -5.00 -0.60 -0.38
C SER C 17 -4.42 0.30 0.69
N VAL C 18 -3.11 0.23 0.84
CA VAL C 18 -2.39 1.02 1.83
C VAL C 18 -1.20 1.68 1.17
N ARG C 19 -0.89 2.90 1.61
CA ARG C 19 0.25 3.60 1.08
C ARG C 19 1.16 3.96 2.24
N LEU C 20 2.42 3.57 2.12
CA LEU C 20 3.38 3.73 3.20
C LEU C 20 4.42 4.74 2.78
N SER C 21 4.79 5.60 3.73
CA SER C 21 5.75 6.64 3.44
C SER C 21 7.07 6.36 4.12
N CYS C 22 8.14 6.91 3.56
CA CYS C 22 9.47 6.76 4.09
C CYS C 22 10.17 8.10 4.00
N GLU C 23 10.42 8.73 5.13
CA GLU C 23 11.08 10.02 5.11
C GLU C 23 12.57 9.87 5.31
N ALA C 24 13.35 10.34 4.35
CA ALA C 24 14.80 10.19 4.40
C ALA C 24 15.46 11.50 4.87
N SER C 25 16.47 11.35 5.70
CA SER C 25 17.24 12.48 6.18
C SER C 25 18.68 12.09 6.48
N GLY C 26 19.57 13.07 6.46
CA GLY C 26 20.95 12.81 6.80
C GLY C 26 21.85 12.45 5.64
N TYR C 27 21.27 12.38 4.45
CA TYR C 27 22.03 12.07 3.23
C TYR C 27 21.31 12.60 2.00
N THR C 28 21.97 12.52 0.85
CA THR C 28 21.36 12.93 -0.41
C THR C 28 20.34 11.90 -0.88
N PHE C 29 19.06 12.27 -0.82
CA PHE C 29 17.96 11.35 -1.13
C PHE C 29 18.09 10.66 -2.49
N ILE C 30 18.52 11.45 -3.47
CA ILE C 30 18.77 10.99 -4.84
C ILE C 30 19.95 10.02 -5.05
N SER C 31 20.94 10.06 -4.17
CA SER C 31 22.17 9.26 -4.33
C SER C 31 21.99 7.75 -4.36
N SER C 32 21.06 7.23 -3.56
CA SER C 32 20.93 5.78 -3.48
C SER C 32 19.50 5.27 -3.64
N PHE C 33 19.41 4.02 -4.08
CA PHE C 33 18.15 3.35 -4.32
C PHE C 33 17.34 3.20 -3.04
N ILE C 34 16.02 3.19 -3.18
CA ILE C 34 15.18 2.91 -2.02
C ILE C 34 14.51 1.55 -2.22
N HIS C 35 14.68 0.69 -1.22
CA HIS C 35 14.15 -0.66 -1.28
C HIS C 35 13.02 -0.79 -0.28
N TRP C 36 12.18 -1.80 -0.47
CA TRP C 36 11.17 -2.14 0.53
C TRP C 36 11.28 -3.62 0.86
N ILE C 37 11.22 -3.93 2.15
CA ILE C 37 11.37 -5.29 2.62
C ILE C 37 10.25 -5.59 3.62
N ARG C 38 9.68 -6.78 3.56
CA ARG C 38 8.62 -7.13 4.50
C ARG C 38 8.94 -8.38 5.32
N GLN C 39 8.48 -8.37 6.57
CA GLN C 39 8.70 -9.49 7.47
C GLN C 39 7.38 -10.03 7.97
N GLY C 40 7.11 -11.30 7.68
CA GLY C 40 5.92 -11.96 8.13
C GLY C 40 6.06 -12.18 9.62
N PRO C 41 4.95 -12.31 10.35
CA PRO C 41 5.10 -12.52 11.80
C PRO C 41 5.86 -13.80 12.07
N GLY C 42 6.85 -13.75 12.95
CA GLY C 42 7.69 -14.89 13.25
C GLY C 42 8.31 -15.50 12.00
N GLN C 43 8.82 -14.66 11.10
CA GLN C 43 9.37 -15.11 9.83
C GLN C 43 10.54 -14.26 9.31
N GLY C 44 11.16 -14.73 8.23
CA GLY C 44 12.29 -14.07 7.60
C GLY C 44 12.00 -12.82 6.78
N LEU C 45 13.06 -12.19 6.30
CA LEU C 45 12.98 -10.96 5.52
C LEU C 45 12.71 -11.25 4.04
N GLU C 46 11.89 -10.42 3.41
CA GLU C 46 11.56 -10.61 2.00
C GLU C 46 11.70 -9.31 1.21
N TRP C 47 12.56 -9.33 0.19
CA TRP C 47 12.77 -8.14 -0.63
C TRP C 47 11.58 -7.95 -1.55
N MET C 48 11.09 -6.72 -1.66
CA MET C 48 9.91 -6.39 -2.46
C MET C 48 10.22 -5.58 -3.73
N GLY C 49 11.34 -4.89 -3.75
CA GLY C 49 11.71 -4.11 -4.92
C GLY C 49 12.66 -2.96 -4.59
N TRP C 50 13.18 -2.30 -5.61
CA TRP C 50 14.00 -1.12 -5.37
C TRP C 50 13.48 0.01 -6.24
N MET C 51 13.76 1.24 -5.83
CA MET C 51 13.34 2.41 -6.59
C MET C 51 14.47 3.40 -6.70
N ASN C 52 14.59 4.02 -7.87
CA ASN C 52 15.58 5.05 -8.09
C ASN C 52 14.95 6.41 -7.82
N PRO C 53 15.45 7.11 -6.80
CA PRO C 53 14.89 8.41 -6.43
C PRO C 53 15.05 9.49 -7.50
N ARG C 54 16.14 9.43 -8.26
CA ARG C 54 16.41 10.51 -9.20
C ARG C 54 15.33 10.62 -10.29
N HIS C 55 14.95 9.51 -10.92
CA HIS C 55 13.89 9.56 -11.94
C HIS C 55 12.72 8.59 -11.78
N GLY C 56 12.73 7.79 -10.72
CA GLY C 56 11.67 6.85 -10.48
C GLY C 56 11.74 5.49 -11.13
N ALA C 57 12.90 5.13 -11.69
CA ALA C 57 13.04 3.81 -12.31
C ALA C 57 12.77 2.73 -11.27
N VAL C 58 12.11 1.66 -11.67
CA VAL C 58 11.70 0.64 -10.71
C VAL C 58 11.97 -0.82 -11.13
N ASN C 59 12.29 -1.65 -10.13
CA ASN C 59 12.48 -3.09 -10.28
C ASN C 59 11.69 -3.87 -9.23
N TYR C 60 10.90 -4.84 -9.68
CA TYR C 60 10.14 -5.68 -8.75
C TYR C 60 10.43 -7.15 -9.02
N PRO C 61 10.41 -7.96 -7.96
CA PRO C 61 10.55 -9.40 -8.14
C PRO C 61 9.27 -9.92 -8.77
N ARG C 62 9.35 -11.09 -9.38
CA ARG C 62 8.24 -11.68 -10.13
C ARG C 62 6.95 -11.81 -9.32
N ARG C 63 7.08 -12.17 -8.05
CA ARG C 63 5.93 -12.37 -7.18
C ARG C 63 5.08 -11.12 -6.92
N PHE C 64 5.73 -9.98 -6.72
CA PHE C 64 4.99 -8.75 -6.36
C PHE C 64 4.55 -7.83 -7.49
N GLN C 65 4.92 -8.14 -8.74
CA GLN C 65 4.51 -7.27 -9.84
C GLN C 65 2.98 -7.24 -9.93
N GLY C 66 2.41 -6.06 -10.11
CA GLY C 66 0.96 -5.91 -10.15
C GLY C 66 0.32 -5.72 -8.79
N LYS C 67 1.09 -5.88 -7.72
CA LYS C 67 0.54 -5.76 -6.38
C LYS C 67 1.24 -4.65 -5.59
N VAL C 68 2.39 -4.22 -6.10
CA VAL C 68 3.17 -3.17 -5.45
C VAL C 68 3.44 -2.00 -6.41
N THR C 69 3.49 -0.79 -5.86
CA THR C 69 3.85 0.41 -6.62
C THR C 69 4.74 1.31 -5.78
N MET C 70 5.94 1.65 -6.28
CA MET C 70 6.85 2.49 -5.52
C MET C 70 6.99 3.84 -6.20
N THR C 71 6.61 4.87 -5.45
CA THR C 71 6.53 6.24 -5.94
C THR C 71 7.36 7.15 -5.07
N ARG C 72 7.54 8.38 -5.55
CA ARG C 72 8.46 9.31 -4.92
C ARG C 72 8.22 10.80 -5.02
N ASP C 73 8.48 11.51 -3.92
CA ASP C 73 8.39 12.96 -3.95
C ASP C 73 9.82 13.43 -3.69
N THR C 74 10.50 13.90 -4.73
CA THR C 74 11.89 14.35 -4.63
C THR C 74 12.09 15.60 -3.79
N SER C 75 11.10 16.49 -3.86
CA SER C 75 11.19 17.79 -3.22
C SER C 75 11.10 17.74 -1.70
N ILE C 76 10.55 16.67 -1.16
CA ILE C 76 10.43 16.56 0.30
C ILE C 76 11.26 15.39 0.80
N ASP C 77 12.01 14.76 -0.11
CA ASP C 77 12.86 13.61 0.23
C ASP C 77 12.08 12.44 0.82
N THR C 78 10.87 12.21 0.33
CA THR C 78 10.05 11.11 0.83
C THR C 78 9.67 10.08 -0.25
N ALA C 79 9.88 8.80 0.06
CA ALA C 79 9.52 7.73 -0.85
C ALA C 79 8.21 7.09 -0.41
N TYR C 80 7.43 6.59 -1.36
CA TYR C 80 6.19 5.90 -1.05
C TYR C 80 6.16 4.52 -1.67
N MET C 81 5.49 3.59 -0.99
CA MET C 81 5.25 2.27 -1.55
C MET C 81 3.78 1.95 -1.37
N GLU C 82 3.09 1.67 -2.47
CA GLU C 82 1.68 1.35 -2.41
C GLU C 82 1.43 -0.12 -2.63
N LEU C 83 0.62 -0.67 -1.73
CA LEU C 83 0.26 -2.07 -1.73
C LEU C 83 -1.24 -2.17 -1.97
N ARG C 84 -1.66 -3.01 -2.91
CA ARG C 84 -3.08 -3.09 -3.22
C ARG C 84 -3.63 -4.51 -3.14
N ASP C 85 -4.96 -4.61 -3.06
CA ASP C 85 -5.66 -5.88 -2.93
C ASP C 85 -5.10 -6.63 -1.73
N LEU C 86 -5.13 -5.98 -0.58
CA LEU C 86 -4.60 -6.60 0.64
C LEU C 86 -5.32 -7.88 1.01
N ARG C 87 -4.53 -8.88 1.37
CA ARG C 87 -5.05 -10.15 1.83
C ARG C 87 -4.57 -10.32 3.26
N SER C 88 -5.18 -11.25 3.98
CA SER C 88 -4.78 -11.49 5.36
C SER C 88 -3.29 -11.80 5.49
N ASP C 89 -2.71 -12.48 4.49
CA ASP C 89 -1.28 -12.80 4.52
C ASP C 89 -0.39 -11.61 4.14
N ASP C 90 -1.00 -10.46 3.90
CA ASP C 90 -0.23 -9.22 3.71
C ASP C 90 0.06 -8.54 5.05
N THR C 91 -0.49 -9.10 6.13
CA THR C 91 -0.20 -8.61 7.47
C THR C 91 1.27 -8.85 7.78
N ALA C 92 2.01 -7.77 7.97
CA ALA C 92 3.46 -7.86 8.16
C ALA C 92 4.07 -6.53 8.57
N MET C 93 5.37 -6.54 8.83
CA MET C 93 6.11 -5.30 9.07
C MET C 93 6.83 -4.91 7.80
N TYR C 94 6.56 -3.70 7.31
CA TYR C 94 7.20 -3.27 6.07
C TYR C 94 8.33 -2.25 6.34
N PHE C 95 9.48 -2.46 5.70
CA PHE C 95 10.65 -1.60 5.89
C PHE C 95 11.09 -0.93 4.60
N CYS C 96 11.27 0.39 4.61
CA CYS C 96 11.86 1.04 3.45
C CYS C 96 13.36 1.00 3.73
N VAL C 97 14.17 0.91 2.68
CA VAL C 97 15.60 0.80 2.89
C VAL C 97 16.42 1.58 1.86
N THR C 98 17.66 1.91 2.23
CA THR C 98 18.63 2.58 1.35
C THR C 98 20.00 2.04 1.73
N SER C 99 20.96 2.17 0.83
CA SER C 99 22.29 1.67 1.10
C SER C 99 23.27 2.75 1.53
N ARG C 100 23.85 2.57 2.71
CA ARG C 100 24.99 3.38 3.12
C ARG C 100 26.10 3.46 2.05
N THR C 101 26.68 2.32 1.68
CA THR C 101 27.87 2.32 0.84
C THR C 101 27.66 3.00 -0.50
N LYS C 102 28.76 3.45 -1.10
CA LYS C 102 28.70 4.11 -2.39
C LYS C 102 29.17 3.12 -3.44
N ASP C 103 28.37 2.99 -4.50
CA ASP C 103 28.57 2.08 -5.64
C ASP C 103 27.93 0.70 -5.38
N TYR C 104 27.42 0.51 -4.16
CA TYR C 104 26.77 -0.74 -3.80
C TYR C 104 25.40 -0.48 -3.17
N ASP C 105 24.34 -1.04 -3.79
CA ASP C 105 22.96 -0.82 -3.34
C ASP C 105 22.40 -1.79 -2.31
N TRP C 106 23.18 -2.78 -1.88
CA TRP C 106 22.65 -3.76 -0.95
C TRP C 106 23.08 -3.78 0.52
N ASP C 107 23.79 -2.76 0.98
CA ASP C 107 24.16 -2.76 2.39
C ASP C 107 23.07 -1.90 3.00
N PHE C 108 22.35 -2.42 3.98
CA PHE C 108 21.20 -1.68 4.51
C PHE C 108 21.16 -1.00 5.87
N VAL C 109 20.43 0.11 5.80
CA VAL C 109 20.06 1.02 6.87
C VAL C 109 18.55 0.87 6.79
N TRP C 110 17.91 0.61 7.94
CA TRP C 110 16.48 0.34 7.96
C TRP C 110 15.63 1.32 8.76
N GLY C 111 14.39 1.49 8.28
CA GLY C 111 13.43 2.35 8.96
C GLY C 111 12.88 1.53 10.09
N GLN C 112 12.19 2.18 11.02
CA GLN C 112 11.63 1.49 12.19
C GLN C 112 10.64 0.39 11.85
N GLY C 113 10.20 0.35 10.60
CA GLY C 113 9.21 -0.63 10.21
C GLY C 113 7.81 -0.06 10.35
N THR C 114 6.91 -0.48 9.48
CA THR C 114 5.51 -0.09 9.57
C THR C 114 4.67 -1.34 9.55
N LEU C 115 4.03 -1.64 10.67
CA LEU C 115 3.12 -2.77 10.73
C LEU C 115 1.80 -2.47 10.02
N VAL C 116 1.41 -3.35 9.10
CA VAL C 116 0.14 -3.20 8.42
C VAL C 116 -0.70 -4.41 8.80
N VAL C 117 -1.85 -4.18 9.42
CA VAL C 117 -2.68 -5.28 9.87
C VAL C 117 -3.94 -5.34 9.02
N VAL C 118 -4.12 -6.47 8.34
CA VAL C 118 -5.29 -6.64 7.48
C VAL C 118 -6.33 -7.49 8.16
N SER C 119 -7.43 -6.85 8.54
CA SER C 119 -8.52 -7.52 9.21
C SER C 119 -9.84 -6.86 8.88
N SER C 120 -10.93 -7.62 8.97
CA SER C 120 -12.25 -7.09 8.68
C SER C 120 -12.84 -6.49 9.94
N ALA C 121 -12.07 -6.56 11.02
CA ALA C 121 -12.51 -6.08 12.32
C ALA C 121 -12.56 -4.57 12.42
N SER C 122 -13.37 -4.11 13.38
CA SER C 122 -13.50 -2.71 13.74
C SER C 122 -13.13 -2.77 15.21
N THR C 123 -12.72 -1.67 15.84
CA THR C 123 -12.22 -1.78 17.21
C THR C 123 -13.27 -2.39 18.12
N LYS C 124 -12.85 -3.35 18.94
CA LYS C 124 -13.79 -4.12 19.75
C LYS C 124 -13.13 -4.61 21.03
N GLY C 125 -13.84 -4.45 22.15
CA GLY C 125 -13.36 -4.89 23.45
C GLY C 125 -13.31 -6.40 23.61
N PRO C 126 -12.44 -6.88 24.51
CA PRO C 126 -12.26 -8.31 24.76
C PRO C 126 -13.34 -8.93 25.63
N SER C 127 -13.58 -10.22 25.43
CA SER C 127 -14.27 -11.03 26.41
C SER C 127 -13.21 -11.64 27.31
N VAL C 128 -13.46 -11.66 28.61
CA VAL C 128 -12.48 -12.25 29.53
C VAL C 128 -13.12 -13.46 30.19
N PHE C 129 -12.52 -14.63 29.95
CA PHE C 129 -13.03 -15.90 30.45
C PHE C 129 -12.04 -16.50 31.43
N PRO C 130 -12.54 -17.05 32.55
CA PRO C 130 -11.66 -17.64 33.54
C PRO C 130 -11.06 -18.94 33.05
N LEU C 131 -9.80 -19.18 33.37
CA LEU C 131 -9.23 -20.50 33.18
C LEU C 131 -9.14 -21.10 34.58
N ALA C 132 -10.21 -21.77 34.96
CA ALA C 132 -10.34 -22.25 36.33
C ALA C 132 -9.30 -23.32 36.64
N PRO C 133 -8.68 -23.21 37.82
CA PRO C 133 -7.78 -24.28 38.27
C PRO C 133 -8.58 -25.51 38.67
N SER C 134 -8.06 -26.68 38.37
CA SER C 134 -8.69 -27.92 38.77
C SER C 134 -7.65 -29.02 38.94
N SER C 135 -8.12 -30.26 39.12
CA SER C 135 -7.22 -31.40 39.19
C SER C 135 -6.40 -31.55 37.91
N LYS C 136 -6.98 -31.16 36.78
CA LYS C 136 -6.29 -31.25 35.50
C LYS C 136 -5.10 -30.29 35.45
N SER C 137 -5.25 -29.13 36.09
CA SER C 137 -4.17 -28.14 36.06
C SER C 137 -3.42 -27.98 37.39
N THR C 138 -3.11 -29.11 38.03
CA THR C 138 -2.36 -29.08 39.29
C THR C 138 -1.35 -30.24 39.28
N SER C 139 -0.08 -29.90 39.41
CA SER C 139 0.99 -30.90 39.48
C SER C 139 1.96 -30.63 40.63
N GLY C 140 2.34 -31.68 41.34
CA GLY C 140 3.06 -31.52 42.59
C GLY C 140 2.20 -30.64 43.46
N GLY C 141 2.81 -29.64 44.10
CA GLY C 141 2.03 -28.67 44.84
C GLY C 141 1.88 -27.35 44.11
N THR C 142 1.87 -27.43 42.79
CA THR C 142 1.75 -26.24 41.96
C THR C 142 0.46 -26.31 41.13
N ALA C 143 -0.31 -25.22 41.15
CA ALA C 143 -1.51 -25.17 40.34
C ALA C 143 -1.38 -24.05 39.33
N ALA C 144 -2.14 -24.17 38.24
CA ALA C 144 -2.16 -23.16 37.22
C ALA C 144 -3.56 -22.62 37.01
N LEU C 145 -3.65 -21.31 36.87
CA LEU C 145 -4.91 -20.65 36.55
C LEU C 145 -4.60 -19.49 35.64
N GLY C 146 -5.64 -18.90 35.05
CA GLY C 146 -5.41 -17.81 34.14
C GLY C 146 -6.65 -17.17 33.57
N CYS C 147 -6.44 -16.35 32.55
CA CYS C 147 -7.51 -15.61 31.91
C CYS C 147 -7.41 -15.79 30.41
N LEU C 148 -8.56 -15.89 29.74
CA LEU C 148 -8.55 -15.93 28.28
C LEU C 148 -9.11 -14.62 27.77
N VAL C 149 -8.27 -13.85 27.11
CA VAL C 149 -8.66 -12.55 26.59
C VAL C 149 -8.90 -12.70 25.09
N LYS C 150 -10.16 -12.89 24.75
CA LYS C 150 -10.55 -13.34 23.43
C LYS C 150 -11.36 -12.32 22.65
N ASP C 151 -11.05 -12.21 21.36
CA ASP C 151 -11.82 -11.42 20.41
C ASP C 151 -11.81 -9.92 20.71
N TYR C 152 -10.61 -9.34 20.72
CA TYR C 152 -10.46 -7.90 20.87
C TYR C 152 -9.70 -7.37 19.67
N PHE C 153 -9.83 -6.08 19.39
CA PHE C 153 -9.11 -5.48 18.28
C PHE C 153 -9.08 -3.97 18.52
N PRO C 154 -7.92 -3.32 18.30
CA PRO C 154 -6.61 -3.84 17.93
C PRO C 154 -5.76 -4.14 19.16
N GLU C 155 -4.48 -4.43 18.95
CA GLU C 155 -3.52 -4.52 20.05
C GLU C 155 -3.34 -3.12 20.67
N PRO C 156 -2.93 -3.03 21.95
CA PRO C 156 -2.64 -4.11 22.91
C PRO C 156 -3.68 -4.23 24.02
N VAL C 157 -3.54 -5.28 24.84
CA VAL C 157 -4.20 -5.33 26.14
C VAL C 157 -3.12 -5.49 27.19
N THR C 158 -3.41 -5.03 28.39
CA THR C 158 -2.53 -5.27 29.52
C THR C 158 -3.21 -6.19 30.52
N VAL C 159 -2.46 -7.13 31.08
CA VAL C 159 -3.02 -8.03 32.08
C VAL C 159 -2.16 -7.99 33.34
N SER C 160 -2.82 -7.79 34.48
CA SER C 160 -2.16 -7.87 35.77
C SER C 160 -2.92 -8.80 36.70
N TRP C 161 -2.30 -9.18 37.82
CA TRP C 161 -2.95 -10.10 38.74
C TRP C 161 -3.01 -9.53 40.16
N ASN C 162 -4.20 -9.57 40.75
CA ASN C 162 -4.44 -8.95 42.05
C ASN C 162 -3.89 -7.53 42.09
N SER C 163 -4.15 -6.77 41.04
CA SER C 163 -3.76 -5.36 40.94
C SER C 163 -2.26 -5.14 40.88
N GLY C 164 -1.51 -6.18 40.53
CA GLY C 164 -0.07 -6.04 40.43
C GLY C 164 0.69 -6.54 41.64
N ALA C 165 -0.04 -7.03 42.64
CA ALA C 165 0.58 -7.61 43.82
C ALA C 165 1.22 -8.94 43.47
N LEU C 166 0.68 -9.60 42.46
CA LEU C 166 1.18 -10.90 42.04
C LEU C 166 1.90 -10.79 40.69
N THR C 167 3.22 -10.89 40.72
CA THR C 167 4.01 -10.82 39.50
C THR C 167 4.80 -12.09 39.27
N SER C 168 5.20 -12.75 40.35
CA SER C 168 6.02 -13.96 40.24
C SER C 168 5.17 -15.13 39.77
N GLY C 169 5.63 -15.81 38.72
CA GLY C 169 4.94 -16.99 38.23
C GLY C 169 3.90 -16.66 37.17
N VAL C 170 3.80 -15.38 36.84
CA VAL C 170 2.87 -14.90 35.82
C VAL C 170 3.46 -15.04 34.42
N HIS C 171 2.67 -15.55 33.47
CA HIS C 171 3.06 -15.53 32.05
C HIS C 171 1.96 -14.94 31.17
N THR C 172 2.25 -13.82 30.54
CA THR C 172 1.34 -13.26 29.54
C THR C 172 1.90 -13.55 28.17
N PHE C 173 1.16 -14.33 27.39
CA PHE C 173 1.65 -14.78 26.10
C PHE C 173 1.40 -13.74 25.02
N PRO C 174 2.26 -13.73 23.98
CA PRO C 174 2.00 -12.86 22.84
C PRO C 174 0.61 -13.11 22.26
N ALA C 175 -0.08 -12.04 21.89
CA ALA C 175 -1.39 -12.17 21.27
C ALA C 175 -1.27 -12.91 19.94
N VAL C 176 -2.31 -13.68 19.62
CA VAL C 176 -2.41 -14.30 18.30
C VAL C 176 -3.54 -13.68 17.50
N LEU C 177 -3.29 -13.43 16.21
CA LEU C 177 -4.36 -12.94 15.34
C LEU C 177 -5.10 -14.13 14.73
N GLN C 178 -6.39 -14.19 15.02
CA GLN C 178 -7.22 -15.32 14.58
C GLN C 178 -7.70 -15.13 13.15
N SER C 179 -8.35 -16.16 12.61
CA SER C 179 -8.87 -16.11 11.24
C SER C 179 -10.06 -15.15 11.16
N SER C 180 -10.64 -14.85 12.32
CA SER C 180 -11.74 -13.90 12.43
C SER C 180 -11.26 -12.45 12.30
N GLY C 181 -9.96 -12.25 12.43
CA GLY C 181 -9.41 -10.90 12.41
C GLY C 181 -9.32 -10.21 13.76
N LEU C 182 -9.69 -10.93 14.82
CA LEU C 182 -9.61 -10.42 16.17
C LEU C 182 -8.42 -11.07 16.86
N TYR C 183 -7.84 -10.38 17.84
CA TYR C 183 -6.72 -10.95 18.57
C TYR C 183 -7.21 -11.73 19.75
N SER C 184 -6.37 -12.66 20.21
CA SER C 184 -6.67 -13.40 21.42
C SER C 184 -5.37 -13.78 22.13
N LEU C 185 -5.38 -13.69 23.45
CA LEU C 185 -4.23 -14.09 24.23
C LEU C 185 -4.72 -14.57 25.58
N SER C 186 -3.84 -15.26 26.28
CA SER C 186 -4.15 -15.70 27.61
C SER C 186 -3.05 -15.25 28.55
N SER C 187 -3.40 -15.12 29.82
CA SER C 187 -2.44 -14.82 30.85
C SER C 187 -2.61 -15.88 31.90
N VAL C 188 -1.53 -16.54 32.26
CA VAL C 188 -1.59 -17.61 33.24
C VAL C 188 -0.67 -17.32 34.41
N VAL C 189 -0.87 -18.05 35.50
CA VAL C 189 0.00 -17.90 36.66
C VAL C 189 0.06 -19.23 37.40
N THR C 190 1.23 -19.57 37.92
CA THR C 190 1.37 -20.77 38.72
C THR C 190 1.42 -20.44 40.20
N VAL C 191 0.69 -21.20 41.00
CA VAL C 191 0.58 -20.95 42.43
C VAL C 191 0.60 -22.24 43.25
N PRO C 192 0.92 -22.14 44.55
CA PRO C 192 0.81 -23.32 45.41
C PRO C 192 -0.63 -23.80 45.51
N SER C 193 -0.83 -25.10 45.36
CA SER C 193 -2.18 -25.68 45.39
C SER C 193 -2.85 -25.46 46.73
N SER C 194 -2.06 -25.38 47.81
CA SER C 194 -2.56 -25.08 49.15
C SER C 194 -3.25 -23.72 49.23
N SER C 195 -2.88 -22.82 48.33
CA SER C 195 -3.40 -21.45 48.38
C SER C 195 -4.72 -21.31 47.61
N LEU C 196 -5.12 -22.34 46.88
CA LEU C 196 -6.37 -22.29 46.11
C LEU C 196 -7.58 -22.07 47.02
N GLY C 197 -7.51 -22.61 48.23
CA GLY C 197 -8.57 -22.46 49.21
C GLY C 197 -8.72 -21.07 49.82
N THR C 198 -7.60 -20.44 50.15
CA THR C 198 -7.64 -19.16 50.86
C THR C 198 -7.38 -17.90 50.01
N GLN C 199 -6.31 -17.90 49.22
CA GLN C 199 -5.96 -16.72 48.43
C GLN C 199 -6.90 -16.53 47.24
N THR C 200 -7.36 -15.29 47.04
CA THR C 200 -8.23 -14.96 45.92
C THR C 200 -7.40 -14.45 44.73
N TYR C 201 -7.73 -14.94 43.54
CA TYR C 201 -7.05 -14.51 42.33
C TYR C 201 -7.94 -13.70 41.37
N ILE C 202 -7.51 -12.48 41.10
CA ILE C 202 -8.24 -11.60 40.19
C ILE C 202 -7.34 -11.19 39.03
N CYS C 203 -7.85 -11.30 37.81
CA CYS C 203 -7.08 -10.83 36.64
C CYS C 203 -7.64 -9.50 36.21
N ASN C 204 -6.75 -8.55 35.98
CA ASN C 204 -7.17 -7.21 35.60
C ASN C 204 -6.76 -7.00 34.15
N VAL C 205 -7.75 -6.91 33.27
CA VAL C 205 -7.49 -6.77 31.85
C VAL C 205 -7.93 -5.39 31.38
N ASN C 206 -6.98 -4.65 30.82
CA ASN C 206 -7.26 -3.33 30.28
C ASN C 206 -7.06 -3.27 28.78
N HIS C 207 -8.10 -2.89 28.06
CA HIS C 207 -8.04 -2.72 26.62
C HIS C 207 -8.39 -1.28 26.24
N LYS C 208 -7.39 -0.40 26.32
CA LYS C 208 -7.58 1.04 26.09
C LYS C 208 -8.26 1.45 24.78
N PRO C 209 -7.96 0.79 23.64
CA PRO C 209 -8.58 1.24 22.39
C PRO C 209 -10.11 1.24 22.46
N SER C 210 -10.68 0.41 23.31
CA SER C 210 -12.12 0.39 23.51
C SER C 210 -12.51 0.78 24.94
N ASN C 211 -11.56 1.35 25.67
CA ASN C 211 -11.76 1.73 27.07
C ASN C 211 -12.37 0.61 27.90
N THR C 212 -12.01 -0.63 27.57
CA THR C 212 -12.58 -1.79 28.22
C THR C 212 -11.65 -2.30 29.32
N LYS C 213 -12.19 -2.41 30.53
CA LYS C 213 -11.44 -2.96 31.65
C LYS C 213 -12.27 -4.05 32.24
N VAL C 214 -11.65 -5.15 32.63
CA VAL C 214 -12.43 -6.26 33.13
C VAL C 214 -11.65 -6.91 34.27
N ASP C 215 -12.29 -7.00 35.43
CA ASP C 215 -11.71 -7.74 36.52
C ASP C 215 -12.49 -9.04 36.60
N LYS C 216 -11.77 -10.15 36.48
CA LYS C 216 -12.41 -11.47 36.46
C LYS C 216 -11.85 -12.30 37.60
N LYS C 217 -12.71 -12.74 38.50
CA LYS C 217 -12.29 -13.61 39.60
C LYS C 217 -12.22 -15.05 39.08
N VAL C 218 -11.07 -15.69 39.28
CA VAL C 218 -10.88 -17.07 38.83
C VAL C 218 -10.98 -18.06 39.99
N GLU C 219 -12.04 -18.86 39.96
CA GLU C 219 -12.30 -19.82 41.04
C GLU C 219 -12.15 -21.26 40.53
N PRO C 220 -11.80 -22.20 41.44
CA PRO C 220 -11.67 -23.61 41.10
C PRO C 220 -12.94 -24.19 40.45
N ILE D 2 20.02 -16.41 -6.82
CA ILE D 2 20.86 -17.09 -5.83
C ILE D 2 20.07 -17.37 -4.55
N GLN D 3 20.49 -18.38 -3.79
CA GLN D 3 19.84 -18.71 -2.53
C GLN D 3 20.85 -18.71 -1.39
N MET D 4 20.46 -18.15 -0.24
CA MET D 4 21.35 -18.16 0.92
C MET D 4 20.78 -19.07 2.00
N THR D 5 21.61 -19.98 2.49
CA THR D 5 21.20 -20.92 3.52
C THR D 5 21.99 -20.65 4.79
N GLN D 6 21.30 -20.48 5.89
CA GLN D 6 21.96 -20.21 7.16
C GLN D 6 21.96 -21.40 8.10
N SER D 7 22.98 -21.46 8.93
CA SER D 7 23.08 -22.48 9.96
C SER D 7 23.71 -21.88 11.20
N PRO D 8 23.23 -22.28 12.39
CA PRO D 8 22.07 -23.14 12.61
C PRO D 8 20.77 -22.34 12.58
N VAL D 9 19.63 -23.01 12.48
CA VAL D 9 18.33 -22.33 12.55
C VAL D 9 18.21 -21.70 13.94
N THR D 10 18.68 -22.45 14.94
CA THR D 10 18.72 -21.98 16.32
C THR D 10 20.10 -22.28 16.89
N LEU D 11 20.62 -21.34 17.67
CA LEU D 11 21.95 -21.49 18.26
C LEU D 11 21.83 -21.15 19.72
N SER D 12 22.17 -22.12 20.55
CA SER D 12 21.99 -21.98 21.98
C SER D 12 23.35 -22.02 22.67
N ALA D 13 23.79 -20.86 23.17
CA ALA D 13 25.13 -20.74 23.77
C ALA D 13 25.17 -19.90 25.05
N SER D 14 26.18 -20.16 25.86
CA SER D 14 26.43 -19.42 27.11
C SER D 14 27.21 -18.13 26.86
N ILE D 15 27.02 -17.16 27.75
CA ILE D 15 27.73 -15.89 27.66
C ILE D 15 29.23 -16.10 27.83
N GLY D 16 30.02 -15.37 27.04
CA GLY D 16 31.48 -15.47 27.10
C GLY D 16 32.03 -16.53 26.16
N ASP D 17 31.13 -17.25 25.49
CA ASP D 17 31.52 -18.31 24.57
C ASP D 17 31.71 -17.77 23.15
N ARG D 18 32.49 -18.47 22.34
CA ARG D 18 32.62 -18.06 20.95
C ARG D 18 31.46 -18.63 20.16
N VAL D 19 30.91 -17.79 19.28
CA VAL D 19 29.76 -18.15 18.47
C VAL D 19 30.05 -18.02 16.98
N THR D 20 29.73 -19.07 16.22
CA THR D 20 29.94 -19.02 14.77
C THR D 20 28.65 -19.35 14.02
N ILE D 21 28.28 -18.47 13.08
CA ILE D 21 27.09 -18.64 12.25
C ILE D 21 27.51 -18.83 10.80
N THR D 22 26.95 -19.83 10.13
CA THR D 22 27.34 -20.14 8.75
C THR D 22 26.28 -19.82 7.71
N CYS D 23 26.71 -19.19 6.61
CA CYS D 23 25.83 -18.86 5.49
C CYS D 23 26.39 -19.41 4.18
N ARG D 24 25.58 -20.18 3.45
CA ARG D 24 26.01 -20.78 2.18
C ARG D 24 25.27 -20.24 0.96
N ALA D 25 26.03 -19.95 -0.09
CA ALA D 25 25.47 -19.42 -1.34
C ALA D 25 25.52 -20.46 -2.45
N SER D 26 24.35 -20.73 -3.03
CA SER D 26 24.20 -21.73 -4.08
C SER D 26 24.91 -21.42 -5.41
N GLN D 27 24.87 -20.16 -5.84
CA GLN D 27 25.45 -19.78 -7.13
C GLN D 27 26.96 -20.03 -7.25
N ARG D 28 27.67 -19.89 -6.13
CA ARG D 28 29.12 -20.18 -6.00
C ARG D 28 30.07 -19.03 -6.37
N ILE D 29 29.56 -17.85 -6.70
CA ILE D 29 30.45 -16.73 -7.05
C ILE D 29 30.06 -15.48 -6.25
N ASP D 30 30.36 -15.47 -4.96
CA ASP D 30 30.04 -14.33 -4.11
C ASP D 30 31.26 -13.73 -3.40
N ASN D 31 31.51 -12.45 -3.61
CA ASN D 31 32.59 -11.76 -2.89
C ASN D 31 32.03 -10.70 -1.91
N TRP D 32 30.72 -10.47 -1.98
CA TRP D 32 30.06 -9.46 -1.16
C TRP D 32 29.00 -10.13 -0.29
N VAL D 33 29.01 -9.88 1.01
CA VAL D 33 28.03 -10.50 1.91
C VAL D 33 27.82 -9.57 3.08
N ALA D 34 26.57 -9.36 3.46
CA ALA D 34 26.26 -8.56 4.63
C ALA D 34 25.71 -9.40 5.77
N TRP D 35 25.96 -8.94 7.00
CA TRP D 35 25.29 -9.54 8.14
C TRP D 35 24.47 -8.49 8.88
N TYR D 36 23.34 -8.92 9.45
CA TYR D 36 22.49 -8.00 10.17
C TYR D 36 22.12 -8.59 11.52
N GLN D 37 21.91 -7.71 12.49
CA GLN D 37 21.42 -8.13 13.79
C GLN D 37 20.02 -7.56 14.00
N GLN D 38 19.09 -8.40 14.44
CA GLN D 38 17.74 -7.92 14.78
C GLN D 38 17.31 -8.39 16.16
N LYS D 39 16.87 -7.45 16.98
CA LYS D 39 16.36 -7.78 18.31
C LYS D 39 14.82 -7.76 18.24
N PRO D 40 14.15 -8.48 19.16
CA PRO D 40 12.69 -8.52 19.17
C PRO D 40 12.04 -7.13 19.16
N GLY D 41 11.17 -6.87 18.18
CA GLY D 41 10.44 -5.63 18.18
C GLY D 41 11.14 -4.44 17.56
N ARG D 42 12.31 -4.68 16.96
CA ARG D 42 13.10 -3.60 16.36
C ARG D 42 13.59 -3.93 14.95
N ALA D 43 13.99 -2.89 14.23
CA ALA D 43 14.56 -3.04 12.88
C ALA D 43 15.92 -3.76 12.88
N PRO D 44 16.25 -4.42 11.76
CA PRO D 44 17.59 -5.02 11.59
C PRO D 44 18.71 -3.96 11.59
N LYS D 45 19.89 -4.38 12.02
CA LYS D 45 21.05 -3.50 12.15
C LYS D 45 22.24 -4.11 11.43
N LEU D 46 22.84 -3.36 10.52
CA LEU D 46 23.99 -3.86 9.78
C LEU D 46 25.22 -4.02 10.67
N LEU D 47 25.80 -5.22 10.63
CA LEU D 47 27.00 -5.54 11.41
C LEU D 47 28.23 -5.60 10.50
N ILE D 48 28.12 -6.39 9.43
CA ILE D 48 29.23 -6.67 8.54
C ILE D 48 28.77 -6.48 7.11
N TYR D 49 29.63 -5.92 6.26
CA TYR D 49 29.37 -5.88 4.83
C TYR D 49 30.66 -6.24 4.10
N LYS D 50 30.53 -6.65 2.84
CA LYS D 50 31.66 -7.06 2.02
C LYS D 50 32.36 -8.27 2.65
N ALA D 51 31.55 -9.08 3.35
CA ALA D 51 31.99 -10.31 4.01
C ALA D 51 32.83 -10.09 5.27
N SER D 52 33.92 -9.32 5.15
CA SER D 52 34.82 -9.10 6.29
C SER D 52 34.93 -7.66 6.84
N ILE D 53 34.02 -6.75 6.48
CA ILE D 53 34.17 -5.37 6.93
C ILE D 53 33.12 -4.93 7.96
N LEU D 54 33.60 -4.46 9.11
CA LEU D 54 32.76 -4.00 10.22
C LEU D 54 32.16 -2.60 10.02
N GLU D 55 30.86 -2.48 10.29
CA GLU D 55 30.18 -1.18 10.27
C GLU D 55 30.63 -0.33 11.45
N THR D 56 30.64 0.98 11.28
CA THR D 56 31.05 1.86 12.36
C THR D 56 30.12 1.70 13.56
N GLY D 57 30.68 1.75 14.76
CA GLY D 57 29.91 1.61 15.98
C GLY D 57 29.66 0.17 16.42
N VAL D 58 30.22 -0.78 15.69
CA VAL D 58 30.06 -2.20 16.01
C VAL D 58 31.24 -2.69 16.84
N PRO D 59 30.98 -3.49 17.89
CA PRO D 59 32.07 -3.97 18.76
C PRO D 59 33.07 -4.84 18.03
N SER D 60 34.33 -4.78 18.48
CA SER D 60 35.44 -5.51 17.87
C SER D 60 35.26 -7.03 17.90
N ARG D 61 34.42 -7.52 18.83
CA ARG D 61 34.15 -8.95 18.97
C ARG D 61 33.46 -9.56 17.75
N PHE D 62 32.86 -8.74 16.89
CA PHE D 62 32.18 -9.25 15.70
C PHE D 62 33.14 -9.29 14.52
N SER D 63 33.24 -10.46 13.89
CA SER D 63 34.04 -10.57 12.68
C SER D 63 33.34 -11.45 11.64
N GLY D 64 33.62 -11.18 10.37
CA GLY D 64 33.09 -11.99 9.29
C GLY D 64 34.18 -12.48 8.37
N SER D 65 34.00 -13.67 7.79
CA SER D 65 34.95 -14.21 6.81
C SER D 65 34.28 -15.10 5.76
N GLY D 66 35.12 -15.66 4.89
CA GLY D 66 34.70 -16.66 3.92
C GLY D 66 34.86 -16.28 2.46
N SER D 67 35.00 -17.30 1.62
CA SER D 67 35.17 -17.15 0.18
C SER D 67 34.30 -18.15 -0.59
N GLY D 68 33.91 -17.79 -1.81
CA GLY D 68 33.08 -18.64 -2.63
C GLY D 68 31.71 -18.90 -2.02
N THR D 69 31.34 -20.16 -1.89
CA THR D 69 30.04 -20.56 -1.36
C THR D 69 29.79 -20.26 0.12
N GLU D 70 30.79 -20.42 0.97
CA GLU D 70 30.56 -20.32 2.41
C GLU D 70 31.09 -19.07 3.11
N PHE D 71 30.24 -18.45 3.91
CA PHE D 71 30.59 -17.26 4.69
C PHE D 71 30.16 -17.44 6.13
N THR D 72 30.90 -16.85 7.06
CA THR D 72 30.61 -17.00 8.49
C THR D 72 30.61 -15.70 9.29
N LEU D 73 29.74 -15.65 10.29
CA LEU D 73 29.68 -14.53 11.22
C LEU D 73 30.13 -15.03 12.59
N SER D 74 31.12 -14.37 13.18
CA SER D 74 31.64 -14.85 14.46
C SER D 74 31.68 -13.80 15.57
N ILE D 75 31.31 -14.25 16.76
CA ILE D 75 31.40 -13.46 17.98
C ILE D 75 32.49 -14.09 18.85
N ASN D 76 33.51 -13.32 19.20
CA ASN D 76 34.65 -13.87 19.93
C ASN D 76 34.25 -14.34 21.32
N SER D 77 33.49 -13.50 22.02
CA SER D 77 33.00 -13.82 23.35
C SER D 77 31.63 -13.16 23.52
N LEU D 78 30.60 -14.00 23.55
CA LEU D 78 29.21 -13.53 23.48
C LEU D 78 28.86 -12.61 24.64
N GLN D 79 28.30 -11.45 24.31
CA GLN D 79 27.81 -10.51 25.30
C GLN D 79 26.28 -10.52 25.36
N PRO D 80 25.70 -10.33 26.55
CA PRO D 80 24.25 -10.45 26.70
C PRO D 80 23.47 -9.51 25.78
N ASP D 81 24.14 -8.47 25.28
CA ASP D 81 23.51 -7.54 24.36
C ASP D 81 23.49 -8.11 22.95
N ASP D 82 24.25 -9.18 22.74
CA ASP D 82 24.39 -9.80 21.43
C ASP D 82 23.32 -10.87 21.17
N VAL D 83 22.46 -11.11 22.17
CA VAL D 83 21.42 -12.13 22.06
C VAL D 83 20.27 -11.66 21.18
N ALA D 84 20.20 -12.21 19.97
CA ALA D 84 19.24 -11.75 18.97
C ALA D 84 19.27 -12.62 17.71
N THR D 85 18.45 -12.26 16.73
CA THR D 85 18.40 -12.96 15.45
C THR D 85 19.37 -12.35 14.42
N TYR D 86 20.15 -13.21 13.78
CA TYR D 86 21.14 -12.78 12.79
C TYR D 86 20.79 -13.23 11.37
N TYR D 87 20.88 -12.30 10.43
CA TYR D 87 20.61 -12.57 9.02
C TYR D 87 21.84 -12.29 8.15
N CYS D 88 22.08 -13.13 7.16
CA CYS D 88 23.09 -12.81 6.16
C CYS D 88 22.38 -12.38 4.89
N GLN D 89 23.11 -11.78 3.96
CA GLN D 89 22.46 -11.21 2.79
C GLN D 89 23.36 -11.18 1.58
N GLN D 90 22.78 -11.50 0.44
CA GLN D 90 23.44 -11.39 -0.85
C GLN D 90 22.43 -10.78 -1.80
N PHE D 91 22.64 -9.52 -2.16
CA PHE D 91 21.72 -8.82 -3.04
C PHE D 91 20.31 -8.89 -2.46
N GLU D 92 19.32 -9.26 -3.26
CA GLU D 92 17.94 -9.27 -2.78
C GLU D 92 17.59 -10.49 -1.93
N GLU D 93 18.55 -11.37 -1.69
CA GLU D 93 18.25 -12.60 -0.94
C GLU D 93 18.77 -12.61 0.48
N PHE D 94 17.92 -13.06 1.41
CA PHE D 94 18.28 -13.19 2.82
C PHE D 94 18.25 -14.64 3.30
N GLY D 95 19.03 -14.94 4.32
CA GLY D 95 18.96 -16.25 4.97
C GLY D 95 17.73 -16.38 5.85
N ARG D 96 17.44 -17.60 6.29
CA ARG D 96 16.27 -17.84 7.13
C ARG D 96 16.36 -17.14 8.49
N GLY D 97 17.57 -16.86 8.94
CA GLY D 97 17.74 -16.25 10.25
C GLY D 97 18.24 -17.18 11.32
N THR D 98 19.16 -16.71 12.15
CA THR D 98 19.65 -17.50 13.28
C THR D 98 19.32 -16.81 14.60
N LYS D 99 18.65 -17.51 15.52
CA LYS D 99 18.31 -16.94 16.82
C LYS D 99 19.32 -17.40 17.87
N ILE D 100 20.24 -16.52 18.25
CA ILE D 100 21.09 -16.80 19.40
C ILE D 100 20.25 -16.80 20.67
N ASP D 101 20.28 -17.94 21.35
CA ASP D 101 19.49 -18.18 22.54
C ASP D 101 20.45 -18.55 23.69
N ILE D 102 20.25 -18.00 24.88
CA ILE D 102 21.13 -18.31 26.01
C ILE D 102 20.86 -19.70 26.56
N LYS D 103 21.87 -20.57 26.54
CA LYS D 103 21.65 -21.97 26.89
C LYS D 103 21.54 -22.26 28.38
N ARG D 104 20.61 -23.15 28.69
CA ARG D 104 20.29 -23.60 30.03
C ARG D 104 20.21 -25.13 29.97
N THR D 105 20.47 -25.83 31.07
CA THR D 105 20.36 -27.28 31.04
C THR D 105 18.90 -27.61 30.73
N VAL D 106 18.67 -28.72 30.02
CA VAL D 106 17.32 -29.16 29.62
C VAL D 106 16.33 -29.25 30.78
N ALA D 107 15.16 -28.65 30.58
CA ALA D 107 14.07 -28.71 31.56
C ALA D 107 12.76 -29.11 30.90
N ALA D 108 12.10 -30.13 31.44
CA ALA D 108 10.84 -30.62 30.90
C ALA D 108 9.67 -29.70 31.26
N PRO D 109 8.71 -29.53 30.33
CA PRO D 109 7.52 -28.73 30.57
C PRO D 109 6.58 -29.35 31.59
N SER D 110 6.01 -28.53 32.45
CA SER D 110 4.83 -28.91 33.23
C SER D 110 3.61 -28.63 32.35
N VAL D 111 2.78 -29.63 32.15
CA VAL D 111 1.67 -29.50 31.21
C VAL D 111 0.36 -29.33 31.94
N PHE D 112 -0.40 -28.31 31.57
CA PHE D 112 -1.70 -28.05 32.19
C PHE D 112 -2.76 -27.91 31.11
N ILE D 113 -3.99 -28.28 31.44
CA ILE D 113 -5.07 -28.17 30.48
C ILE D 113 -6.29 -27.49 31.11
N PHE D 114 -6.95 -26.65 30.33
CA PHE D 114 -8.13 -25.89 30.78
C PHE D 114 -9.33 -26.15 29.87
N PRO D 115 -10.42 -26.69 30.43
CA PRO D 115 -11.68 -26.83 29.69
C PRO D 115 -12.24 -25.44 29.37
N PRO D 116 -13.18 -25.35 28.42
CA PRO D 116 -13.78 -24.05 28.17
C PRO D 116 -14.58 -23.58 29.38
N SER D 117 -14.60 -22.29 29.63
CA SER D 117 -15.32 -21.76 30.77
C SER D 117 -16.81 -21.96 30.52
N ASP D 118 -17.59 -22.08 31.59
CA ASP D 118 -19.04 -22.25 31.44
C ASP D 118 -19.60 -21.03 30.74
N GLU D 119 -19.04 -19.87 31.09
CA GLU D 119 -19.45 -18.60 30.51
C GLU D 119 -19.20 -18.53 29.01
N GLN D 120 -18.05 -19.04 28.56
CA GLN D 120 -17.73 -19.03 27.13
C GLN D 120 -18.71 -19.89 26.34
N LEU D 121 -19.12 -21.01 26.92
CA LEU D 121 -20.02 -21.93 26.24
C LEU D 121 -21.33 -21.25 25.88
N LYS D 122 -21.78 -20.35 26.73
CA LYS D 122 -23.00 -19.59 26.47
C LYS D 122 -22.87 -18.78 25.18
N SER D 123 -21.69 -18.23 24.95
CA SER D 123 -21.42 -17.44 23.74
C SER D 123 -21.62 -18.24 22.46
N GLY D 124 -21.35 -19.54 22.52
CA GLY D 124 -21.49 -20.39 21.34
C GLY D 124 -20.20 -20.91 20.78
N THR D 125 -19.09 -20.57 21.43
CA THR D 125 -17.78 -21.05 21.02
C THR D 125 -17.08 -21.66 22.22
N ALA D 126 -16.35 -22.76 22.00
CA ALA D 126 -15.63 -23.43 23.08
C ALA D 126 -14.13 -23.40 22.81
N SER D 127 -13.38 -22.88 23.78
CA SER D 127 -11.93 -22.82 23.66
C SER D 127 -11.27 -23.75 24.67
N VAL D 128 -10.43 -24.65 24.18
CA VAL D 128 -9.66 -25.50 25.08
C VAL D 128 -8.21 -25.02 25.07
N VAL D 129 -7.62 -24.93 26.25
CA VAL D 129 -6.28 -24.36 26.38
C VAL D 129 -5.28 -25.34 27.01
N CYS D 130 -4.10 -25.40 26.42
CA CYS D 130 -3.03 -26.22 26.97
C CYS D 130 -1.87 -25.31 27.36
N LEU D 131 -1.35 -25.48 28.58
CA LEU D 131 -0.21 -24.71 29.04
C LEU D 131 1.05 -25.56 29.17
N LEU D 132 2.14 -25.09 28.55
CA LEU D 132 3.45 -25.70 28.71
C LEU D 132 4.35 -24.73 29.48
N ASN D 133 4.64 -25.06 30.74
CA ASN D 133 5.28 -24.12 31.65
C ASN D 133 6.76 -24.38 31.92
N ASN D 134 7.57 -23.34 31.74
CA ASN D 134 8.98 -23.33 32.14
C ASN D 134 9.80 -24.51 31.62
N PHE D 135 10.10 -24.48 30.32
CA PHE D 135 10.83 -25.57 29.68
C PHE D 135 11.98 -25.06 28.81
N TYR D 136 12.92 -25.94 28.52
CA TYR D 136 14.03 -25.62 27.64
C TYR D 136 14.58 -26.92 27.04
N PRO D 137 14.92 -26.92 25.74
CA PRO D 137 14.95 -25.79 24.80
C PRO D 137 13.58 -25.34 24.29
N ARG D 138 13.59 -24.32 23.44
CA ARG D 138 12.38 -23.71 22.91
C ARG D 138 11.55 -24.70 22.08
N GLU D 139 12.26 -25.59 21.36
CA GLU D 139 11.63 -26.57 20.50
C GLU D 139 10.65 -27.47 21.26
N ALA D 140 9.38 -27.39 20.91
CA ALA D 140 8.36 -28.22 21.56
C ALA D 140 7.22 -28.54 20.60
N LYS D 141 6.71 -29.75 20.67
CA LYS D 141 5.61 -30.16 19.80
C LYS D 141 4.33 -30.44 20.59
N VAL D 142 3.26 -29.74 20.26
CA VAL D 142 1.96 -29.93 20.88
C VAL D 142 0.93 -30.49 19.92
N GLN D 143 0.32 -31.62 20.27
CA GLN D 143 -0.73 -32.18 19.44
C GLN D 143 -2.05 -32.30 20.18
N TRP D 144 -3.12 -31.88 19.52
CA TRP D 144 -4.45 -31.93 20.09
C TRP D 144 -5.21 -33.16 19.64
N LYS D 145 -5.79 -33.88 20.58
CA LYS D 145 -6.59 -35.06 20.25
C LYS D 145 -7.99 -34.96 20.85
N VAL D 146 -9.01 -35.19 20.02
CA VAL D 146 -10.39 -35.15 20.47
C VAL D 146 -11.00 -36.53 20.23
N ASP D 147 -11.32 -37.23 21.32
CA ASP D 147 -11.69 -38.64 21.29
C ASP D 147 -10.64 -39.43 20.50
N ASN D 148 -9.37 -39.09 20.74
CA ASN D 148 -8.21 -39.74 20.14
C ASN D 148 -8.05 -39.45 18.64
N ALA D 149 -8.86 -38.53 18.12
CA ALA D 149 -8.74 -38.14 16.73
C ALA D 149 -7.83 -36.92 16.63
N LEU D 150 -6.86 -36.98 15.73
CA LEU D 150 -5.88 -35.91 15.57
C LEU D 150 -6.49 -34.66 14.97
N GLN D 151 -6.23 -33.51 15.58
CA GLN D 151 -6.75 -32.24 15.07
C GLN D 151 -5.74 -31.46 14.24
N SER D 152 -6.23 -30.75 13.22
CA SER D 152 -5.39 -29.82 12.47
C SER D 152 -6.19 -28.59 12.01
N GLY D 153 -5.54 -27.43 12.03
CA GLY D 153 -6.10 -26.20 11.53
C GLY D 153 -7.11 -25.51 12.43
N ASN D 154 -7.31 -26.06 13.63
CA ASN D 154 -8.20 -25.44 14.61
C ASN D 154 -7.49 -25.11 15.90
N SER D 155 -6.17 -24.98 15.83
CA SER D 155 -5.40 -24.59 17.00
C SER D 155 -4.37 -23.54 16.62
N GLN D 156 -4.07 -22.68 17.59
CA GLN D 156 -3.04 -21.67 17.43
C GLN D 156 -2.20 -21.73 18.70
N GLU D 157 -0.91 -21.44 18.56
CA GLU D 157 -0.06 -21.49 19.74
C GLU D 157 0.80 -20.25 19.82
N SER D 158 1.29 -19.96 21.01
CA SER D 158 2.08 -18.76 21.23
C SER D 158 3.13 -19.06 22.30
N VAL D 159 4.29 -18.45 22.16
CA VAL D 159 5.39 -18.71 23.08
C VAL D 159 5.98 -17.41 23.60
N THR D 160 6.29 -17.37 24.88
CA THR D 160 6.89 -16.17 25.49
C THR D 160 8.34 -16.01 25.07
N GLU D 161 8.88 -14.82 25.28
CA GLU D 161 10.31 -14.60 25.13
C GLU D 161 11.04 -15.37 26.23
N GLN D 162 12.33 -15.59 26.03
CA GLN D 162 13.12 -16.32 27.00
C GLN D 162 13.16 -15.52 28.30
N ASP D 163 12.82 -16.18 29.40
CA ASP D 163 12.76 -15.56 30.72
C ASP D 163 14.14 -15.11 31.15
N SER D 164 14.25 -13.87 31.62
CA SER D 164 15.53 -13.29 31.99
C SER D 164 16.14 -13.90 33.28
N LYS D 165 15.30 -14.51 34.10
CA LYS D 165 15.77 -15.16 35.32
C LYS D 165 16.29 -16.58 35.09
N ASP D 166 15.42 -17.46 34.58
CA ASP D 166 15.78 -18.87 34.49
C ASP D 166 15.97 -19.40 33.08
N SER D 167 15.91 -18.50 32.10
CA SER D 167 16.15 -18.84 30.70
C SER D 167 15.22 -19.95 30.19
N THR D 168 14.04 -20.07 30.79
CA THR D 168 13.05 -21.02 30.31
C THR D 168 12.04 -20.37 29.38
N TYR D 169 11.25 -21.19 28.72
CA TYR D 169 10.19 -20.72 27.85
C TYR D 169 8.85 -21.18 28.38
N SER D 170 7.79 -20.52 27.94
CA SER D 170 6.45 -21.03 28.19
C SER D 170 5.65 -20.98 26.90
N LEU D 171 4.73 -21.92 26.75
CA LEU D 171 3.95 -22.05 25.55
C LEU D 171 2.48 -22.23 25.88
N SER D 172 1.63 -21.58 25.10
CA SER D 172 0.20 -21.74 25.24
C SER D 172 -0.39 -22.22 23.92
N SER D 173 -1.18 -23.29 23.99
CA SER D 173 -1.86 -23.82 22.81
C SER D 173 -3.36 -23.74 23.05
N THR D 174 -4.08 -23.22 22.07
CA THR D 174 -5.52 -23.06 22.20
C THR D 174 -6.23 -23.84 21.12
N LEU D 175 -7.13 -24.73 21.51
CA LEU D 175 -7.96 -25.45 20.55
C LEU D 175 -9.34 -24.83 20.54
N THR D 176 -9.82 -24.47 19.35
CA THR D 176 -11.10 -23.76 19.24
C THR D 176 -12.12 -24.55 18.42
N LEU D 177 -13.27 -24.80 19.03
CA LEU D 177 -14.37 -25.50 18.37
C LEU D 177 -15.67 -24.72 18.54
N SER D 178 -16.69 -25.11 17.81
CA SER D 178 -18.03 -24.58 18.07
C SER D 178 -18.56 -25.25 19.33
N LYS D 179 -19.54 -24.62 19.99
CA LYS D 179 -20.17 -25.22 21.15
C LYS D 179 -20.76 -26.58 20.83
N ALA D 180 -21.43 -26.67 19.68
CA ALA D 180 -22.06 -27.91 19.25
C ALA D 180 -21.05 -29.02 19.02
N ASP D 181 -19.95 -28.69 18.33
CA ASP D 181 -18.90 -29.65 18.03
C ASP D 181 -18.26 -30.11 19.36
N TYR D 182 -18.06 -29.17 20.27
CA TYR D 182 -17.48 -29.47 21.57
C TYR D 182 -18.27 -30.51 22.35
N GLU D 183 -19.59 -30.41 22.30
CA GLU D 183 -20.44 -31.28 23.08
C GLU D 183 -20.75 -32.62 22.41
N LYS D 184 -20.36 -32.77 21.14
CA LYS D 184 -20.56 -34.04 20.44
C LYS D 184 -19.47 -35.05 20.77
N HIS D 185 -18.46 -34.62 21.51
CA HIS D 185 -17.34 -35.52 21.84
C HIS D 185 -17.04 -35.50 23.34
N LYS D 186 -16.23 -36.47 23.78
CA LYS D 186 -16.05 -36.71 25.21
C LYS D 186 -14.67 -36.37 25.74
N VAL D 187 -13.62 -36.97 25.15
CA VAL D 187 -12.29 -36.84 25.71
C VAL D 187 -11.45 -35.84 24.94
N TYR D 188 -10.93 -34.85 25.68
CA TYR D 188 -10.09 -33.82 25.11
C TYR D 188 -8.69 -33.93 25.70
N ALA D 189 -7.69 -33.98 24.84
CA ALA D 189 -6.31 -34.21 25.29
C ALA D 189 -5.29 -33.48 24.44
N CYS D 190 -4.28 -32.89 25.09
CA CYS D 190 -3.12 -32.38 24.36
C CYS D 190 -1.91 -33.24 24.69
N GLU D 191 -1.14 -33.59 23.67
CA GLU D 191 0.02 -34.45 23.82
C GLU D 191 1.29 -33.64 23.59
N VAL D 192 2.16 -33.67 24.59
CA VAL D 192 3.37 -32.86 24.55
C VAL D 192 4.61 -33.73 24.34
N THR D 193 5.39 -33.37 23.33
CA THR D 193 6.67 -34.00 23.06
C THR D 193 7.75 -32.95 23.24
N HIS D 194 8.74 -33.27 24.06
CA HIS D 194 9.85 -32.35 24.32
C HIS D 194 11.03 -33.23 24.71
N GLN D 195 12.24 -32.82 24.37
CA GLN D 195 13.37 -33.71 24.57
C GLN D 195 13.58 -33.96 26.06
N GLY D 196 12.98 -33.11 26.89
CA GLY D 196 13.12 -33.27 28.32
C GLY D 196 12.22 -34.36 28.84
N LEU D 197 11.29 -34.83 28.02
CA LEU D 197 10.40 -35.92 28.39
C LEU D 197 10.79 -37.22 27.68
N SER D 198 10.99 -38.29 28.46
CA SER D 198 11.39 -39.59 27.90
C SER D 198 10.36 -40.14 26.92
N SER D 199 9.08 -39.97 27.24
CA SER D 199 8.02 -40.25 26.29
C SER D 199 7.02 -39.11 26.37
N PRO D 200 6.20 -38.94 25.32
CA PRO D 200 5.18 -37.88 25.35
C PRO D 200 4.22 -37.97 26.54
N VAL D 201 4.02 -36.83 27.21
CA VAL D 201 3.10 -36.73 28.33
C VAL D 201 1.76 -36.25 27.80
N THR D 202 0.68 -36.91 28.20
CA THR D 202 -0.67 -36.53 27.75
C THR D 202 -1.51 -36.03 28.92
N LYS D 203 -1.99 -34.79 28.79
CA LYS D 203 -2.96 -34.20 29.72
C LYS D 203 -4.33 -34.18 29.09
N SER D 204 -5.33 -34.62 29.83
CA SER D 204 -6.66 -34.78 29.28
C SER D 204 -7.75 -34.52 30.31
N PHE D 205 -8.98 -34.39 29.82
CA PHE D 205 -10.13 -34.29 30.72
C PHE D 205 -11.38 -34.83 30.05
N ASN D 206 -12.33 -35.28 30.88
CA ASN D 206 -13.62 -35.76 30.41
C ASN D 206 -14.71 -34.69 30.50
N ARG D 207 -15.27 -34.32 29.35
CA ARG D 207 -16.37 -33.38 29.32
C ARG D 207 -17.57 -33.89 30.12
N GLN E 1 -33.99 25.67 -7.68
CA GLN E 1 -32.91 24.77 -8.08
C GLN E 1 -31.96 24.46 -6.92
N VAL E 2 -31.67 23.17 -6.72
CA VAL E 2 -30.71 22.77 -5.69
C VAL E 2 -29.32 23.13 -6.20
N GLN E 3 -28.56 23.85 -5.38
CA GLN E 3 -27.19 24.23 -5.73
C GLN E 3 -26.16 24.07 -4.63
N LEU E 4 -25.02 23.50 -4.97
CA LEU E 4 -23.85 23.52 -4.11
C LEU E 4 -22.65 24.23 -4.75
N VAL E 5 -22.19 25.31 -4.14
CA VAL E 5 -21.06 26.07 -4.68
C VAL E 5 -19.86 26.03 -3.75
N GLU E 6 -18.79 25.37 -4.20
CA GLU E 6 -17.58 25.23 -3.40
C GLU E 6 -16.51 26.29 -3.65
N SER E 7 -15.55 26.35 -2.74
CA SER E 7 -14.45 27.30 -2.88
C SER E 7 -13.58 26.99 -4.09
N GLY E 8 -12.71 27.95 -4.43
CA GLY E 8 -11.84 27.83 -5.58
C GLY E 8 -10.74 26.83 -5.36
N THR E 9 -10.00 26.51 -6.42
CA THR E 9 -8.93 25.53 -6.31
C THR E 9 -7.89 26.02 -5.30
N GLN E 10 -7.33 25.09 -4.54
CA GLN E 10 -6.36 25.46 -3.52
C GLN E 10 -4.99 24.85 -3.81
N PHE E 11 -3.95 25.53 -3.37
CA PHE E 11 -2.57 25.05 -3.52
C PHE E 11 -1.96 24.96 -2.14
N ARG E 12 -1.44 23.78 -1.82
CA ARG E 12 -0.87 23.51 -0.51
C ARG E 12 0.47 22.80 -0.63
N ARG E 13 1.28 22.91 0.42
CA ARG E 13 2.57 22.22 0.48
C ARG E 13 2.39 21.01 1.37
N PRO E 14 2.92 19.85 0.96
CA PRO E 14 2.79 18.62 1.74
C PRO E 14 3.00 18.86 3.24
N GLY E 15 2.14 18.26 4.06
CA GLY E 15 2.18 18.47 5.49
C GLY E 15 1.21 19.55 5.95
N ALA E 16 0.85 20.44 5.04
CA ALA E 16 -0.13 21.49 5.34
C ALA E 16 -1.53 20.90 5.34
N SER E 17 -2.52 21.74 5.64
CA SER E 17 -3.91 21.30 5.61
C SER E 17 -4.75 22.20 4.74
N VAL E 18 -5.91 21.69 4.32
CA VAL E 18 -6.80 22.45 3.47
C VAL E 18 -8.21 22.39 4.06
N ARG E 19 -8.94 23.48 3.93
CA ARG E 19 -10.33 23.56 4.40
C ARG E 19 -11.21 23.95 3.23
N LEU E 20 -12.21 23.12 2.94
CA LEU E 20 -13.05 23.34 1.79
C LEU E 20 -14.49 23.59 2.23
N SER E 21 -15.11 24.58 1.62
CA SER E 21 -16.47 24.95 1.99
C SER E 21 -17.47 24.60 0.90
N CYS E 22 -18.72 24.45 1.31
CA CYS E 22 -19.79 24.13 0.39
C CYS E 22 -21.01 24.96 0.73
N GLU E 23 -21.37 25.87 -0.17
CA GLU E 23 -22.50 26.75 0.05
C GLU E 23 -23.75 26.16 -0.57
N ALA E 24 -24.78 25.94 0.26
CA ALA E 24 -26.01 25.34 -0.22
C ALA E 24 -27.10 26.38 -0.44
N SER E 25 -27.86 26.20 -1.52
CA SER E 25 -29.02 27.05 -1.79
C SER E 25 -30.10 26.26 -2.51
N GLY E 26 -31.34 26.72 -2.43
CA GLY E 26 -32.43 26.08 -3.15
C GLY E 26 -33.18 25.01 -2.39
N TYR E 27 -32.77 24.73 -1.16
CA TYR E 27 -33.49 23.74 -0.34
C TYR E 27 -33.25 23.97 1.16
N THR E 28 -33.98 23.23 1.98
CA THR E 28 -33.81 23.30 3.43
C THR E 28 -32.50 22.61 3.83
N PHE E 29 -31.51 23.40 4.22
CA PHE E 29 -30.17 22.88 4.51
C PHE E 29 -30.13 21.73 5.53
N ILE E 30 -30.93 21.84 6.58
CA ILE E 30 -30.99 20.83 7.63
C ILE E 30 -31.56 19.47 7.19
N SER E 31 -32.41 19.49 6.16
CA SER E 31 -33.13 18.28 5.73
C SER E 31 -32.30 17.09 5.26
N SER E 32 -31.19 17.32 4.55
CA SER E 32 -30.44 16.16 4.03
C SER E 32 -28.95 16.18 4.31
N PHE E 33 -28.36 14.99 4.33
CA PHE E 33 -26.94 14.79 4.61
C PHE E 33 -26.03 15.44 3.59
N ILE E 34 -24.86 15.85 4.05
CA ILE E 34 -23.83 16.36 3.15
C ILE E 34 -22.66 15.39 3.09
N HIS E 35 -22.34 14.98 1.87
CA HIS E 35 -21.28 14.01 1.64
C HIS E 35 -20.11 14.72 0.97
N TRP E 36 -18.93 14.12 1.05
CA TRP E 36 -17.79 14.61 0.29
C TRP E 36 -17.19 13.47 -0.50
N ILE E 37 -16.88 13.76 -1.76
CA ILE E 37 -16.38 12.74 -2.67
C ILE E 37 -15.16 13.28 -3.40
N ARG E 38 -14.15 12.43 -3.61
CA ARG E 38 -12.96 12.90 -4.30
C ARG E 38 -12.68 12.07 -5.54
N GLN E 39 -12.17 12.73 -6.57
CA GLN E 39 -11.82 12.06 -7.81
C GLN E 39 -10.34 12.28 -8.11
N GLY E 40 -9.58 11.19 -8.18
CA GLY E 40 -8.17 11.26 -8.50
C GLY E 40 -8.07 11.62 -9.97
N PRO E 41 -6.95 12.23 -10.39
CA PRO E 41 -6.87 12.60 -11.81
C PRO E 41 -6.93 11.35 -12.69
N GLY E 42 -7.77 11.39 -13.71
CA GLY E 42 -7.97 10.23 -14.57
C GLY E 42 -8.36 9.01 -13.76
N GLN E 43 -9.28 9.17 -12.81
CA GLN E 43 -9.69 8.09 -11.91
C GLN E 43 -11.15 8.16 -11.49
N GLY E 44 -11.59 7.11 -10.79
CA GLY E 44 -12.95 6.94 -10.29
C GLY E 44 -13.33 7.77 -9.08
N LEU E 45 -14.60 7.65 -8.68
CA LEU E 45 -15.15 8.39 -7.55
C LEU E 45 -14.91 7.67 -6.21
N GLU E 46 -14.59 8.43 -5.18
CA GLU E 46 -14.32 7.87 -3.86
C GLU E 46 -15.08 8.62 -2.76
N TRP E 47 -15.93 7.91 -2.03
CA TRP E 47 -16.71 8.53 -0.96
C TRP E 47 -15.83 8.80 0.26
N MET E 48 -15.97 9.99 0.85
CA MET E 48 -15.13 10.40 1.99
C MET E 48 -15.87 10.43 3.32
N GLY E 49 -17.20 10.56 3.28
CA GLY E 49 -17.98 10.58 4.49
C GLY E 49 -19.28 11.33 4.34
N TRP E 50 -20.14 11.27 5.35
CA TRP E 50 -21.34 12.08 5.32
C TRP E 50 -21.47 12.81 6.65
N MET E 51 -22.20 13.90 6.60
CA MET E 51 -22.43 14.72 7.77
C MET E 51 -23.89 15.10 7.89
N ASN E 52 -24.41 15.10 9.12
CA ASN E 52 -25.78 15.52 9.37
C ASN E 52 -25.83 16.98 9.76
N PRO E 53 -26.48 17.82 8.93
CA PRO E 53 -26.58 19.25 9.17
C PRO E 53 -27.33 19.59 10.44
N ARG E 54 -28.32 18.79 10.83
CA ARG E 54 -29.11 19.14 12.00
C ARG E 54 -28.28 19.25 13.28
N HIS E 55 -27.43 18.26 13.55
CA HIS E 55 -26.60 18.28 14.76
C HIS E 55 -25.08 18.08 14.56
N GLY E 56 -24.63 17.93 13.32
CA GLY E 56 -23.21 17.76 13.07
C GLY E 56 -22.75 16.32 13.17
N ALA E 57 -23.70 15.39 13.22
CA ALA E 57 -23.39 13.97 13.31
C ALA E 57 -22.52 13.57 12.12
N VAL E 58 -21.57 12.65 12.36
CA VAL E 58 -20.60 12.30 11.34
C VAL E 58 -20.34 10.81 11.13
N ASN E 59 -20.10 10.45 9.87
CA ASN E 59 -19.69 9.10 9.47
C ASN E 59 -18.51 9.16 8.51
N TYR E 60 -17.44 8.44 8.81
CA TYR E 60 -16.31 8.39 7.89
C TYR E 60 -15.97 6.95 7.56
N PRO E 61 -15.50 6.71 6.34
CA PRO E 61 -15.02 5.39 5.97
C PRO E 61 -13.71 5.15 6.70
N ARG E 62 -13.34 3.88 6.78
CA ARG E 62 -12.17 3.43 7.51
C ARG E 62 -10.87 4.14 7.10
N ARG E 63 -10.73 4.37 5.81
CA ARG E 63 -9.54 5.00 5.23
C ARG E 63 -9.31 6.46 5.63
N PHE E 64 -10.37 7.26 5.70
CA PHE E 64 -10.22 8.69 5.98
C PHE E 64 -10.31 9.10 7.44
N GLN E 65 -10.61 8.17 8.34
CA GLN E 65 -10.71 8.53 9.75
C GLN E 65 -9.38 9.07 10.26
N GLY E 66 -9.42 10.18 10.98
CA GLY E 66 -8.21 10.80 11.50
C GLY E 66 -7.50 11.74 10.54
N LYS E 67 -7.95 11.79 9.30
CA LYS E 67 -7.33 12.64 8.29
C LYS E 67 -8.35 13.64 7.76
N VAL E 68 -9.62 13.38 8.05
CA VAL E 68 -10.70 14.23 7.57
C VAL E 68 -11.52 14.77 8.74
N THR E 69 -12.03 15.98 8.57
CA THR E 69 -12.92 16.59 9.55
C THR E 69 -14.04 17.33 8.85
N MET E 70 -15.28 16.97 9.15
CA MET E 70 -16.40 17.66 8.54
C MET E 70 -17.13 18.48 9.61
N THR E 71 -17.22 19.78 9.34
CA THR E 71 -17.79 20.75 10.27
C THR E 71 -18.94 21.44 9.58
N ARG E 72 -19.70 22.21 10.34
CA ARG E 72 -20.91 22.82 9.83
C ARG E 72 -21.30 24.19 10.41
N ASP E 73 -21.87 25.03 9.54
CA ASP E 73 -22.39 26.35 9.92
C ASP E 73 -23.83 26.44 9.47
N THR E 74 -24.75 26.36 10.42
CA THR E 74 -26.18 26.37 10.12
C THR E 74 -26.75 27.75 9.75
N SER E 75 -26.19 28.81 10.35
CA SER E 75 -26.75 30.14 10.16
C SER E 75 -26.52 30.68 8.75
N ILE E 76 -25.53 30.14 8.05
CA ILE E 76 -25.22 30.57 6.70
C ILE E 76 -25.44 29.46 5.66
N ASP E 77 -25.93 28.32 6.13
CA ASP E 77 -26.21 27.17 5.26
C ASP E 77 -24.97 26.70 4.50
N THR E 78 -23.82 26.72 5.17
CA THR E 78 -22.56 26.33 4.54
C THR E 78 -21.86 25.16 5.25
N ALA E 79 -21.46 24.16 4.47
CA ALA E 79 -20.77 22.99 5.00
C ALA E 79 -19.25 23.06 4.81
N TYR E 80 -18.51 22.46 5.73
CA TYR E 80 -17.05 22.40 5.62
C TYR E 80 -16.53 20.97 5.73
N MET E 81 -15.46 20.69 4.99
CA MET E 81 -14.70 19.46 5.11
C MET E 81 -13.23 19.88 5.14
N GLU E 82 -12.52 19.55 6.20
CA GLU E 82 -11.11 19.91 6.28
C GLU E 82 -10.22 18.68 6.21
N LEU E 83 -9.20 18.77 5.35
CA LEU E 83 -8.32 17.65 5.10
C LEU E 83 -6.92 18.02 5.60
N ARG E 84 -6.30 17.12 6.36
CA ARG E 84 -5.00 17.43 6.97
C ARG E 84 -3.90 16.43 6.63
N ASP E 85 -2.66 16.85 6.86
CA ASP E 85 -1.47 16.06 6.55
C ASP E 85 -1.54 15.67 5.08
N LEU E 86 -1.70 16.68 4.24
CA LEU E 86 -1.82 16.47 2.80
C LEU E 86 -0.59 15.83 2.19
N ARG E 87 -0.85 14.87 1.30
CA ARG E 87 0.19 14.16 0.55
C ARG E 87 0.02 14.47 -0.92
N SER E 88 1.05 14.16 -1.70
CA SER E 88 1.01 14.37 -3.15
C SER E 88 -0.17 13.66 -3.79
N ASP E 89 -0.56 12.52 -3.24
CA ASP E 89 -1.69 11.76 -3.72
C ASP E 89 -3.05 12.28 -3.24
N ASP E 90 -3.03 13.35 -2.48
CA ASP E 90 -4.26 14.02 -2.10
C ASP E 90 -4.67 15.01 -3.19
N THR E 91 -3.82 15.15 -4.19
CA THR E 91 -4.14 15.98 -5.33
C THR E 91 -5.32 15.32 -6.02
N ALA E 92 -6.44 16.02 -6.07
CA ALA E 92 -7.68 15.49 -6.62
C ALA E 92 -8.76 16.57 -6.71
N MET E 93 -9.91 16.20 -7.25
CA MET E 93 -11.08 17.06 -7.26
C MET E 93 -12.05 16.62 -6.16
N TYR E 94 -12.37 17.53 -5.23
CA TYR E 94 -13.27 17.19 -4.13
C TYR E 94 -14.66 17.77 -4.35
N PHE E 95 -15.70 16.96 -4.13
CA PHE E 95 -17.08 17.39 -4.35
C PHE E 95 -17.90 17.34 -3.08
N CYS E 96 -18.61 18.42 -2.75
CA CYS E 96 -19.56 18.34 -1.65
C CYS E 96 -20.84 17.88 -2.30
N VAL E 97 -21.57 17.06 -1.57
CA VAL E 97 -22.76 16.43 -2.09
C VAL E 97 -23.94 16.45 -1.13
N THR E 98 -25.15 16.44 -1.69
CA THR E 98 -26.41 16.38 -0.95
C THR E 98 -27.36 15.45 -1.68
N SER E 99 -28.25 14.82 -0.93
CA SER E 99 -29.14 13.82 -1.47
C SER E 99 -30.49 14.40 -1.85
N ARG E 100 -30.80 14.32 -3.14
CA ARG E 100 -32.05 14.86 -3.66
C ARG E 100 -33.30 14.22 -3.11
N THR E 101 -33.41 12.91 -3.32
CA THR E 101 -34.55 12.18 -2.80
C THR E 101 -34.74 12.47 -1.31
N LYS E 102 -35.95 12.22 -0.82
CA LYS E 102 -36.24 12.44 0.59
C LYS E 102 -36.34 11.07 1.22
N ASP E 103 -35.64 10.90 2.35
CA ASP E 103 -35.58 9.65 3.12
C ASP E 103 -34.46 8.73 2.60
N TYR E 104 -33.76 9.17 1.55
CA TYR E 104 -32.65 8.40 1.03
C TYR E 104 -31.47 9.35 0.79
N ASP E 105 -30.36 9.10 1.47
CA ASP E 105 -29.19 9.97 1.40
C ASP E 105 -28.19 9.75 0.26
N TRP E 106 -28.39 8.73 -0.57
CA TRP E 106 -27.42 8.44 -1.64
C TRP E 106 -27.63 8.93 -3.10
N ASP E 107 -28.74 9.59 -3.42
CA ASP E 107 -28.89 10.08 -4.81
C ASP E 107 -28.37 11.51 -4.79
N PHE E 108 -27.28 11.73 -5.53
CA PHE E 108 -26.55 13.00 -5.49
C PHE E 108 -26.63 14.15 -6.50
N VAL E 109 -26.59 15.36 -5.93
CA VAL E 109 -26.47 16.63 -6.65
C VAL E 109 -25.05 17.01 -6.32
N TRP E 110 -24.26 17.32 -7.32
CA TRP E 110 -22.87 17.61 -7.07
C TRP E 110 -22.53 19.08 -7.24
N GLY E 111 -21.55 19.54 -6.47
CA GLY E 111 -21.08 20.90 -6.57
C GLY E 111 -20.14 20.89 -7.75
N GLN E 112 -19.66 22.05 -8.18
CA GLN E 112 -18.79 22.12 -9.35
C GLN E 112 -17.44 21.44 -9.13
N GLY E 113 -17.13 21.10 -7.88
CA GLY E 113 -15.87 20.46 -7.60
C GLY E 113 -14.81 21.46 -7.20
N THR E 114 -13.92 21.04 -6.31
CA THR E 114 -12.79 21.88 -5.90
C THR E 114 -11.51 21.09 -6.07
N LEU E 115 -10.69 21.51 -7.03
CA LEU E 115 -9.38 20.90 -7.21
C LEU E 115 -8.42 21.32 -6.13
N VAL E 116 -7.81 20.34 -5.48
CA VAL E 116 -6.81 20.63 -4.48
C VAL E 116 -5.50 20.08 -5.02
N VAL E 117 -4.51 20.96 -5.19
CA VAL E 117 -3.23 20.54 -5.71
C VAL E 117 -2.22 20.60 -4.59
N VAL E 118 -1.66 19.44 -4.27
CA VAL E 118 -0.67 19.35 -3.21
C VAL E 118 0.71 19.29 -3.85
N SER E 119 1.45 20.38 -3.72
CA SER E 119 2.78 20.48 -4.29
C SER E 119 3.65 21.37 -3.45
N SER E 120 4.95 21.11 -3.47
CA SER E 120 5.89 21.92 -2.70
C SER E 120 6.36 23.07 -3.56
N ALA E 121 5.87 23.10 -4.79
CA ALA E 121 6.26 24.11 -5.77
C ALA E 121 5.67 25.49 -5.50
N SER E 122 6.37 26.47 -6.05
CA SER E 122 5.98 27.87 -6.02
C SER E 122 5.87 28.23 -7.49
N THR E 123 5.16 29.30 -7.82
CA THR E 123 4.91 29.60 -9.23
C THR E 123 6.25 29.74 -9.96
N LYS E 124 6.33 29.11 -11.13
CA LYS E 124 7.59 29.01 -11.87
C LYS E 124 7.37 28.89 -13.37
N GLY E 125 8.10 29.68 -14.13
CA GLY E 125 7.98 29.64 -15.57
C GLY E 125 8.52 28.35 -16.13
N PRO E 126 8.03 27.93 -17.29
CA PRO E 126 8.46 26.68 -17.92
C PRO E 126 9.79 26.81 -18.64
N SER E 127 10.50 25.70 -18.74
CA SER E 127 11.58 25.59 -19.72
C SER E 127 10.97 25.00 -20.99
N VAL E 128 11.33 25.56 -22.15
CA VAL E 128 10.79 25.08 -23.41
C VAL E 128 11.88 24.50 -24.32
N PHE E 129 11.77 23.21 -24.63
CA PHE E 129 12.76 22.50 -25.42
C PHE E 129 12.19 21.99 -26.74
N PRO E 130 12.96 22.12 -27.83
CA PRO E 130 12.50 21.67 -29.14
C PRO E 130 12.45 20.14 -29.25
N LEU E 131 11.45 19.65 -29.95
CA LEU E 131 11.40 18.25 -30.35
C LEU E 131 11.75 18.22 -31.83
N ALA E 132 13.04 18.10 -32.11
CA ALA E 132 13.54 18.25 -33.47
C ALA E 132 13.07 17.16 -34.41
N PRO E 133 12.70 17.54 -35.64
CA PRO E 133 12.41 16.53 -36.66
C PRO E 133 13.71 15.88 -37.14
N SER E 134 13.67 14.58 -37.39
CA SER E 134 14.82 13.89 -37.96
C SER E 134 14.34 12.69 -38.77
N SER E 135 15.28 11.85 -39.20
CA SER E 135 14.92 10.61 -39.89
C SER E 135 14.07 9.70 -39.01
N LYS E 136 14.31 9.75 -37.70
CA LYS E 136 13.53 8.97 -36.74
C LYS E 136 12.07 9.41 -36.67
N SER E 137 11.84 10.71 -36.86
CA SER E 137 10.48 11.24 -36.77
C SER E 137 9.88 11.57 -38.15
N THR E 138 10.05 10.65 -39.11
CA THR E 138 9.51 10.83 -40.46
C THR E 138 8.92 9.52 -40.97
N SER E 139 7.65 9.56 -41.34
CA SER E 139 6.97 8.42 -41.93
C SER E 139 6.20 8.84 -43.18
N GLY E 140 6.30 8.04 -44.25
CA GLY E 140 5.83 8.47 -45.54
C GLY E 140 6.52 9.77 -45.87
N GLY E 141 5.76 10.77 -46.31
CA GLY E 141 6.32 12.10 -46.49
C GLY E 141 5.88 13.00 -45.36
N THR E 142 5.65 12.41 -44.20
CA THR E 142 5.17 13.16 -43.05
C THR E 142 6.21 13.17 -41.94
N ALA E 143 6.50 14.34 -41.40
CA ALA E 143 7.42 14.42 -40.29
C ALA E 143 6.70 14.95 -39.05
N ALA E 144 7.25 14.65 -37.88
CA ALA E 144 6.67 15.13 -36.65
C ALA E 144 7.68 16.00 -35.92
N LEU E 145 7.19 17.11 -35.38
CA LEU E 145 8.02 17.99 -34.59
C LEU E 145 7.19 18.58 -33.46
N GLY E 146 7.85 19.19 -32.49
CA GLY E 146 7.11 19.74 -31.37
C GLY E 146 7.91 20.45 -30.29
N CYS E 147 7.24 20.71 -29.18
CA CYS E 147 7.85 21.41 -28.06
C CYS E 147 7.61 20.66 -26.79
N LEU E 148 8.61 20.67 -25.92
CA LEU E 148 8.48 20.09 -24.60
C LEU E 148 8.47 21.23 -23.60
N VAL E 149 7.34 21.39 -22.93
CA VAL E 149 7.15 22.46 -21.97
C VAL E 149 7.29 21.89 -20.57
N LYS E 150 8.47 22.01 -19.99
CA LYS E 150 8.82 21.22 -18.82
C LYS E 150 9.03 22.07 -17.56
N ASP E 151 8.53 21.55 -16.44
CA ASP E 151 8.79 22.11 -15.11
C ASP E 151 8.22 23.52 -14.90
N TYR E 152 6.90 23.62 -15.01
CA TYR E 152 6.19 24.87 -14.71
C TYR E 152 5.14 24.61 -13.63
N PHE E 153 4.74 25.68 -12.94
CA PHE E 153 3.70 25.57 -11.93
C PHE E 153 3.11 26.94 -11.69
N PRO E 154 1.78 27.03 -11.57
CA PRO E 154 0.77 25.98 -11.74
C PRO E 154 0.25 25.98 -13.18
N GLU E 155 -0.81 25.22 -13.41
CA GLU E 155 -1.53 25.27 -14.69
C GLU E 155 -2.12 26.67 -14.85
N PRO E 156 -2.39 27.10 -16.09
CA PRO E 156 -2.16 26.43 -17.38
C PRO E 156 -1.03 27.04 -18.20
N VAL E 157 -0.69 26.38 -19.30
CA VAL E 157 0.07 27.01 -20.36
C VAL E 157 -0.75 26.92 -21.63
N THR E 158 -0.56 27.86 -22.53
CA THR E 158 -1.18 27.77 -23.86
C THR E 158 -0.10 27.59 -24.89
N VAL E 159 -0.37 26.76 -25.89
CA VAL E 159 0.59 26.53 -26.95
C VAL E 159 -0.03 26.80 -28.31
N SER E 160 0.68 27.59 -29.12
CA SER E 160 0.27 27.79 -30.50
C SER E 160 1.46 27.54 -31.42
N TRP E 161 1.18 27.44 -32.71
CA TRP E 161 2.25 27.19 -33.66
C TRP E 161 2.24 28.21 -34.79
N ASN E 162 3.41 28.81 -35.04
CA ASN E 162 3.57 29.92 -35.98
C ASN E 162 2.54 31.03 -35.77
N SER E 163 2.32 31.39 -34.50
CA SER E 163 1.42 32.48 -34.13
C SER E 163 -0.03 32.17 -34.46
N GLY E 164 -0.36 30.89 -34.63
CA GLY E 164 -1.71 30.46 -34.95
C GLY E 164 -1.98 30.17 -36.41
N ALA E 165 -0.96 30.33 -37.25
CA ALA E 165 -1.09 29.99 -38.67
C ALA E 165 -1.16 28.49 -38.89
N LEU E 166 -0.55 27.73 -38.00
CA LEU E 166 -0.54 26.27 -38.12
C LEU E 166 -1.41 25.63 -37.06
N THR E 167 -2.56 25.11 -37.48
CA THR E 167 -3.49 24.45 -36.55
C THR E 167 -3.75 22.99 -36.91
N SER E 168 -3.69 22.66 -38.19
CA SER E 168 -4.01 21.31 -38.62
C SER E 168 -2.87 20.36 -38.24
N GLY E 169 -3.23 19.29 -37.54
CA GLY E 169 -2.26 18.28 -37.18
C GLY E 169 -1.61 18.56 -35.83
N VAL E 170 -2.04 19.64 -35.18
CA VAL E 170 -1.50 19.99 -33.88
C VAL E 170 -2.17 19.19 -32.76
N HIS E 171 -1.34 18.64 -31.88
CA HIS E 171 -1.82 18.01 -30.65
C HIS E 171 -1.08 18.57 -29.45
N THR E 172 -1.80 19.23 -28.56
CA THR E 172 -1.22 19.63 -27.28
C THR E 172 -1.76 18.70 -26.21
N PHE E 173 -0.85 17.95 -25.59
CA PHE E 173 -1.26 16.92 -24.64
C PHE E 173 -1.50 17.52 -23.27
N PRO E 174 -2.44 16.93 -22.51
CA PRO E 174 -2.70 17.34 -21.13
C PRO E 174 -1.42 17.34 -20.30
N ALA E 175 -1.29 18.33 -19.43
CA ALA E 175 -0.15 18.42 -18.55
C ALA E 175 -0.08 17.21 -17.65
N VAL E 176 1.13 16.79 -17.32
CA VAL E 176 1.32 15.77 -16.31
C VAL E 176 1.93 16.43 -15.08
N LEU E 177 1.40 16.07 -13.90
CA LEU E 177 1.99 16.56 -12.66
C LEU E 177 3.07 15.58 -12.25
N GLN E 178 4.31 16.07 -12.23
CA GLN E 178 5.46 15.21 -11.97
C GLN E 178 5.67 15.05 -10.47
N SER E 179 6.59 14.16 -10.12
CA SER E 179 6.91 13.90 -8.72
C SER E 179 7.64 15.07 -8.06
N SER E 180 8.22 15.93 -8.88
CA SER E 180 8.91 17.13 -8.39
C SER E 180 7.91 18.20 -7.91
N GLY E 181 6.64 17.99 -8.23
CA GLY E 181 5.61 18.97 -7.91
C GLY E 181 5.40 19.97 -9.02
N LEU E 182 6.14 19.81 -10.11
CA LEU E 182 6.02 20.67 -11.28
C LEU E 182 5.28 19.98 -12.42
N TYR E 183 4.63 20.76 -13.28
CA TYR E 183 3.95 20.20 -14.43
C TYR E 183 4.84 20.12 -15.67
N SER E 184 4.45 19.22 -16.58
CA SER E 184 5.12 19.09 -17.86
C SER E 184 4.14 18.63 -18.93
N LEU E 185 4.28 19.17 -20.13
CA LEU E 185 3.47 18.74 -21.25
C LEU E 185 4.27 18.91 -22.53
N SER E 186 3.78 18.28 -23.59
CA SER E 186 4.40 18.44 -24.89
C SER E 186 3.34 18.81 -25.91
N SER E 187 3.76 19.49 -26.96
CA SER E 187 2.89 19.84 -28.06
C SER E 187 3.57 19.42 -29.34
N VAL E 188 2.85 18.66 -30.16
CA VAL E 188 3.42 18.20 -31.42
C VAL E 188 2.59 18.64 -32.60
N VAL E 189 3.20 18.54 -33.77
CA VAL E 189 2.50 18.79 -35.02
C VAL E 189 3.14 17.93 -36.09
N THR E 190 2.31 17.40 -36.99
CA THR E 190 2.83 16.64 -38.12
C THR E 190 2.73 17.51 -39.37
N VAL E 191 3.79 17.51 -40.16
CA VAL E 191 3.87 18.34 -41.35
C VAL E 191 4.47 17.52 -42.48
N PRO E 192 4.26 17.97 -43.74
CA PRO E 192 4.94 17.29 -44.84
C PRO E 192 6.45 17.40 -44.73
N SER E 193 7.17 16.30 -44.88
CA SER E 193 8.62 16.31 -44.72
C SER E 193 9.27 17.20 -45.77
N SER E 194 8.60 17.33 -46.91
CA SER E 194 9.05 18.19 -48.01
C SER E 194 9.17 19.65 -47.58
N SER E 195 8.40 20.02 -46.56
CA SER E 195 8.34 21.41 -46.12
C SER E 195 9.40 21.75 -45.07
N LEU E 196 10.09 20.73 -44.58
CA LEU E 196 11.12 20.94 -43.55
C LEU E 196 12.22 21.85 -44.06
N GLY E 197 12.47 21.78 -45.37
CA GLY E 197 13.46 22.63 -45.99
C GLY E 197 13.09 24.10 -46.07
N THR E 198 11.82 24.38 -46.38
CA THR E 198 11.39 25.76 -46.58
C THR E 198 10.58 26.40 -45.45
N GLN E 199 9.55 25.73 -44.94
CA GLN E 199 8.71 26.32 -43.89
C GLN E 199 9.40 26.32 -42.52
N THR E 200 9.37 27.46 -41.84
CA THR E 200 9.95 27.55 -40.50
C THR E 200 8.86 27.32 -39.45
N TYR E 201 9.17 26.51 -38.45
CA TYR E 201 8.21 26.22 -37.40
C TYR E 201 8.61 26.81 -36.06
N ILE E 202 7.74 27.65 -35.52
CA ILE E 202 7.94 28.31 -34.25
C ILE E 202 6.81 27.95 -33.27
N CYS E 203 7.16 27.58 -32.05
CA CYS E 203 6.14 27.31 -31.03
C CYS E 203 6.04 28.48 -30.08
N ASN E 204 4.81 28.90 -29.79
CA ASN E 204 4.61 30.03 -28.91
C ASN E 204 3.99 29.50 -27.62
N VAL E 205 4.77 29.59 -26.55
CA VAL E 205 4.35 29.07 -25.25
C VAL E 205 4.10 30.22 -24.30
N ASN E 206 2.88 30.30 -23.80
CA ASN E 206 2.50 31.33 -22.86
C ASN E 206 2.11 30.76 -21.51
N HIS E 207 2.80 31.20 -20.45
CA HIS E 207 2.45 30.80 -19.09
C HIS E 207 2.14 32.04 -18.25
N LYS E 208 0.90 32.50 -18.32
CA LYS E 208 0.49 33.75 -17.65
C LYS E 208 0.82 33.85 -16.14
N PRO E 209 0.68 32.75 -15.37
CA PRO E 209 0.94 32.90 -13.94
C PRO E 209 2.33 33.43 -13.56
N SER E 210 3.33 33.24 -14.42
CA SER E 210 4.65 33.80 -14.18
C SER E 210 5.02 34.79 -15.28
N ASN E 211 4.00 35.22 -16.01
CA ASN E 211 4.18 36.13 -17.15
C ASN E 211 5.28 35.70 -18.13
N THR E 212 5.42 34.40 -18.31
CA THR E 212 6.50 33.86 -19.16
C THR E 212 6.00 33.56 -20.56
N LYS E 213 6.66 34.12 -21.57
CA LYS E 213 6.34 33.82 -22.95
C LYS E 213 7.61 33.37 -23.64
N VAL E 214 7.52 32.36 -24.48
CA VAL E 214 8.71 31.81 -25.11
C VAL E 214 8.38 31.37 -26.53
N ASP E 215 9.12 31.92 -27.50
CA ASP E 215 8.99 31.46 -28.87
C ASP E 215 10.20 30.60 -29.15
N LYS E 216 9.96 29.35 -29.53
CA LYS E 216 11.06 28.44 -29.79
C LYS E 216 10.99 27.91 -31.21
N LYS E 217 12.05 28.15 -31.96
CA LYS E 217 12.13 27.68 -33.33
C LYS E 217 12.58 26.22 -33.32
N VAL E 218 11.81 25.37 -34.00
CA VAL E 218 12.10 23.94 -34.05
C VAL E 218 12.77 23.59 -35.38
N GLU E 219 14.05 23.25 -35.31
CA GLU E 219 14.83 22.95 -36.51
C GLU E 219 15.22 21.47 -36.56
N PRO E 220 15.42 20.94 -37.78
CA PRO E 220 15.84 19.55 -37.97
C PRO E 220 17.10 19.18 -37.21
N ILE F 2 -20.31 -3.63 0.28
CA ILE F 2 -20.65 -4.07 -1.06
C ILE F 2 -19.67 -3.51 -2.10
N GLN F 3 -19.50 -4.20 -3.22
CA GLN F 3 -18.63 -3.71 -4.27
C GLN F 3 -19.36 -3.66 -5.60
N MET F 4 -19.16 -2.58 -6.36
CA MET F 4 -19.79 -2.47 -7.67
C MET F 4 -18.76 -2.55 -8.79
N THR F 5 -19.01 -3.43 -9.75
CA THR F 5 -18.13 -3.64 -10.89
C THR F 5 -18.85 -3.27 -12.17
N GLN F 6 -18.23 -2.41 -12.98
CA GLN F 6 -18.82 -1.98 -14.24
C GLN F 6 -18.18 -2.58 -15.47
N SER F 7 -19.01 -2.68 -16.51
CA SER F 7 -18.60 -3.16 -17.81
C SER F 7 -19.39 -2.37 -18.86
N PRO F 8 -18.76 -2.05 -20.00
CA PRO F 8 -17.34 -2.31 -20.28
C PRO F 8 -16.49 -1.20 -19.70
N VAL F 9 -15.18 -1.39 -19.59
CA VAL F 9 -14.31 -0.31 -19.11
C VAL F 9 -14.39 0.86 -20.10
N THR F 10 -14.43 0.52 -21.39
CA THR F 10 -14.59 1.49 -22.46
C THR F 10 -15.68 0.98 -23.39
N LEU F 11 -16.48 1.89 -23.94
CA LEU F 11 -17.59 1.49 -24.78
C LEU F 11 -17.59 2.30 -26.06
N SER F 12 -17.48 1.59 -27.17
CA SER F 12 -17.30 2.20 -28.48
C SER F 12 -18.51 1.94 -29.38
N ALA F 13 -19.29 2.98 -29.65
CA ALA F 13 -20.51 2.86 -30.44
C ALA F 13 -20.72 3.98 -31.45
N SER F 14 -21.48 3.68 -32.49
CA SER F 14 -21.83 4.67 -33.52
C SER F 14 -23.04 5.47 -33.07
N ILE F 15 -23.17 6.70 -33.57
CA ILE F 15 -24.31 7.53 -33.19
C ILE F 15 -25.63 6.91 -33.68
N GLY F 16 -26.66 7.00 -32.84
CA GLY F 16 -27.96 6.47 -33.16
C GLY F 16 -28.14 5.02 -32.77
N ASP F 17 -27.08 4.41 -32.23
CA ASP F 17 -27.13 3.01 -31.83
C ASP F 17 -27.60 2.85 -30.40
N ARG F 18 -28.13 1.68 -30.07
CA ARG F 18 -28.51 1.45 -28.69
C ARG F 18 -27.27 1.02 -27.92
N VAL F 19 -27.11 1.59 -26.73
CA VAL F 19 -25.97 1.33 -25.87
C VAL F 19 -26.36 0.79 -24.50
N THR F 20 -25.72 -0.30 -24.07
CA THR F 20 -25.99 -0.88 -22.76
C THR F 20 -24.75 -1.03 -21.88
N ILE F 21 -24.84 -0.53 -20.64
CA ILE F 21 -23.76 -0.58 -19.67
C ILE F 21 -24.15 -1.47 -18.50
N THR F 22 -23.26 -2.37 -18.09
CA THR F 22 -23.57 -3.33 -17.04
C THR F 22 -22.87 -3.06 -15.71
N CYS F 23 -23.63 -3.12 -14.62
CA CYS F 23 -23.11 -2.94 -13.26
C CYS F 23 -23.52 -4.15 -12.40
N ARG F 24 -22.55 -4.79 -11.76
CA ARG F 24 -22.80 -5.97 -10.93
C ARG F 24 -22.51 -5.74 -9.45
N ALA F 25 -23.42 -6.21 -8.59
CA ALA F 25 -23.27 -6.06 -7.14
C ALA F 25 -22.95 -7.38 -6.44
N SER F 26 -21.85 -7.38 -5.72
CA SER F 26 -21.36 -8.57 -5.01
C SER F 26 -22.25 -9.06 -3.86
N GLN F 27 -22.80 -8.15 -3.07
CA GLN F 27 -23.62 -8.53 -1.90
C GLN F 27 -24.87 -9.33 -2.25
N ARG F 28 -25.47 -9.00 -3.40
CA ARG F 28 -26.65 -9.68 -3.97
C ARG F 28 -28.02 -9.18 -3.49
N ILE F 29 -28.07 -8.12 -2.68
CA ILE F 29 -29.36 -7.62 -2.22
C ILE F 29 -29.47 -6.11 -2.45
N ASP F 30 -29.67 -5.71 -3.70
CA ASP F 30 -29.80 -4.30 -4.04
C ASP F 30 -31.11 -3.95 -4.75
N ASN F 31 -31.89 -3.03 -4.16
CA ASN F 31 -33.12 -2.58 -4.83
C ASN F 31 -33.02 -1.11 -5.27
N TRP F 32 -31.96 -0.44 -4.82
CA TRP F 32 -31.75 0.98 -5.09
C TRP F 32 -30.43 1.16 -5.80
N VAL F 33 -30.42 1.84 -6.94
CA VAL F 33 -29.19 2.01 -7.72
C VAL F 33 -29.27 3.32 -8.48
N ALA F 34 -28.19 4.09 -8.43
CA ALA F 34 -28.11 5.32 -9.19
C ALA F 34 -27.11 5.24 -10.34
N TRP F 35 -27.40 5.98 -11.40
CA TRP F 35 -26.45 6.18 -12.49
C TRP F 35 -26.13 7.66 -12.64
N TYR F 36 -24.89 7.95 -13.03
CA TYR F 36 -24.44 9.33 -13.22
C TYR F 36 -23.72 9.50 -14.55
N GLN F 37 -23.81 10.70 -15.12
CA GLN F 37 -23.02 11.04 -16.29
C GLN F 37 -22.02 12.12 -15.93
N GLN F 38 -20.77 11.92 -16.32
CA GLN F 38 -19.74 12.93 -16.15
C GLN F 38 -19.01 13.21 -17.45
N LYS F 39 -18.96 14.48 -17.84
CA LYS F 39 -18.23 14.90 -19.03
C LYS F 39 -16.89 15.48 -18.61
N PRO F 40 -15.89 15.47 -19.52
CA PRO F 40 -14.56 16.01 -19.18
C PRO F 40 -14.62 17.42 -18.61
N GLY F 41 -14.04 17.61 -17.43
CA GLY F 41 -13.93 18.94 -16.84
C GLY F 41 -15.14 19.44 -16.05
N ARG F 42 -16.14 18.58 -15.84
CA ARG F 42 -17.35 18.98 -15.12
C ARG F 42 -17.78 17.96 -14.06
N ALA F 43 -18.61 18.42 -13.14
CA ALA F 43 -19.19 17.55 -12.11
C ALA F 43 -20.16 16.52 -12.69
N PRO F 44 -20.30 15.37 -12.02
CA PRO F 44 -21.31 14.40 -12.43
C PRO F 44 -22.74 14.91 -12.33
N LYS F 45 -23.61 14.31 -13.14
CA LYS F 45 -25.02 14.68 -13.24
C LYS F 45 -25.84 13.42 -13.03
N LEU F 46 -26.78 13.44 -12.10
CA LEU F 46 -27.61 12.27 -11.84
C LEU F 46 -28.54 11.99 -13.03
N LEU F 47 -28.51 10.75 -13.53
CA LEU F 47 -29.36 10.33 -14.64
C LEU F 47 -30.51 9.45 -14.16
N ILE F 48 -30.17 8.42 -13.40
CA ILE F 48 -31.14 7.42 -12.99
C ILE F 48 -30.97 7.15 -11.50
N TYR F 49 -32.09 6.96 -10.79
CA TYR F 49 -32.03 6.51 -9.40
C TYR F 49 -33.10 5.45 -9.18
N LYS F 50 -32.93 4.64 -8.13
CA LYS F 50 -33.84 3.53 -7.82
C LYS F 50 -33.84 2.51 -8.95
N ALA F 51 -32.70 2.41 -9.64
CA ALA F 51 -32.47 1.49 -10.76
C ALA F 51 -33.17 1.90 -12.06
N SER F 52 -34.50 2.08 -12.02
CA SER F 52 -35.24 2.41 -13.24
C SER F 52 -35.92 3.78 -13.30
N ILE F 53 -35.56 4.73 -12.44
CA ILE F 53 -36.23 6.03 -12.45
C ILE F 53 -35.37 7.19 -12.97
N LEU F 54 -35.91 7.86 -13.98
CA LEU F 54 -35.27 9.01 -14.63
C LEU F 54 -35.31 10.31 -13.85
N GLU F 55 -34.17 10.99 -13.78
CA GLU F 55 -34.07 12.30 -13.15
C GLU F 55 -34.79 13.32 -14.01
N THR F 56 -35.34 14.36 -13.39
CA THR F 56 -36.09 15.34 -14.14
C THR F 56 -35.17 16.02 -15.15
N GLY F 57 -35.69 16.28 -16.35
CA GLY F 57 -34.90 16.94 -17.38
C GLY F 57 -34.01 16.01 -18.19
N VAL F 58 -34.09 14.72 -17.93
CA VAL F 58 -33.27 13.75 -18.67
C VAL F 58 -34.09 13.20 -19.83
N PRO F 59 -33.46 13.08 -21.01
CA PRO F 59 -34.15 12.57 -22.21
C PRO F 59 -34.66 11.14 -22.07
N SER F 60 -35.76 10.85 -22.76
CA SER F 60 -36.42 9.54 -22.69
C SER F 60 -35.55 8.37 -23.15
N ARG F 61 -34.53 8.65 -23.95
CA ARG F 61 -33.65 7.60 -24.44
C ARG F 61 -32.89 6.87 -23.33
N PHE F 62 -32.80 7.49 -22.17
CA PHE F 62 -32.10 6.89 -21.03
C PHE F 62 -33.06 6.05 -20.19
N SER F 63 -32.70 4.80 -19.97
CA SER F 63 -33.46 3.91 -19.09
C SER F 63 -32.53 3.04 -18.24
N GLY F 64 -33.01 2.63 -17.07
CA GLY F 64 -32.26 1.73 -16.22
C GLY F 64 -33.09 0.52 -15.83
N SER F 65 -32.46 -0.63 -15.64
CA SER F 65 -33.18 -1.81 -15.15
C SER F 65 -32.32 -2.74 -14.30
N GLY F 66 -32.94 -3.84 -13.89
CA GLY F 66 -32.24 -4.91 -13.18
C GLY F 66 -32.70 -5.16 -11.75
N SER F 67 -32.51 -6.40 -11.31
CA SER F 67 -32.85 -6.82 -9.94
C SER F 67 -31.74 -7.69 -9.37
N GLY F 68 -31.61 -7.70 -8.04
CA GLY F 68 -30.56 -8.48 -7.41
C GLY F 68 -29.15 -8.03 -7.74
N THR F 69 -28.32 -8.96 -8.21
CA THR F 69 -26.92 -8.69 -8.53
C THR F 69 -26.61 -7.76 -9.72
N GLU F 70 -27.37 -7.88 -10.80
CA GLU F 70 -27.04 -7.16 -12.03
C GLU F 70 -27.97 -6.00 -12.41
N PHE F 71 -27.39 -4.84 -12.73
CA PHE F 71 -28.15 -3.67 -13.14
C PHE F 71 -27.57 -3.06 -14.42
N THR F 72 -28.44 -2.47 -15.24
CA THR F 72 -28.01 -1.92 -16.51
C THR F 72 -28.51 -0.50 -16.80
N LEU F 73 -27.68 0.29 -17.46
CA LEU F 73 -28.03 1.63 -17.93
C LEU F 73 -28.05 1.58 -19.44
N SER F 74 -29.16 1.98 -20.05
CA SER F 74 -29.29 1.91 -21.50
C SER F 74 -29.69 3.21 -22.19
N ILE F 75 -29.05 3.48 -23.33
CA ILE F 75 -29.37 4.62 -24.18
C ILE F 75 -30.03 4.07 -25.44
N ASN F 76 -31.26 4.49 -25.71
CA ASN F 76 -32.03 3.93 -26.82
C ASN F 76 -31.41 4.24 -28.17
N SER F 77 -31.03 5.51 -28.35
CA SER F 77 -30.39 5.93 -29.58
C SER F 77 -29.36 7.01 -29.28
N LEU F 78 -28.09 6.65 -29.42
CA LEU F 78 -27.00 7.49 -28.94
C LEU F 78 -27.00 8.85 -29.62
N GLN F 79 -26.96 9.90 -28.80
CA GLN F 79 -26.85 11.28 -29.27
C GLN F 79 -25.44 11.79 -29.00
N PRO F 80 -24.88 12.65 -29.88
CA PRO F 80 -23.49 13.07 -29.71
C PRO F 80 -23.23 13.74 -28.37
N ASP F 81 -24.30 14.19 -27.73
CA ASP F 81 -24.24 14.83 -26.42
C ASP F 81 -24.11 13.78 -25.31
N ASP F 82 -24.31 12.52 -25.66
CA ASP F 82 -24.30 11.44 -24.67
C ASP F 82 -22.89 10.89 -24.48
N VAL F 83 -21.94 11.41 -25.23
CA VAL F 83 -20.57 10.93 -25.17
C VAL F 83 -19.84 11.43 -23.93
N ALA F 84 -19.62 10.53 -22.98
CA ALA F 84 -19.06 10.87 -21.68
C ALA F 84 -18.78 9.64 -20.83
N THR F 85 -18.28 9.86 -19.62
CA THR F 85 -18.00 8.79 -18.66
C THR F 85 -19.21 8.55 -17.74
N TYR F 86 -19.62 7.29 -17.63
CA TYR F 86 -20.81 6.94 -16.81
C TYR F 86 -20.48 6.09 -15.59
N TYR F 87 -21.03 6.47 -14.43
CA TYR F 87 -20.81 5.73 -13.18
C TYR F 87 -22.12 5.19 -12.61
N CYS F 88 -22.09 4.00 -12.02
CA CYS F 88 -23.23 3.50 -11.26
C CYS F 88 -22.92 3.59 -9.77
N GLN F 89 -23.93 3.42 -8.93
CA GLN F 89 -23.72 3.64 -7.51
C GLN F 89 -24.65 2.84 -6.60
N GLN F 90 -24.07 2.32 -5.53
CA GLN F 90 -24.80 1.64 -4.47
C GLN F 90 -24.26 2.15 -3.14
N PHE F 91 -25.03 2.97 -2.44
CA PHE F 91 -24.61 3.55 -1.17
C PHE F 91 -23.28 4.29 -1.36
N GLU F 92 -22.28 4.02 -0.51
CA GLU F 92 -21.02 4.74 -0.62
C GLU F 92 -20.11 4.23 -1.75
N GLU F 93 -20.56 3.23 -2.48
CA GLU F 93 -19.73 2.64 -3.53
C GLU F 93 -20.12 3.00 -4.97
N PHE F 94 -19.09 3.27 -5.78
CA PHE F 94 -19.26 3.58 -7.19
C PHE F 94 -18.62 2.51 -8.07
N GLY F 95 -19.12 2.34 -9.29
CA GLY F 95 -18.48 1.47 -10.26
C GLY F 95 -17.23 2.15 -10.77
N ARG F 96 -16.37 1.40 -11.47
CA ARG F 96 -15.12 1.99 -11.96
C ARG F 96 -15.39 3.08 -13.01
N GLY F 97 -16.54 3.01 -13.68
CA GLY F 97 -16.83 3.96 -14.74
C GLY F 97 -16.74 3.36 -16.13
N THR F 98 -17.69 3.72 -16.98
CA THR F 98 -17.68 3.33 -18.39
C THR F 98 -17.58 4.57 -19.28
N LYS F 99 -16.58 4.59 -20.16
CA LYS F 99 -16.39 5.71 -21.06
C LYS F 99 -17.00 5.42 -22.43
N ILE F 100 -18.17 6.01 -22.69
CA ILE F 100 -18.72 6.00 -24.04
C ILE F 100 -17.87 6.82 -25.01
N ASP F 101 -17.42 6.14 -26.05
CA ASP F 101 -16.55 6.67 -27.07
C ASP F 101 -17.16 6.49 -28.47
N ILE F 102 -17.09 7.50 -29.33
CA ILE F 102 -17.62 7.39 -30.69
C ILE F 102 -16.70 6.56 -31.59
N LYS F 103 -17.22 5.47 -32.14
CA LYS F 103 -16.40 4.53 -32.91
C LYS F 103 -16.06 4.94 -34.34
N ARG F 104 -14.82 4.64 -34.70
CA ARG F 104 -14.24 4.91 -36.00
C ARG F 104 -13.59 3.62 -36.45
N THR F 105 -13.42 3.41 -37.76
CA THR F 105 -12.76 2.19 -38.22
C THR F 105 -11.35 2.16 -37.63
N VAL F 106 -10.86 0.97 -37.30
CA VAL F 106 -9.54 0.83 -36.67
C VAL F 106 -8.43 1.53 -37.46
N ALA F 107 -7.64 2.33 -36.76
CA ALA F 107 -6.51 3.03 -37.35
C ALA F 107 -5.24 2.84 -36.52
N ALA F 108 -4.18 2.41 -37.18
CA ALA F 108 -2.88 2.20 -36.53
C ALA F 108 -2.17 3.51 -36.22
N PRO F 109 -1.46 3.56 -35.09
CA PRO F 109 -0.67 4.75 -34.73
C PRO F 109 0.51 4.98 -35.67
N SER F 110 0.74 6.23 -36.03
CA SER F 110 2.03 6.62 -36.60
C SER F 110 2.94 6.88 -35.43
N VAL F 111 4.08 6.19 -35.37
CA VAL F 111 4.93 6.31 -34.19
C VAL F 111 6.18 7.12 -34.49
N PHE F 112 6.42 8.11 -33.65
CA PHE F 112 7.58 8.98 -33.80
C PHE F 112 8.33 9.04 -32.48
N ILE F 113 9.64 9.21 -32.55
CA ILE F 113 10.44 9.31 -31.33
C ILE F 113 11.38 10.50 -31.42
N PHE F 114 11.55 11.20 -30.30
CA PHE F 114 12.35 12.40 -30.23
C PHE F 114 13.44 12.23 -29.19
N PRO F 115 14.71 12.34 -29.61
CA PRO F 115 15.83 12.35 -28.67
C PRO F 115 15.80 13.61 -27.81
N PRO F 116 16.51 13.60 -26.67
CA PRO F 116 16.56 14.83 -25.88
C PRO F 116 17.30 15.93 -26.60
N SER F 117 16.85 17.16 -26.41
CA SER F 117 17.48 18.32 -27.03
C SER F 117 18.83 18.56 -26.37
N ASP F 118 19.76 19.15 -27.10
CA ASP F 118 21.07 19.46 -26.56
C ASP F 118 20.88 20.42 -25.40
N GLU F 119 19.92 21.33 -25.57
CA GLU F 119 19.56 22.34 -24.58
C GLU F 119 19.05 21.75 -23.26
N GLN F 120 18.24 20.70 -23.33
CA GLN F 120 17.76 20.06 -22.10
C GLN F 120 18.92 19.44 -21.33
N LEU F 121 19.86 18.86 -22.07
CA LEU F 121 21.02 18.18 -21.48
C LEU F 121 21.81 19.14 -20.60
N LYS F 122 21.83 20.41 -21.00
CA LYS F 122 22.50 21.46 -20.24
C LYS F 122 21.94 21.55 -18.83
N SER F 123 20.63 21.36 -18.69
CA SER F 123 19.96 21.37 -17.39
C SER F 123 20.45 20.25 -16.47
N GLY F 124 20.80 19.11 -17.07
CA GLY F 124 21.24 17.96 -16.29
C GLY F 124 20.28 16.79 -16.31
N THR F 125 19.16 16.94 -17.03
CA THR F 125 18.16 15.88 -17.16
C THR F 125 17.82 15.66 -18.64
N ALA F 126 17.62 14.40 -19.03
CA ALA F 126 17.31 14.05 -20.42
C ALA F 126 15.93 13.43 -20.61
N SER F 127 15.14 14.00 -21.51
CA SER F 127 13.82 13.47 -21.80
C SER F 127 13.74 12.85 -23.20
N VAL F 128 13.26 11.62 -23.26
CA VAL F 128 13.02 10.99 -24.54
C VAL F 128 11.51 10.94 -24.75
N VAL F 129 11.06 11.30 -25.95
CA VAL F 129 9.62 11.40 -26.19
C VAL F 129 9.19 10.47 -27.31
N CYS F 130 8.11 9.73 -27.06
CA CYS F 130 7.53 8.84 -28.04
C CYS F 130 6.11 9.33 -28.35
N LEU F 131 5.81 9.50 -29.62
CA LEU F 131 4.47 9.93 -30.04
C LEU F 131 3.69 8.84 -30.77
N LEU F 132 2.47 8.62 -30.32
CA LEU F 132 1.54 7.72 -31.00
C LEU F 132 0.45 8.59 -31.62
N ASN F 133 0.48 8.76 -32.93
CA ASN F 133 -0.35 9.77 -33.59
C ASN F 133 -1.56 9.22 -34.31
N ASN F 134 -2.72 9.80 -34.00
CA ASN F 134 -3.96 9.56 -34.72
C ASN F 134 -4.29 8.07 -34.82
N PHE F 135 -4.73 7.48 -33.72
CA PHE F 135 -5.00 6.06 -33.69
C PHE F 135 -6.37 5.79 -33.08
N TYR F 136 -6.91 4.60 -33.35
CA TYR F 136 -8.15 4.17 -32.74
C TYR F 136 -8.21 2.65 -32.77
N PRO F 137 -8.67 2.01 -31.67
CA PRO F 137 -9.23 2.59 -30.44
C PRO F 137 -8.19 3.19 -29.47
N ARG F 138 -8.68 3.75 -28.37
CA ARG F 138 -7.83 4.44 -27.40
C ARG F 138 -6.80 3.54 -26.71
N GLU F 139 -7.18 2.30 -26.45
CA GLU F 139 -6.32 1.35 -25.75
C GLU F 139 -4.99 1.17 -26.50
N ALA F 140 -3.89 1.56 -25.85
CA ALA F 140 -2.55 1.44 -26.44
C ALA F 140 -1.50 1.22 -25.36
N LYS F 141 -0.53 0.36 -25.67
CA LYS F 141 0.55 0.03 -24.74
C LYS F 141 1.90 0.51 -25.24
N VAL F 142 2.57 1.32 -24.43
CA VAL F 142 3.91 1.83 -24.75
C VAL F 142 4.96 1.25 -23.81
N GLN F 143 6.01 0.65 -24.36
CA GLN F 143 7.14 0.15 -23.56
C GLN F 143 8.48 0.78 -23.95
N TRP F 144 9.25 1.21 -22.95
CA TRP F 144 10.55 1.83 -23.17
C TRP F 144 11.71 0.85 -22.97
N LYS F 145 12.61 0.80 -23.95
CA LYS F 145 13.78 -0.06 -23.84
C LYS F 145 15.07 0.72 -24.07
N VAL F 146 16.01 0.55 -23.15
CA VAL F 146 17.31 1.21 -23.26
C VAL F 146 18.39 0.14 -23.31
N ASP F 147 19.08 0.05 -24.45
CA ASP F 147 19.97 -1.06 -24.74
C ASP F 147 19.26 -2.40 -24.52
N ASN F 148 17.99 -2.42 -24.94
CA ASN F 148 17.11 -3.59 -24.87
C ASN F 148 16.72 -3.96 -23.44
N ALA F 149 17.06 -3.11 -22.48
CA ALA F 149 16.68 -3.34 -21.09
C ALA F 149 15.36 -2.61 -20.84
N LEU F 150 14.40 -3.32 -20.25
CA LEU F 150 13.08 -2.77 -20.01
C LEU F 150 13.07 -1.67 -18.97
N GLN F 151 12.42 -0.56 -19.28
CA GLN F 151 12.30 0.56 -18.35
C GLN F 151 10.93 0.49 -17.69
N SER F 152 10.86 0.82 -16.40
CA SER F 152 9.58 0.98 -15.74
C SER F 152 9.60 2.06 -14.65
N GLY F 153 8.52 2.82 -14.55
CA GLY F 153 8.34 3.81 -13.50
C GLY F 153 9.13 5.09 -13.72
N ASN F 154 9.83 5.16 -14.86
CA ASN F 154 10.57 6.35 -15.22
C ASN F 154 10.05 6.93 -16.51
N SER F 155 8.78 6.62 -16.80
CA SER F 155 8.10 7.18 -17.95
C SER F 155 6.71 7.64 -17.53
N GLN F 156 6.22 8.68 -18.18
CA GLN F 156 4.87 9.17 -17.96
C GLN F 156 4.23 9.42 -19.31
N GLU F 157 2.93 9.21 -19.40
CA GLU F 157 2.24 9.40 -20.67
C GLU F 157 0.94 10.18 -20.55
N SER F 158 0.49 10.73 -21.67
CA SER F 158 -0.72 11.52 -21.69
C SER F 158 -1.45 11.31 -23.01
N VAL F 159 -2.78 11.36 -22.98
CA VAL F 159 -3.57 11.09 -24.16
C VAL F 159 -4.57 12.22 -24.39
N THR F 160 -4.71 12.62 -25.65
CA THR F 160 -5.66 13.67 -26.01
C THR F 160 -7.10 13.16 -25.96
N GLU F 161 -8.05 14.08 -25.93
CA GLU F 161 -9.45 13.74 -26.08
C GLU F 161 -9.70 13.24 -27.50
N GLN F 162 -10.82 12.55 -27.70
CA GLN F 162 -11.13 12.06 -29.04
C GLN F 162 -11.32 13.22 -29.98
N ASP F 163 -10.61 13.19 -31.10
CA ASP F 163 -10.65 14.28 -32.06
C ASP F 163 -12.04 14.40 -32.67
N SER F 164 -12.58 15.62 -32.68
CA SER F 164 -13.95 15.84 -33.12
C SER F 164 -14.15 15.67 -34.62
N LYS F 165 -13.06 15.78 -35.39
CA LYS F 165 -13.09 15.61 -36.84
C LYS F 165 -12.99 14.15 -37.27
N ASP F 166 -11.89 13.51 -36.90
CA ASP F 166 -11.59 12.17 -37.41
C ASP F 166 -11.64 11.07 -36.35
N SER F 167 -12.07 11.43 -35.14
CA SER F 167 -12.28 10.49 -34.03
C SER F 167 -11.08 9.63 -33.66
N THR F 168 -9.87 10.12 -33.91
CA THR F 168 -8.68 9.41 -33.47
C THR F 168 -8.17 9.95 -32.14
N TYR F 169 -7.21 9.24 -31.56
CA TYR F 169 -6.55 9.66 -30.34
C TYR F 169 -5.08 9.86 -30.65
N SER F 170 -4.38 10.60 -29.80
CA SER F 170 -2.92 10.63 -29.87
C SER F 170 -2.36 10.47 -28.47
N LEU F 171 -1.17 9.89 -28.38
CA LEU F 171 -0.57 9.61 -27.09
C LEU F 171 0.87 10.07 -27.11
N SER F 172 1.31 10.64 -26.00
CA SER F 172 2.71 11.05 -25.84
C SER F 172 3.30 10.34 -24.63
N SER F 173 4.46 9.71 -24.81
CA SER F 173 5.13 9.07 -23.70
C SER F 173 6.49 9.71 -23.51
N THR F 174 6.81 10.03 -22.27
CA THR F 174 8.06 10.70 -21.98
C THR F 174 8.89 9.82 -21.06
N LEU F 175 10.07 9.47 -21.52
CA LEU F 175 11.00 8.71 -20.70
C LEU F 175 11.98 9.69 -20.14
N THR F 176 12.17 9.67 -18.83
CA THR F 176 13.00 10.66 -18.19
C THR F 176 14.19 9.95 -17.60
N LEU F 177 15.37 10.40 -18.03
CA LEU F 177 16.62 9.88 -17.53
C LEU F 177 17.51 11.02 -17.12
N SER F 178 18.55 10.71 -16.38
CA SER F 178 19.60 11.69 -16.10
C SER F 178 20.55 11.84 -17.27
N LYS F 179 21.26 12.97 -17.31
CA LYS F 179 22.28 13.19 -18.32
C LYS F 179 23.33 12.11 -18.31
N ALA F 180 23.81 11.77 -17.12
CA ALA F 180 24.84 10.75 -16.96
C ALA F 180 24.34 9.39 -17.42
N ASP F 181 23.15 9.02 -16.98
CA ASP F 181 22.55 7.75 -17.34
C ASP F 181 22.27 7.75 -18.84
N TYR F 182 21.78 8.87 -19.36
CA TYR F 182 21.50 8.98 -20.79
C TYR F 182 22.74 8.73 -21.63
N GLU F 183 23.88 9.21 -21.15
CA GLU F 183 25.13 9.08 -21.90
C GLU F 183 25.85 7.76 -21.63
N LYS F 184 25.40 6.99 -20.66
CA LYS F 184 25.98 5.67 -20.40
C LYS F 184 25.42 4.60 -21.32
N HIS F 185 24.41 4.95 -22.11
CA HIS F 185 23.78 3.97 -23.00
C HIS F 185 23.65 4.44 -24.44
N LYS F 186 23.35 3.51 -25.33
CA LYS F 186 23.43 3.76 -26.77
C LYS F 186 22.08 3.79 -27.49
N VAL F 187 21.32 2.71 -27.39
CA VAL F 187 20.10 2.60 -28.19
C VAL F 187 18.86 2.87 -27.37
N TYR F 188 18.06 3.83 -27.83
CA TYR F 188 16.83 4.18 -27.14
C TYR F 188 15.62 3.86 -28.02
N ALA F 189 14.67 3.11 -27.46
CA ALA F 189 13.54 2.61 -28.24
C ALA F 189 12.23 2.54 -27.45
N CYS F 190 11.15 2.96 -28.08
CA CYS F 190 9.81 2.73 -27.55
C CYS F 190 9.09 1.71 -28.42
N GLU F 191 8.42 0.77 -27.78
CA GLU F 191 7.74 -0.30 -28.49
C GLU F 191 6.23 -0.15 -28.34
N VAL F 192 5.53 -0.09 -29.46
CA VAL F 192 4.11 0.23 -29.44
C VAL F 192 3.24 -0.98 -29.75
N THR F 193 2.30 -1.25 -28.85
CA THR F 193 1.32 -2.30 -29.05
C THR F 193 -0.06 -1.69 -29.14
N HIS F 194 -0.76 -2.01 -30.22
CA HIS F 194 -2.12 -1.51 -30.44
C HIS F 194 -2.80 -2.54 -31.33
N GLN F 195 -4.10 -2.73 -31.16
CA GLN F 195 -4.76 -3.81 -31.89
C GLN F 195 -4.74 -3.57 -33.41
N GLY F 196 -4.46 -2.34 -33.83
CA GLY F 196 -4.40 -2.03 -35.24
C GLY F 196 -3.10 -2.45 -35.89
N LEU F 197 -2.11 -2.81 -35.06
CA LEU F 197 -0.81 -3.28 -35.53
C LEU F 197 -0.66 -4.78 -35.33
N SER F 198 -0.32 -5.49 -36.40
CA SER F 198 -0.18 -6.94 -36.36
C SER F 198 0.89 -7.41 -35.37
N SER F 199 2.01 -6.72 -35.31
CA SER F 199 3.00 -6.96 -34.26
C SER F 199 3.47 -5.61 -33.73
N PRO F 200 4.07 -5.59 -32.54
CA PRO F 200 4.58 -4.32 -32.00
C PRO F 200 5.57 -3.61 -32.91
N VAL F 201 5.37 -2.31 -33.09
CA VAL F 201 6.26 -1.48 -33.89
C VAL F 201 7.27 -0.82 -32.95
N THR F 202 8.55 -0.89 -33.31
CA THR F 202 9.60 -0.28 -32.49
C THR F 202 10.28 0.87 -33.22
N LYS F 203 10.22 2.05 -32.63
CA LYS F 203 10.98 3.20 -33.10
C LYS F 203 12.16 3.48 -32.19
N SER F 204 13.33 3.70 -32.78
CA SER F 204 14.54 3.83 -32.00
C SER F 204 15.50 4.82 -32.63
N PHE F 205 16.53 5.18 -31.88
CA PHE F 205 17.60 6.00 -32.41
C PHE F 205 18.91 5.68 -31.68
N ASN F 206 20.01 5.89 -32.37
CA ASN F 206 21.33 5.70 -31.78
C ASN F 206 21.92 7.02 -31.33
N ARG F 207 22.16 7.16 -30.03
CA ARG F 207 22.83 8.34 -29.48
C ARG F 207 24.22 8.53 -30.06
N GLN G 1 -24.25 32.99 48.64
CA GLN G 1 -23.32 32.12 47.95
C GLN G 1 -22.09 31.86 48.83
N VAL G 2 -21.71 30.60 49.01
CA VAL G 2 -20.50 30.25 49.77
C VAL G 2 -19.25 30.57 48.97
N GLN G 3 -18.33 31.34 49.56
CA GLN G 3 -17.05 31.64 48.93
C GLN G 3 -15.86 31.59 49.88
N LEU G 4 -14.78 30.98 49.42
CA LEU G 4 -13.49 31.08 50.07
C LEU G 4 -12.47 31.76 49.15
N VAL G 5 -11.90 32.86 49.61
CA VAL G 5 -10.94 33.63 48.82
C VAL G 5 -9.57 33.61 49.49
N GLU G 6 -8.61 32.95 48.84
CA GLU G 6 -7.25 32.88 49.39
C GLU G 6 -6.29 33.92 48.88
N SER G 7 -5.16 34.01 49.56
CA SER G 7 -4.11 34.96 49.22
C SER G 7 -3.47 34.69 47.87
N GLY G 8 -2.69 35.65 47.41
CA GLY G 8 -2.02 35.56 46.12
C GLY G 8 -0.89 34.55 46.13
N THR G 9 -0.35 34.26 44.96
CA THR G 9 0.72 33.27 44.86
C THR G 9 1.90 33.72 45.71
N GLN G 10 2.59 32.77 46.33
CA GLN G 10 3.70 33.13 47.19
C GLN G 10 5.01 32.57 46.66
N PHE G 11 6.09 33.27 46.92
CA PHE G 11 7.42 32.83 46.54
C PHE G 11 8.32 32.77 47.77
N ARG G 12 8.89 31.59 48.02
CA ARG G 12 9.76 31.38 49.17
C ARG G 12 11.03 30.61 48.84
N ARG G 13 12.03 30.77 49.70
CA ARG G 13 13.32 30.09 49.63
C ARG G 13 13.30 28.98 50.65
N PRO G 14 13.81 27.79 50.28
CA PRO G 14 13.84 26.62 51.16
C PRO G 14 14.20 26.95 52.60
N GLY G 15 13.49 26.36 53.55
CA GLY G 15 13.73 26.61 54.95
C GLY G 15 12.87 27.70 55.56
N ALA G 16 12.37 28.59 54.70
CA ALA G 16 11.49 29.65 55.18
C ALA G 16 10.10 29.10 55.46
N SER G 17 9.22 29.98 55.93
CA SER G 17 7.84 29.59 56.16
C SER G 17 6.89 30.54 55.48
N VAL G 18 5.68 30.05 55.21
CA VAL G 18 4.66 30.80 54.52
C VAL G 18 3.35 30.70 55.28
N ARG G 19 2.58 31.77 55.27
CA ARG G 19 1.28 31.75 55.93
C ARG G 19 0.22 32.15 54.90
N LEU G 20 -0.78 31.29 54.75
CA LEU G 20 -1.80 31.44 53.73
C LEU G 20 -3.14 31.74 54.37
N SER G 21 -3.88 32.64 53.76
CA SER G 21 -5.17 33.04 54.29
C SER G 21 -6.33 32.53 53.45
N CYS G 22 -7.48 32.43 54.10
CA CYS G 22 -8.71 31.99 53.45
C CYS G 22 -9.83 32.88 53.96
N GLU G 23 -10.36 33.74 53.10
CA GLU G 23 -11.43 34.62 53.52
C GLU G 23 -12.81 34.04 53.17
N ALA G 24 -13.64 33.85 54.20
CA ALA G 24 -14.95 33.25 54.01
C ALA G 24 -16.09 34.27 53.99
N SER G 25 -17.04 34.04 53.09
CA SER G 25 -18.26 34.83 52.98
C SER G 25 -19.40 33.98 52.45
N GLY G 26 -20.63 34.40 52.71
CA GLY G 26 -21.79 33.70 52.18
C GLY G 26 -22.39 32.63 53.06
N TYR G 27 -21.78 32.40 54.21
CA TYR G 27 -22.28 31.43 55.18
C TYR G 27 -21.76 31.77 56.55
N THR G 28 -22.28 31.10 57.58
CA THR G 28 -21.81 31.33 58.94
C THR G 28 -20.45 30.68 59.13
N PHE G 29 -19.41 31.48 59.26
CA PHE G 29 -18.02 31.01 59.31
C PHE G 29 -17.80 29.93 60.36
N ILE G 30 -18.42 30.13 61.52
CA ILE G 30 -18.39 29.21 62.66
C ILE G 30 -19.07 27.84 62.45
N SER G 31 -20.06 27.79 61.55
CA SER G 31 -20.86 26.58 61.34
C SER G 31 -20.10 25.33 60.86
N SER G 32 -19.09 25.52 60.01
CA SER G 32 -18.42 24.35 59.46
C SER G 32 -16.89 24.39 59.52
N PHE G 33 -16.31 23.20 59.53
CA PHE G 33 -14.86 23.01 59.61
C PHE G 33 -14.16 23.61 58.39
N ILE G 34 -12.93 24.06 58.57
CA ILE G 34 -12.13 24.51 57.44
C ILE G 34 -11.01 23.52 57.21
N HIS G 35 -10.90 23.03 55.98
CA HIS G 35 -9.89 22.06 55.62
C HIS G 35 -8.85 22.71 54.72
N TRP G 36 -7.68 22.11 54.62
CA TRP G 36 -6.68 22.54 53.65
C TRP G 36 -6.25 21.34 52.83
N ILE G 37 -6.18 21.54 51.52
CA ILE G 37 -5.83 20.48 50.59
C ILE G 37 -4.77 21.00 49.64
N ARG G 38 -3.81 20.17 49.29
CA ARG G 38 -2.76 20.61 48.36
C ARG G 38 -2.68 19.70 47.16
N GLN G 39 -2.35 20.29 46.02
CA GLN G 39 -2.22 19.54 44.78
C GLN G 39 -0.82 19.75 44.23
N GLY G 40 -0.06 18.67 44.11
CA GLY G 40 1.29 18.76 43.59
C GLY G 40 1.17 19.05 42.12
N PRO G 41 2.22 19.65 41.52
CA PRO G 41 2.08 19.91 40.08
C PRO G 41 1.90 18.61 39.31
N GLY G 42 0.93 18.58 38.40
CA GLY G 42 0.61 17.39 37.64
C GLY G 42 0.32 16.20 38.54
N GLN G 43 -0.45 16.41 39.61
CA GLN G 43 -0.72 15.38 40.60
C GLN G 43 -2.12 15.46 41.23
N GLY G 44 -2.44 14.43 42.02
CA GLY G 44 -3.70 14.32 42.73
C GLY G 44 -3.86 15.19 43.97
N LEU G 45 -5.04 15.14 44.57
CA LEU G 45 -5.37 15.94 45.75
C LEU G 45 -4.90 15.28 47.06
N GLU G 46 -4.40 16.08 47.98
CA GLU G 46 -3.93 15.54 49.25
C GLU G 46 -4.47 16.37 50.43
N TRP G 47 -5.20 15.70 51.32
CA TRP G 47 -5.77 16.38 52.49
C TRP G 47 -4.67 16.65 53.52
N MET G 48 -4.67 17.86 54.08
CA MET G 48 -3.65 18.29 55.03
C MET G 48 -4.14 18.40 56.47
N GLY G 49 -5.44 18.58 56.67
CA GLY G 49 -5.99 18.68 58.00
C GLY G 49 -7.30 19.45 58.02
N TRP G 50 -7.99 19.45 59.16
CA TRP G 50 -9.19 20.26 59.28
C TRP G 50 -9.11 21.08 60.54
N MET G 51 -9.84 22.19 60.56
CA MET G 51 -9.85 23.07 61.70
C MET G 51 -11.27 23.47 62.04
N ASN G 52 -11.55 23.53 63.34
CA ASN G 52 -12.85 24.00 63.80
C ASN G 52 -12.70 25.48 64.07
N PRO G 53 -13.42 26.32 63.30
CA PRO G 53 -13.34 27.77 63.44
C PRO G 53 -13.82 28.29 64.79
N ARG G 54 -14.81 27.61 65.36
CA ARG G 54 -15.42 28.10 66.59
C ARG G 54 -14.45 28.18 67.78
N HIS G 55 -13.65 27.13 68.02
CA HIS G 55 -12.67 27.21 69.10
C HIS G 55 -11.23 26.86 68.72
N GLY G 56 -11.01 26.51 67.45
CA GLY G 56 -9.70 26.19 66.96
C GLY G 56 -9.22 24.75 67.11
N ALA G 57 -10.11 23.84 67.47
CA ALA G 57 -9.72 22.44 67.59
C ALA G 57 -9.20 21.97 66.23
N VAL G 58 -8.15 21.16 66.24
CA VAL G 58 -7.47 20.78 65.01
C VAL G 58 -7.15 19.28 64.86
N ASN G 59 -7.19 18.81 63.62
CA ASN G 59 -6.80 17.44 63.26
C ASN G 59 -5.82 17.41 62.09
N TYR G 60 -4.71 16.70 62.26
CA TYR G 60 -3.74 16.58 61.18
C TYR G 60 -3.43 15.12 60.88
N PRO G 61 -3.16 14.82 59.61
CA PRO G 61 -2.72 13.47 59.27
C PRO G 61 -1.31 13.30 59.80
N ARG G 62 -0.90 12.04 59.96
CA ARG G 62 0.38 11.70 60.53
C ARG G 62 1.57 12.38 59.84
N ARG G 63 1.50 12.47 58.52
CA ARG G 63 2.56 13.06 57.70
C ARG G 63 2.84 14.54 57.95
N PHE G 64 1.79 15.33 58.13
CA PHE G 64 1.98 16.77 58.27
C PHE G 64 2.13 17.32 59.69
N GLN G 65 2.01 16.48 60.71
CA GLN G 65 2.16 16.99 62.07
C GLN G 65 3.55 17.58 62.27
N GLY G 66 3.61 18.74 62.89
CA GLY G 66 4.88 19.43 63.10
C GLY G 66 5.33 20.31 61.95
N LYS G 67 4.63 20.25 60.82
CA LYS G 67 5.03 21.04 59.67
C LYS G 67 3.91 22.00 59.24
N VAL G 68 2.70 21.75 59.74
CA VAL G 68 1.56 22.58 59.40
C VAL G 68 0.91 23.14 60.67
N THR G 69 0.38 24.36 60.57
CA THR G 69 -0.35 25.01 61.66
C THR G 69 -1.58 25.76 61.13
N MET G 70 -2.75 25.44 61.65
CA MET G 70 -3.97 26.10 61.17
C MET G 70 -4.56 26.99 62.25
N THR G 71 -4.72 28.28 61.92
CA THR G 71 -5.23 29.29 62.83
C THR G 71 -6.35 30.08 62.18
N ARG G 72 -7.04 30.86 62.97
CA ARG G 72 -8.21 31.60 62.51
C ARG G 72 -8.40 32.95 63.21
N ASP G 73 -9.10 33.85 62.54
CA ASP G 73 -9.50 35.10 63.15
C ASP G 73 -11.02 35.03 63.05
N THR G 74 -11.69 34.79 64.16
CA THR G 74 -13.14 34.68 64.16
C THR G 74 -13.82 35.97 63.76
N SER G 75 -13.23 37.08 64.18
CA SER G 75 -13.85 38.39 63.97
C SER G 75 -13.83 38.88 62.53
N ILE G 76 -12.93 38.36 61.70
CA ILE G 76 -12.87 38.80 60.31
C ILE G 76 -13.23 37.66 59.37
N ASP G 77 -13.61 36.52 59.96
CA ASP G 77 -14.02 35.34 59.20
C ASP G 77 -12.95 34.81 58.25
N THR G 78 -11.70 34.86 58.70
CA THR G 78 -10.58 34.41 57.90
C THR G 78 -9.77 33.29 58.55
N ALA G 79 -9.47 32.24 57.78
CA ALA G 79 -8.69 31.12 58.27
C ALA G 79 -7.25 31.23 57.81
N TYR G 80 -6.32 30.72 58.61
CA TYR G 80 -4.92 30.73 58.23
C TYR G 80 -4.32 29.33 58.32
N MET G 81 -3.39 29.04 57.42
CA MET G 81 -2.61 27.81 57.48
C MET G 81 -1.13 28.16 57.31
N GLU G 82 -0.31 27.78 58.28
CA GLU G 82 1.10 28.06 58.18
C GLU G 82 1.93 26.81 57.90
N LEU G 83 2.79 26.94 56.91
CA LEU G 83 3.64 25.85 56.46
C LEU G 83 5.07 26.25 56.74
N ARG G 84 5.83 25.37 57.37
CA ARG G 84 7.20 25.71 57.73
C ARG G 84 8.21 24.72 57.19
N ASP G 85 9.47 25.13 57.18
CA ASP G 85 10.57 24.31 56.67
C ASP G 85 10.20 23.90 55.25
N LEU G 86 9.89 24.89 54.43
CA LEU G 86 9.51 24.63 53.05
C LEU G 86 10.63 23.92 52.31
N ARG G 87 10.25 22.91 51.56
CA ARG G 87 11.18 22.17 50.74
C ARG G 87 10.74 22.38 49.31
N SER G 88 11.61 22.09 48.37
CA SER G 88 11.29 22.27 46.96
C SER G 88 10.03 21.48 46.59
N ASP G 89 9.84 20.31 47.21
CA ASP G 89 8.66 19.51 46.95
C ASP G 89 7.39 20.00 47.69
N ASP G 90 7.51 21.12 48.39
CA ASP G 90 6.33 21.78 48.94
C ASP G 90 5.71 22.73 47.92
N THR G 91 6.35 22.86 46.76
CA THR G 91 5.80 23.65 45.66
C THR G 91 4.53 22.98 45.19
N ALA G 92 3.40 23.69 45.34
CA ALA G 92 2.10 23.12 45.00
C ALA G 92 1.00 24.17 45.07
N MET G 93 -0.21 23.77 44.74
CA MET G 93 -1.38 24.62 44.89
C MET G 93 -2.12 24.27 46.17
N TYR G 94 -2.29 25.26 47.05
CA TYR G 94 -2.96 25.02 48.32
C TYR G 94 -4.41 25.56 48.32
N PHE G 95 -5.35 24.76 48.79
CA PHE G 95 -6.77 25.11 48.81
C PHE G 95 -7.35 25.09 50.22
N CYS G 96 -8.01 26.17 50.64
CA CYS G 96 -8.75 26.13 51.90
C CYS G 96 -10.14 25.65 51.50
N VAL G 97 -10.82 24.96 52.41
CA VAL G 97 -12.13 24.41 52.08
C VAL G 97 -13.13 24.32 53.26
N THR G 98 -14.43 24.28 52.94
CA THR G 98 -15.51 24.12 53.92
C THR G 98 -16.57 23.26 53.24
N SER G 99 -17.44 22.64 54.03
CA SER G 99 -18.47 21.78 53.46
C SER G 99 -19.83 22.44 53.38
N ARG G 100 -20.42 22.40 52.19
CA ARG G 100 -21.75 22.96 51.95
C ARG G 100 -22.85 22.27 52.74
N THR G 101 -22.76 20.94 52.85
CA THR G 101 -23.76 20.15 53.57
C THR G 101 -23.75 20.35 55.09
N LYS G 102 -24.91 20.15 55.68
CA LYS G 102 -25.10 20.28 57.13
C LYS G 102 -25.05 18.89 57.76
N ASP G 103 -24.21 18.78 58.80
CA ASP G 103 -23.97 17.55 59.59
C ASP G 103 -22.92 16.66 58.91
N TYR G 104 -22.40 17.11 57.79
CA TYR G 104 -21.35 16.39 57.07
C TYR G 104 -20.23 17.37 56.72
N ASP G 105 -19.01 17.06 57.14
CA ASP G 105 -17.88 17.94 56.91
C ASP G 105 -17.07 17.69 55.63
N TRP G 106 -17.44 16.69 54.84
CA TRP G 106 -16.66 16.36 53.65
C TRP G 106 -17.14 16.75 52.24
N ASP G 107 -18.27 17.42 52.10
CA ASP G 107 -18.70 17.83 50.77
C ASP G 107 -18.13 19.22 50.56
N PHE G 108 -16.91 19.24 50.04
CA PHE G 108 -16.17 20.47 49.84
C PHE G 108 -16.50 21.50 48.76
N VAL G 109 -16.26 22.76 49.15
CA VAL G 109 -16.38 23.91 48.28
C VAL G 109 -14.97 24.45 48.30
N TRP G 110 -14.40 24.67 47.12
CA TRP G 110 -13.02 25.14 47.00
C TRP G 110 -12.79 26.64 46.89
N GLY G 111 -11.53 27.02 47.10
CA GLY G 111 -11.07 28.38 47.10
C GLY G 111 -10.34 28.45 45.78
N GLN G 112 -9.95 29.62 45.31
CA GLN G 112 -9.27 29.68 44.02
C GLN G 112 -7.90 28.99 44.03
N GLY G 113 -7.40 28.66 45.20
CA GLY G 113 -6.11 28.00 45.26
C GLY G 113 -5.02 29.03 45.42
N THR G 114 -3.97 28.67 46.14
CA THR G 114 -2.82 29.54 46.29
C THR G 114 -1.57 28.77 45.89
N LEU G 115 -0.96 29.17 44.79
CA LEU G 115 0.29 28.57 44.38
C LEU G 115 1.44 29.06 45.26
N VAL G 116 2.19 28.11 45.80
CA VAL G 116 3.37 28.43 46.58
C VAL G 116 4.55 27.86 45.83
N VAL G 117 5.49 28.72 45.45
CA VAL G 117 6.66 28.27 44.71
C VAL G 117 7.87 28.38 45.60
N VAL G 118 8.50 27.25 45.86
CA VAL G 118 9.67 27.21 46.71
C VAL G 118 10.92 27.13 45.86
N SER G 119 11.65 28.22 45.82
CA SER G 119 12.86 28.27 45.01
C SER G 119 13.87 29.22 45.65
N SER G 120 15.15 28.99 45.36
CA SER G 120 16.19 29.83 45.92
C SER G 120 16.43 31.02 45.01
N ALA G 121 15.65 31.06 43.93
CA ALA G 121 15.77 32.10 42.91
C ALA G 121 15.25 33.47 43.32
N SER G 122 15.74 34.46 42.60
CA SER G 122 15.35 35.85 42.72
C SER G 122 14.86 36.16 41.30
N THR G 123 14.05 37.21 41.11
CA THR G 123 13.49 37.42 39.77
C THR G 123 14.65 37.60 38.79
N LYS G 124 14.56 36.93 37.65
CA LYS G 124 15.66 36.89 36.69
C LYS G 124 15.17 36.65 35.27
N GLY G 125 15.69 37.43 34.33
CA GLY G 125 15.34 37.30 32.92
C GLY G 125 15.90 36.03 32.27
N PRO G 126 15.26 35.59 31.19
CA PRO G 126 15.64 34.37 30.47
C PRO G 126 16.85 34.53 29.55
N SER G 127 17.58 33.45 29.35
CA SER G 127 18.50 33.38 28.22
C SER G 127 17.72 32.76 27.08
N VAL G 128 17.84 33.32 25.88
CA VAL G 128 17.09 32.79 24.74
C VAL G 128 18.05 32.20 23.72
N PHE G 129 17.93 30.91 23.48
CA PHE G 129 18.80 30.18 22.57
C PHE G 129 18.01 29.65 21.39
N PRO G 130 18.56 29.78 20.18
CA PRO G 130 17.87 29.31 18.98
C PRO G 130 17.84 27.80 18.93
N LEU G 131 16.75 27.24 18.44
CA LEU G 131 16.73 25.83 18.12
C LEU G 131 16.79 25.75 16.59
N ALA G 132 18.01 25.70 16.07
CA ALA G 132 18.22 25.77 14.63
C ALA G 132 17.64 24.56 13.93
N PRO G 133 16.96 24.80 12.80
CA PRO G 133 16.50 23.69 11.95
C PRO G 133 17.69 23.06 11.23
N SER G 134 17.66 21.74 11.07
CA SER G 134 18.70 21.03 10.32
C SER G 134 18.15 19.74 9.72
N SER G 135 19.05 18.91 9.21
CA SER G 135 18.67 17.60 8.70
C SER G 135 18.06 16.75 9.80
N LYS G 136 18.53 16.95 11.03
CA LYS G 136 18.01 16.21 12.17
C LYS G 136 16.57 16.61 12.46
N SER G 137 16.22 17.87 12.23
CA SER G 137 14.85 18.33 12.49
C SER G 137 14.03 18.59 11.21
N THR G 138 14.10 17.68 10.24
CA THR G 138 13.32 17.82 9.02
C THR G 138 12.74 16.48 8.58
N SER G 139 11.42 16.44 8.47
CA SER G 139 10.70 15.25 8.02
C SER G 139 9.66 15.59 6.96
N GLY G 140 9.58 14.77 5.92
CA GLY G 140 8.77 15.09 4.76
C GLY G 140 9.25 16.45 4.29
N GLY G 141 8.31 17.33 3.99
CA GLY G 141 8.67 18.71 3.67
C GLY G 141 8.39 19.63 4.83
N THR G 142 8.49 19.07 6.04
CA THR G 142 8.23 19.82 7.25
C THR G 142 9.49 19.92 8.09
N ALA G 143 9.83 21.13 8.51
CA ALA G 143 10.98 21.33 9.38
C ALA G 143 10.51 21.90 10.69
N ALA G 144 11.32 21.72 11.72
CA ALA G 144 11.02 22.27 13.04
C ALA G 144 12.14 23.21 13.48
N LEU G 145 11.75 24.34 14.05
CA LEU G 145 12.70 25.27 14.63
C LEU G 145 12.05 25.87 15.85
N GLY G 146 12.84 26.55 16.67
CA GLY G 146 12.27 27.08 17.89
C GLY G 146 13.21 27.86 18.77
N CYS G 147 12.74 28.14 19.98
CA CYS G 147 13.47 28.93 20.94
C CYS G 147 13.51 28.23 22.27
N LEU G 148 14.63 28.35 22.97
CA LEU G 148 14.72 27.79 24.29
C LEU G 148 14.77 28.96 25.26
N VAL G 149 13.72 29.07 26.07
CA VAL G 149 13.62 30.15 27.02
C VAL G 149 14.01 29.58 28.36
N LYS G 150 15.27 29.78 28.70
CA LYS G 150 15.90 29.04 29.78
C LYS G 150 16.31 29.95 30.91
N ASP G 151 16.09 29.46 32.13
CA ASP G 151 16.60 30.09 33.35
C ASP G 151 15.99 31.46 33.60
N TYR G 152 14.67 31.49 33.74
CA TYR G 152 13.98 32.71 34.12
C TYR G 152 13.19 32.43 35.38
N PHE G 153 12.84 33.49 36.12
CA PHE G 153 12.02 33.36 37.31
C PHE G 153 11.42 34.73 37.60
N PRO G 154 10.13 34.79 37.95
CA PRO G 154 9.14 33.71 38.02
C PRO G 154 8.38 33.55 36.70
N GLU G 155 7.33 32.75 36.70
CA GLU G 155 6.41 32.71 35.57
C GLU G 155 5.70 34.06 35.48
N PRO G 156 5.19 34.44 34.28
CA PRO G 156 5.21 33.75 32.98
C PRO G 156 6.15 34.41 31.97
N VAL G 157 6.31 33.75 30.83
CA VAL G 157 6.84 34.40 29.63
C VAL G 157 5.82 34.24 28.53
N THR G 158 5.82 35.18 27.59
CA THR G 158 5.00 35.05 26.39
C THR G 158 5.91 34.86 25.19
N VAL G 159 5.52 33.97 24.29
CA VAL G 159 6.30 33.74 23.09
C VAL G 159 5.43 33.91 21.85
N SER G 160 5.91 34.71 20.91
CA SER G 160 5.27 34.84 19.61
C SER G 160 6.29 34.65 18.51
N TRP G 161 5.83 34.49 17.28
CA TRP G 161 6.76 34.26 16.18
C TRP G 161 6.55 35.25 15.04
N ASN G 162 7.65 35.88 14.61
CA ASN G 162 7.58 36.95 13.60
C ASN G 162 6.50 37.98 13.92
N SER G 163 6.46 38.40 15.19
CA SER G 163 5.57 39.45 15.66
C SER G 163 4.09 39.08 15.62
N GLY G 164 3.78 37.79 15.55
CA GLY G 164 2.40 37.36 15.54
C GLY G 164 1.84 37.03 14.17
N ALA G 165 2.65 37.20 13.14
CA ALA G 165 2.23 36.84 11.79
C ALA G 165 2.18 35.33 11.65
N LEU G 166 3.02 34.64 12.41
CA LEU G 166 3.08 33.19 12.35
C LEU G 166 2.49 32.58 13.61
N THR G 167 1.30 31.99 13.47
CA THR G 167 0.62 31.37 14.59
C THR G 167 0.39 29.89 14.34
N SER G 168 0.22 29.54 13.06
CA SER G 168 -0.07 28.18 12.67
C SER G 168 1.17 27.29 12.80
N GLY G 169 1.02 26.18 13.50
CA GLY G 169 2.09 25.22 13.64
C GLY G 169 2.97 25.51 14.86
N VAL G 170 2.62 26.55 15.60
CA VAL G 170 3.34 26.92 16.81
C VAL G 170 2.88 26.13 18.03
N HIS G 171 3.83 25.61 18.80
CA HIS G 171 3.54 25.01 20.10
C HIS G 171 4.44 25.60 21.18
N THR G 172 3.83 26.28 22.14
CA THR G 172 4.57 26.75 23.31
C THR G 172 4.23 25.82 24.45
N PHE G 173 5.24 25.12 24.96
CA PHE G 173 5.02 24.09 25.96
C PHE G 173 4.94 24.68 27.36
N PRO G 174 4.19 24.03 28.26
CA PRO G 174 4.17 24.49 29.65
C PRO G 174 5.59 24.60 30.20
N ALA G 175 5.84 25.65 30.97
CA ALA G 175 7.13 25.84 31.61
C ALA G 175 7.43 24.72 32.59
N VAL G 176 8.69 24.34 32.70
CA VAL G 176 9.15 23.43 33.74
C VAL G 176 10.03 24.13 34.77
N LEU G 177 9.82 23.83 36.04
CA LEU G 177 10.68 24.34 37.10
C LEU G 177 11.83 23.38 37.36
N GLN G 178 13.05 23.87 37.15
CA GLN G 178 14.25 23.04 37.25
C GLN G 178 14.72 22.88 38.70
N SER G 179 15.71 22.02 38.92
CA SER G 179 16.26 21.81 40.26
C SER G 179 17.03 23.03 40.72
N SER G 180 17.43 23.85 39.76
CA SER G 180 18.14 25.10 40.01
C SER G 180 17.19 26.16 40.56
N GLY G 181 15.88 25.91 40.45
CA GLY G 181 14.89 26.87 40.91
C GLY G 181 14.43 27.88 39.87
N LEU G 182 14.94 27.77 38.66
CA LEU G 182 14.53 28.66 37.57
C LEU G 182 13.61 27.89 36.63
N TYR G 183 12.73 28.62 35.95
CA TYR G 183 11.84 27.97 35.00
C TYR G 183 12.50 27.89 33.65
N SER G 184 12.02 26.96 32.84
CA SER G 184 12.48 26.83 31.47
C SER G 184 11.36 26.29 30.58
N LEU G 185 11.27 26.82 29.37
CA LEU G 185 10.32 26.29 28.40
C LEU G 185 10.90 26.50 27.02
N SER G 186 10.32 25.81 26.06
CA SER G 186 10.71 25.99 24.67
C SER G 186 9.47 26.26 23.84
N SER G 187 9.67 26.94 22.73
CA SER G 187 8.59 27.18 21.78
C SER G 187 9.08 26.70 20.43
N VAL G 188 8.28 25.87 19.79
CA VAL G 188 8.65 25.33 18.50
C VAL G 188 7.61 25.69 17.46
N VAL G 189 7.98 25.56 16.19
CA VAL G 189 7.06 25.80 15.11
C VAL G 189 7.43 24.91 13.93
N THR G 190 6.43 24.39 13.24
CA THR G 190 6.70 23.59 12.05
C THR G 190 6.42 24.41 10.80
N VAL G 191 7.33 24.34 9.85
CA VAL G 191 7.23 25.13 8.61
C VAL G 191 7.65 24.26 7.42
N PRO G 192 7.26 24.66 6.20
CA PRO G 192 7.77 23.94 5.04
C PRO G 192 9.28 24.10 4.90
N SER G 193 9.98 22.98 4.68
CA SER G 193 11.43 22.98 4.58
C SER G 193 11.91 23.82 3.38
N SER G 194 11.07 23.91 2.36
CA SER G 194 11.37 24.75 1.20
C SER G 194 11.51 26.23 1.57
N SER G 195 10.83 26.63 2.65
CA SER G 195 10.79 28.04 3.06
C SER G 195 11.94 28.41 3.99
N LEU G 196 12.71 27.42 4.41
CA LEU G 196 13.84 27.66 5.31
C LEU G 196 14.84 28.61 4.67
N GLY G 197 14.95 28.52 3.35
CA GLY G 197 15.83 29.37 2.57
C GLY G 197 15.44 30.83 2.45
N THR G 198 14.13 31.08 2.26
CA THR G 198 13.64 32.43 1.99
C THR G 198 12.98 33.14 3.19
N GLN G 199 12.08 32.47 3.89
CA GLN G 199 11.37 33.08 5.01
C GLN G 199 12.27 33.22 6.23
N THR G 200 12.23 34.39 6.86
CA THR G 200 13.01 34.61 8.08
C THR G 200 12.14 34.33 9.30
N TYR G 201 12.69 33.60 10.27
CA TYR G 201 11.96 33.29 11.50
C TYR G 201 12.57 33.95 12.73
N ILE G 202 11.77 34.78 13.39
CA ILE G 202 12.17 35.49 14.61
C ILE G 202 11.23 35.14 15.76
N CYS G 203 11.80 34.82 16.92
CA CYS G 203 10.97 34.56 18.10
C CYS G 203 10.99 35.76 19.02
N ASN G 204 9.81 36.15 19.51
CA ASN G 204 9.73 37.31 20.37
C ASN G 204 9.38 36.80 21.75
N VAL G 205 10.33 36.98 22.68
CA VAL G 205 10.16 36.50 24.04
C VAL G 205 10.03 37.69 24.97
N ASN G 206 8.90 37.76 25.67
CA ASN G 206 8.67 38.83 26.61
C ASN G 206 8.56 38.28 28.04
N HIS G 207 9.42 38.77 28.92
CA HIS G 207 9.38 38.40 30.32
C HIS G 207 9.20 39.63 31.20
N LYS G 208 7.95 40.05 31.37
CA LYS G 208 7.62 41.28 32.09
C LYS G 208 8.20 41.41 33.52
N PRO G 209 8.21 40.30 34.31
CA PRO G 209 8.72 40.45 35.67
C PRO G 209 10.14 41.00 35.76
N SER G 210 10.94 40.82 34.72
CA SER G 210 12.29 41.40 34.67
C SER G 210 12.45 42.40 33.52
N ASN G 211 11.33 42.83 32.96
CA ASN G 211 11.31 43.74 31.82
C ASN G 211 12.22 43.30 30.67
N THR G 212 12.34 41.98 30.50
CA THR G 212 13.24 41.42 29.50
C THR G 212 12.52 41.05 28.21
N LYS G 213 13.00 41.58 27.09
CA LYS G 213 12.46 41.22 25.79
C LYS G 213 13.63 40.81 24.92
N VAL G 214 13.43 39.77 24.13
CA VAL G 214 14.51 39.28 23.32
C VAL G 214 13.92 38.83 22.00
N ASP G 215 14.42 39.40 20.92
CA ASP G 215 14.02 38.93 19.61
C ASP G 215 15.20 38.13 19.12
N LYS G 216 14.95 36.86 18.83
CA LYS G 216 16.02 35.96 18.41
C LYS G 216 15.68 35.40 17.04
N LYS G 217 16.56 35.65 16.07
CA LYS G 217 16.38 35.10 14.74
C LYS G 217 16.95 33.68 14.75
N VAL G 218 16.13 32.71 14.31
CA VAL G 218 16.56 31.32 14.29
C VAL G 218 16.94 30.89 12.88
N GLU G 219 18.22 30.64 12.68
CA GLU G 219 18.74 30.30 11.35
C GLU G 219 19.20 28.85 11.30
N PRO G 220 19.16 28.24 10.11
CA PRO G 220 19.59 26.86 9.88
C PRO G 220 21.01 26.58 10.37
N ILE H 2 -9.13 4.29 55.02
CA ILE H 2 -9.68 3.77 53.76
C ILE H 2 -8.90 4.31 52.56
N GLN H 3 -8.92 3.55 51.46
CA GLN H 3 -8.25 3.96 50.23
C GLN H 3 -9.24 3.97 49.06
N MET H 4 -9.18 5.00 48.23
CA MET H 4 -10.05 5.07 47.07
C MET H 4 -9.28 4.90 45.77
N THR H 5 -9.75 3.99 44.93
CA THR H 5 -9.11 3.71 43.66
C THR H 5 -10.04 4.07 42.52
N GLN H 6 -9.54 4.87 41.59
CA GLN H 6 -10.36 5.28 40.45
C GLN H 6 -9.96 4.58 39.17
N SER H 7 -10.94 4.41 38.29
CA SER H 7 -10.71 3.87 36.97
C SER H 7 -11.63 4.54 35.98
N PRO H 8 -11.12 4.81 34.76
CA PRO H 8 -9.72 4.61 34.37
C PRO H 8 -8.84 5.79 34.78
N VAL H 9 -7.53 5.61 34.76
CA VAL H 9 -6.59 6.70 35.03
C VAL H 9 -6.78 7.78 33.95
N THR H 10 -6.98 7.32 32.72
CA THR H 10 -7.27 8.21 31.60
C THR H 10 -8.48 7.64 30.85
N LEU H 11 -9.37 8.51 30.38
CA LEU H 11 -10.56 8.09 29.67
C LEU H 11 -10.72 8.93 28.42
N SER H 12 -10.75 8.25 27.28
CA SER H 12 -10.76 8.93 26.00
C SER H 12 -12.08 8.66 25.28
N ALA H 13 -12.93 9.68 25.20
CA ALA H 13 -14.26 9.51 24.61
C ALA H 13 -14.71 10.65 23.68
N SER H 14 -15.61 10.32 22.74
CA SER H 14 -16.18 11.30 21.81
C SER H 14 -17.38 12.05 22.40
N ILE H 15 -17.64 13.25 21.91
CA ILE H 15 -18.77 14.05 22.38
C ILE H 15 -20.09 13.35 22.04
N GLY H 16 -21.05 13.41 22.96
CA GLY H 16 -22.36 12.80 22.79
C GLY H 16 -22.41 11.36 23.27
N ASP H 17 -21.27 10.83 23.69
CA ASP H 17 -21.17 9.46 24.17
C ASP H 17 -21.41 9.38 25.68
N ARG H 18 -21.82 8.20 26.15
CA ARG H 18 -21.98 8.00 27.58
C ARG H 18 -20.62 7.66 28.20
N VAL H 19 -20.34 8.27 29.34
CA VAL H 19 -19.10 8.09 30.06
C VAL H 19 -19.29 7.55 31.48
N THR H 20 -18.56 6.50 31.83
CA THR H 20 -18.65 5.95 33.17
C THR H 20 -17.28 5.85 33.86
N ILE H 21 -17.21 6.41 35.07
CA ILE H 21 -15.98 6.40 35.86
C ILE H 21 -16.22 5.60 37.14
N THR H 22 -15.30 4.68 37.46
CA THR H 22 -15.45 3.82 38.62
C THR H 22 -14.50 4.14 39.78
N CYS H 23 -15.04 4.16 40.99
CA CYS H 23 -14.26 4.39 42.21
C CYS H 23 -14.49 3.25 43.20
N ARG H 24 -13.41 2.60 43.64
CA ARG H 24 -13.52 1.48 44.58
C ARG H 24 -12.94 1.76 45.96
N ALA H 25 -13.69 1.36 46.98
CA ALA H 25 -13.28 1.57 48.38
C ALA H 25 -12.89 0.25 49.04
N SER H 26 -11.66 0.19 49.55
CA SER H 26 -11.13 -1.00 50.21
C SER H 26 -11.81 -1.43 51.51
N GLN H 27 -12.16 -0.46 52.36
CA GLN H 27 -12.74 -0.75 53.67
C GLN H 27 -14.06 -1.53 53.63
N ARG H 28 -14.87 -1.27 52.60
CA ARG H 28 -16.13 -1.97 52.31
C ARG H 28 -17.40 -1.44 53.01
N ILE H 29 -17.31 -0.33 53.74
CA ILE H 29 -18.53 0.20 54.39
C ILE H 29 -18.66 1.71 54.09
N ASP H 30 -19.05 2.03 52.86
CA ASP H 30 -19.24 3.43 52.46
C ASP H 30 -20.64 3.75 51.94
N ASN H 31 -21.33 4.69 52.58
CA ASN H 31 -22.63 5.14 52.09
C ASN H 31 -22.59 6.59 51.59
N TRP H 32 -21.47 7.26 51.79
CA TRP H 32 -21.29 8.66 51.42
C TRP H 32 -20.13 8.76 50.45
N VAL H 33 -20.32 9.41 49.30
CA VAL H 33 -19.25 9.55 48.31
C VAL H 33 -19.48 10.84 47.55
N ALA H 34 -18.42 11.61 47.37
CA ALA H 34 -18.51 12.84 46.59
C ALA H 34 -17.77 12.73 45.26
N TRP H 35 -18.26 13.44 44.27
CA TRP H 35 -17.52 13.59 43.02
C TRP H 35 -17.21 15.05 42.74
N TYR H 36 -16.05 15.30 42.13
CA TYR H 36 -15.65 16.66 41.83
C TYR H 36 -15.23 16.76 40.39
N GLN H 37 -15.44 17.94 39.80
CA GLN H 37 -14.94 18.22 38.46
C GLN H 37 -13.86 19.28 38.55
N GLN H 38 -12.72 19.03 37.92
CA GLN H 38 -11.65 20.03 37.85
C GLN H 38 -11.17 20.24 36.43
N LYS H 39 -11.15 21.50 36.01
CA LYS H 39 -10.63 21.87 34.69
C LYS H 39 -9.23 22.44 34.87
N PRO H 40 -8.40 22.40 33.80
CA PRO H 40 -7.04 22.93 33.88
C PRO H 40 -6.97 24.36 34.41
N GLY H 41 -6.20 24.57 35.47
CA GLY H 41 -5.96 25.92 35.97
C GLY H 41 -7.00 26.48 36.92
N ARG H 42 -7.95 25.64 37.33
CA ARG H 42 -9.03 26.08 38.21
C ARG H 42 -9.25 25.11 39.37
N ALA H 43 -9.96 25.58 40.38
CA ALA H 43 -10.33 24.77 41.55
C ALA H 43 -11.29 23.63 41.22
N PRO H 44 -11.26 22.57 42.03
CA PRO H 44 -12.25 21.51 41.87
C PRO H 44 -13.67 22.03 42.16
N LYS H 45 -14.66 21.39 41.54
CA LYS H 45 -16.05 21.79 41.66
C LYS H 45 -16.86 20.55 42.03
N LEU H 46 -17.61 20.62 43.12
CA LEU H 46 -18.43 19.49 43.54
C LEU H 46 -19.57 19.23 42.59
N LEU H 47 -19.70 17.98 42.13
CA LEU H 47 -20.77 17.58 41.23
C LEU H 47 -21.82 16.78 41.99
N ILE H 48 -21.35 15.76 42.70
CA ILE H 48 -22.21 14.80 43.36
C ILE H 48 -21.76 14.57 44.79
N TYR H 49 -22.73 14.43 45.70
CA TYR H 49 -22.44 14.00 47.06
C TYR H 49 -23.48 12.97 47.50
N LYS H 50 -23.14 12.21 48.53
CA LYS H 50 -24.01 11.13 49.05
C LYS H 50 -24.22 10.10 47.96
N ALA H 51 -23.21 9.96 47.09
CA ALA H 51 -23.17 9.00 45.99
C ALA H 51 -24.13 9.35 44.84
N SER H 52 -25.41 9.52 45.13
CA SER H 52 -26.41 9.77 44.08
C SER H 52 -27.11 11.14 44.09
N ILE H 53 -26.58 12.12 44.82
CA ILE H 53 -27.27 13.41 44.88
C ILE H 53 -26.53 14.54 44.16
N LEU H 54 -27.23 15.15 43.21
CA LEU H 54 -26.70 16.25 42.40
C LEU H 54 -26.64 17.61 43.11
N GLU H 55 -25.50 18.27 43.00
CA GLU H 55 -25.33 19.63 43.53
C GLU H 55 -26.14 20.62 42.71
N THR H 56 -26.58 21.71 43.32
CA THR H 56 -27.37 22.69 42.59
C THR H 56 -26.54 23.29 41.45
N GLY H 57 -27.17 23.53 40.31
CA GLY H 57 -26.49 24.11 39.17
C GLY H 57 -25.75 23.10 38.29
N VAL H 58 -25.89 21.82 38.62
CA VAL H 58 -25.23 20.76 37.87
C VAL H 58 -26.20 20.21 36.83
N PRO H 59 -25.73 19.97 35.60
CA PRO H 59 -26.61 19.47 34.54
C PRO H 59 -27.18 18.10 34.85
N SER H 60 -28.39 17.85 34.36
CA SER H 60 -29.09 16.59 34.60
C SER H 60 -28.34 15.38 34.03
N ARG H 61 -27.46 15.63 33.06
CA ARG H 61 -26.67 14.57 32.43
C ARG H 61 -25.73 13.85 33.39
N PHE H 62 -25.44 14.46 34.54
CA PHE H 62 -24.55 13.87 35.52
C PHE H 62 -25.35 13.03 36.51
N SER H 63 -24.94 11.78 36.69
CA SER H 63 -25.55 10.94 37.72
C SER H 63 -24.49 10.13 38.46
N GLY H 64 -24.77 9.78 39.71
CA GLY H 64 -23.89 8.96 40.50
C GLY H 64 -24.64 7.76 41.08
N SER H 65 -23.94 6.64 41.28
CA SER H 65 -24.54 5.47 41.92
C SER H 65 -23.54 4.63 42.72
N GLY H 66 -24.05 3.52 43.24
CA GLY H 66 -23.23 2.51 43.89
C GLY H 66 -23.47 2.28 45.36
N SER H 67 -23.18 1.06 45.80
CA SER H 67 -23.30 0.64 47.19
C SER H 67 -22.08 -0.17 47.61
N GLY H 68 -21.76 -0.12 48.90
CA GLY H 68 -20.60 -0.83 49.40
C GLY H 68 -19.29 -0.35 48.81
N THR H 69 -18.51 -1.27 48.28
CA THR H 69 -17.19 -0.98 47.70
C THR H 69 -17.14 -0.13 46.44
N GLU H 70 -18.08 -0.33 45.52
CA GLU H 70 -18.01 0.34 44.21
C GLU H 70 -18.98 1.48 43.97
N PHE H 71 -18.46 2.60 43.49
CA PHE H 71 -19.27 3.77 43.16
C PHE H 71 -18.91 4.27 41.77
N THR H 72 -19.88 4.83 41.06
CA THR H 72 -19.66 5.29 39.69
C THR H 72 -20.20 6.69 39.42
N LEU H 73 -19.49 7.43 38.58
CA LEU H 73 -19.92 8.74 38.13
C LEU H 73 -20.23 8.60 36.63
N SER H 74 -21.43 8.99 36.22
CA SER H 74 -21.82 8.81 34.83
C SER H 74 -22.32 10.08 34.14
N ILE H 75 -21.88 10.25 32.89
CA ILE H 75 -22.34 11.31 32.02
C ILE H 75 -23.17 10.70 30.90
N ASN H 76 -24.42 11.14 30.78
CA ASN H 76 -25.35 10.54 29.82
C ASN H 76 -24.90 10.78 28.39
N SER H 77 -24.51 12.02 28.10
CA SER H 77 -24.02 12.39 26.80
C SER H 77 -22.96 13.46 26.97
N LEU H 78 -21.71 13.10 26.68
CA LEU H 78 -20.57 13.96 26.99
C LEU H 78 -20.69 15.27 26.22
N GLN H 79 -20.60 16.38 26.95
CA GLN H 79 -20.57 17.71 26.36
C GLN H 79 -19.17 18.30 26.42
N PRO H 80 -18.79 19.08 25.40
CA PRO H 80 -17.41 19.58 25.34
C PRO H 80 -16.98 20.37 26.59
N ASP H 81 -17.95 20.83 27.36
CA ASP H 81 -17.68 21.54 28.59
C ASP H 81 -17.37 20.54 29.70
N ASP H 82 -17.65 19.27 29.46
CA ASP H 82 -17.47 18.22 30.46
C ASP H 82 -16.06 17.65 30.39
N VAL H 83 -15.26 18.13 29.46
CA VAL H 83 -13.90 17.62 29.29
C VAL H 83 -12.98 18.18 30.37
N ALA H 84 -12.63 17.32 31.32
CA ALA H 84 -11.87 17.73 32.49
C ALA H 84 -11.48 16.52 33.34
N THR H 85 -10.81 16.79 34.46
CA THR H 85 -10.42 15.75 35.41
C THR H 85 -11.47 15.53 36.51
N TYR H 86 -11.83 14.27 36.75
CA TYR H 86 -12.83 13.91 37.75
C TYR H 86 -12.24 13.13 38.95
N TYR H 87 -12.59 13.59 40.16
CA TYR H 87 -12.12 12.98 41.41
C TYR H 87 -13.29 12.45 42.25
N CYS H 88 -13.08 11.31 42.91
CA CYS H 88 -14.05 10.84 43.89
C CYS H 88 -13.48 11.08 45.29
N GLN H 89 -14.32 10.98 46.31
CA GLN H 89 -13.87 11.31 47.65
C GLN H 89 -14.65 10.58 48.73
N GLN H 90 -13.93 10.12 49.74
CA GLN H 90 -14.51 9.53 50.94
C GLN H 90 -13.76 10.10 52.11
N PHE H 91 -14.42 10.99 52.85
CA PHE H 91 -13.80 11.64 53.99
C PHE H 91 -12.50 12.29 53.50
N GLU H 92 -11.38 12.06 54.17
CA GLU H 92 -10.13 12.71 53.80
C GLU H 92 -9.42 12.09 52.58
N GLU H 93 -9.99 11.06 51.99
CA GLU H 93 -9.32 10.38 50.86
C GLU H 93 -9.89 10.68 49.48
N PHE H 94 -8.99 10.92 48.53
CA PHE H 94 -9.35 11.16 47.13
C PHE H 94 -8.81 10.09 46.19
N GLY H 95 -9.47 9.89 45.07
CA GLY H 95 -8.96 9.03 44.02
C GLY H 95 -7.82 9.70 43.27
N ARG H 96 -7.09 8.93 42.46
CA ARG H 96 -5.96 9.49 41.72
C ARG H 96 -6.39 10.54 40.71
N GLY H 97 -7.64 10.47 40.27
CA GLY H 97 -8.12 11.39 39.25
C GLY H 97 -8.27 10.75 37.88
N THR H 98 -9.37 11.09 37.20
CA THR H 98 -9.61 10.60 35.85
C THR H 98 -9.68 11.74 34.85
N LYS H 99 -8.89 11.69 33.78
CA LYS H 99 -8.93 12.74 32.77
C LYS H 99 -9.78 12.31 31.58
N ILE H 100 -10.99 12.85 31.49
CA ILE H 100 -11.77 12.71 30.28
C ILE H 100 -11.09 13.47 29.15
N ASP H 101 -10.78 12.73 28.11
CA ASP H 101 -10.04 13.24 26.96
C ASP H 101 -10.86 12.98 25.66
N ILE H 102 -10.93 13.97 24.77
CA ILE H 102 -11.67 13.79 23.51
C ILE H 102 -10.88 12.90 22.53
N LYS H 103 -11.48 11.77 22.17
CA LYS H 103 -10.77 10.79 21.36
C LYS H 103 -10.67 11.11 19.88
N ARG H 104 -9.49 10.84 19.35
CA ARG H 104 -9.14 11.04 17.95
C ARG H 104 -8.46 9.75 17.51
N THR H 105 -8.53 9.40 16.22
CA THR H 105 -7.86 8.19 15.76
C THR H 105 -6.37 8.34 16.03
N VAL H 106 -5.70 7.22 16.30
CA VAL H 106 -4.28 7.23 16.64
C VAL H 106 -3.41 7.96 15.61
N ALA H 107 -2.54 8.83 16.10
CA ALA H 107 -1.59 9.55 15.24
C ALA H 107 -0.17 9.45 15.80
N ALA H 108 0.76 9.02 14.96
CA ALA H 108 2.15 8.88 15.38
C ALA H 108 2.85 10.21 15.49
N PRO H 109 3.74 10.36 16.49
CA PRO H 109 4.52 11.59 16.67
C PRO H 109 5.54 11.77 15.54
N SER H 110 5.68 13.00 15.06
CA SER H 110 6.86 13.36 14.28
C SER H 110 7.96 13.75 15.25
N VAL H 111 9.12 13.12 15.14
CA VAL H 111 10.17 13.31 16.13
C VAL H 111 11.29 14.18 15.58
N PHE H 112 11.64 15.21 16.33
CA PHE H 112 12.71 16.12 15.94
C PHE H 112 13.71 16.27 17.08
N ILE H 113 14.97 16.52 16.74
CA ILE H 113 15.99 16.68 17.76
C ILE H 113 16.82 17.93 17.48
N PHE H 114 17.16 18.63 18.57
CA PHE H 114 17.91 19.88 18.48
C PHE H 114 19.17 19.79 19.32
N PRO H 115 20.35 19.93 18.68
CA PRO H 115 21.62 20.00 19.40
C PRO H 115 21.69 21.27 20.23
N PRO H 116 22.61 21.32 21.21
CA PRO H 116 22.72 22.58 21.94
C PRO H 116 23.22 23.68 21.02
N SER H 117 22.73 24.89 21.22
CA SER H 117 23.15 26.00 20.38
C SER H 117 24.61 26.31 20.69
N ASP H 118 25.33 26.85 19.73
CA ASP H 118 26.72 27.21 19.94
C ASP H 118 26.77 28.26 21.03
N GLU H 119 25.79 29.15 20.99
CA GLU H 119 25.67 30.22 21.96
C GLU H 119 25.50 29.68 23.38
N GLN H 120 24.69 28.63 23.54
CA GLN H 120 24.51 28.03 24.86
C GLN H 120 25.79 27.40 25.41
N LEU H 121 26.58 26.80 24.52
CA LEU H 121 27.81 26.13 24.92
C LEU H 121 28.77 27.09 25.62
N LYS H 122 28.77 28.34 25.17
CA LYS H 122 29.62 29.36 25.78
C LYS H 122 29.28 29.55 27.25
N SER H 123 28.00 29.45 27.58
CA SER H 123 27.54 29.61 28.96
C SER H 123 28.13 28.55 29.89
N GLY H 124 28.39 27.35 29.36
CA GLY H 124 28.92 26.29 30.20
C GLY H 124 27.93 25.15 30.44
N THR H 125 26.75 25.28 29.85
CA THR H 125 25.73 24.24 29.95
C THR H 125 25.21 23.91 28.55
N ALA H 126 24.94 22.63 28.30
CA ALA H 126 24.42 22.19 27.01
C ALA H 126 23.04 21.56 27.15
N SER H 127 22.09 22.07 26.37
CA SER H 127 20.74 21.53 26.40
C SER H 127 20.41 20.83 25.08
N VAL H 128 20.00 19.57 25.18
CA VAL H 128 19.54 18.84 24.01
C VAL H 128 18.04 18.72 24.09
N VAL H 129 17.36 18.95 22.98
CA VAL H 129 15.91 18.96 22.97
C VAL H 129 15.33 17.96 21.99
N CYS H 130 14.33 17.22 22.45
CA CYS H 130 13.62 16.28 21.60
C CYS H 130 12.17 16.74 21.47
N LEU H 131 11.67 16.84 20.24
CA LEU H 131 10.29 17.24 20.00
C LEU H 131 9.44 16.09 19.48
N LEU H 132 8.30 15.86 20.13
CA LEU H 132 7.30 14.91 19.67
C LEU H 132 6.08 15.70 19.23
N ASN H 133 5.85 15.78 17.92
CA ASN H 133 4.86 16.69 17.39
C ASN H 133 3.57 16.06 16.90
N ASN H 134 2.45 16.60 17.37
CA ASN H 134 1.10 16.27 16.88
C ASN H 134 0.80 14.77 16.92
N PHE H 135 0.61 14.25 18.12
CA PHE H 135 0.37 12.82 18.30
C PHE H 135 -0.82 12.56 19.21
N TYR H 136 -1.32 11.33 19.14
CA TYR H 136 -2.39 10.86 20.01
C TYR H 136 -2.34 9.34 20.06
N PRO H 137 -2.60 8.72 21.23
CA PRO H 137 -3.00 9.32 22.52
C PRO H 137 -1.89 10.03 23.27
N ARG H 138 -2.24 10.57 24.43
CA ARG H 138 -1.29 11.33 25.25
C ARG H 138 -0.11 10.49 25.72
N GLU H 139 -0.36 9.22 26.02
CA GLU H 139 0.67 8.32 26.54
C GLU H 139 1.85 8.21 25.59
N ALA H 140 3.03 8.66 26.05
CA ALA H 140 4.23 8.58 25.24
C ALA H 140 5.47 8.43 26.09
N LYS H 141 6.39 7.59 25.66
CA LYS H 141 7.62 7.33 26.38
C LYS H 141 8.86 7.80 25.60
N VAL H 142 9.64 8.67 26.22
CA VAL H 142 10.88 9.16 25.64
C VAL H 142 12.10 8.69 26.43
N GLN H 143 13.05 8.06 25.75
CA GLN H 143 14.28 7.66 26.42
C GLN H 143 15.48 8.32 25.78
N TRP H 144 16.35 8.87 26.62
CA TRP H 144 17.56 9.56 26.17
C TRP H 144 18.76 8.62 26.25
N LYS H 145 19.52 8.56 25.17
CA LYS H 145 20.72 7.74 25.14
C LYS H 145 21.95 8.57 24.71
N VAL H 146 23.02 8.46 25.49
CA VAL H 146 24.26 9.15 25.18
C VAL H 146 25.35 8.10 24.97
N ASP H 147 25.82 7.99 23.73
CA ASP H 147 26.67 6.87 23.32
C ASP H 147 26.04 5.53 23.71
N ASN H 148 24.73 5.44 23.50
CA ASN H 148 23.92 4.25 23.75
C ASN H 148 23.76 3.92 25.23
N ALA H 149 24.21 4.82 26.09
CA ALA H 149 24.05 4.65 27.53
C ALA H 149 22.78 5.36 27.98
N LEU H 150 21.96 4.66 28.76
CA LEU H 150 20.68 5.20 29.22
C LEU H 150 20.86 6.32 30.22
N GLN H 151 20.16 7.42 30.00
CA GLN H 151 20.23 8.57 30.90
C GLN H 151 19.05 8.52 31.87
N SER H 152 19.28 8.97 33.10
CA SER H 152 18.20 9.14 34.05
C SER H 152 18.43 10.34 34.97
N GLY H 153 17.35 11.04 35.32
CA GLY H 153 17.41 12.12 36.27
C GLY H 153 18.01 13.38 35.72
N ASN H 154 18.33 13.37 34.43
CA ASN H 154 18.84 14.56 33.76
C ASN H 154 17.96 15.00 32.61
N SER H 155 16.70 14.61 32.63
CA SER H 155 15.77 15.07 31.61
C SER H 155 14.46 15.49 32.25
N GLN H 156 13.83 16.47 31.63
CA GLN H 156 12.53 16.94 32.06
C GLN H 156 11.68 17.05 30.81
N GLU H 157 10.38 16.79 30.93
CA GLU H 157 9.53 16.87 29.76
C GLU H 157 8.27 17.67 30.04
N SER H 158 7.64 18.14 28.98
CA SER H 158 6.46 18.96 29.12
C SER H 158 5.52 18.68 27.94
N VAL H 159 4.22 18.72 28.20
CA VAL H 159 3.23 18.36 27.19
C VAL H 159 2.16 19.43 27.09
N THR H 160 1.76 19.76 25.87
CA THR H 160 0.72 20.74 25.64
C THR H 160 -0.67 20.21 26.00
N GLU H 161 -1.62 21.13 26.17
CA GLU H 161 -3.01 20.75 26.28
C GLU H 161 -3.49 20.18 24.96
N GLN H 162 -4.58 19.42 25.00
CA GLN H 162 -5.11 18.83 23.78
C GLN H 162 -5.56 19.94 22.85
N ASP H 163 -5.09 19.89 21.60
CA ASP H 163 -5.39 20.91 20.61
C ASP H 163 -6.88 20.91 20.28
N SER H 164 -7.50 22.08 20.27
CA SER H 164 -8.95 22.18 20.06
C SER H 164 -9.35 21.87 18.62
N LYS H 165 -8.41 22.00 17.70
CA LYS H 165 -8.65 21.68 16.29
C LYS H 165 -8.47 20.19 15.98
N ASP H 166 -7.29 19.64 16.22
CA ASP H 166 -7.02 18.27 15.77
C ASP H 166 -6.89 17.26 16.89
N SER H 167 -7.14 17.69 18.12
CA SER H 167 -7.13 16.81 19.28
C SER H 167 -5.80 16.06 19.45
N THR H 168 -4.71 16.61 18.93
CA THR H 168 -3.41 15.99 19.14
C THR H 168 -2.67 16.60 20.32
N TYR H 169 -1.59 15.94 20.71
CA TYR H 169 -0.74 16.43 21.77
C TYR H 169 0.65 16.70 21.18
N SER H 170 1.43 17.51 21.87
CA SER H 170 2.84 17.61 21.55
C SER H 170 3.64 17.55 22.83
N LEU H 171 4.85 17.02 22.73
CA LEU H 171 5.69 16.80 23.89
C LEU H 171 7.10 17.30 23.62
N SER H 172 7.70 17.93 24.61
CA SER H 172 9.09 18.34 24.51
C SER H 172 9.91 17.75 25.65
N SER H 173 11.01 17.09 25.31
CA SER H 173 11.89 16.54 26.31
C SER H 173 13.26 17.18 26.17
N THR H 174 13.80 17.65 27.29
CA THR H 174 15.07 18.35 27.27
C THR H 174 16.08 17.63 28.15
N LEU H 175 17.22 17.29 27.55
CA LEU H 175 18.32 16.69 28.28
C LEU H 175 19.35 17.76 28.59
N THR H 176 19.73 17.88 29.85
CA THR H 176 20.64 18.93 30.25
C THR H 176 21.93 18.34 30.81
N LEU H 177 23.05 18.73 30.20
CA LEU H 177 24.37 18.32 30.67
C LEU H 177 25.28 19.53 30.79
N SER H 178 26.43 19.35 31.43
CA SER H 178 27.46 20.37 31.42
C SER H 178 28.17 20.40 30.08
N LYS H 179 28.81 21.52 29.76
CA LYS H 179 29.60 21.62 28.53
C LYS H 179 30.70 20.56 28.48
N ALA H 180 31.39 20.39 29.59
CA ALA H 180 32.49 19.42 29.67
C ALA H 180 32.01 18.00 29.42
N ASP H 181 30.91 17.63 30.08
CA ASP H 181 30.34 16.30 29.93
C ASP H 181 29.84 16.10 28.49
N TYR H 182 29.22 17.14 27.93
CA TYR H 182 28.69 17.10 26.57
C TYR H 182 29.75 16.77 25.53
N GLU H 183 30.95 17.32 25.69
CA GLU H 183 32.00 17.16 24.69
C GLU H 183 32.82 15.88 24.88
N LYS H 184 32.61 15.16 25.99
CA LYS H 184 33.31 13.90 26.20
C LYS H 184 32.65 12.75 25.45
N HIS H 185 31.50 13.03 24.83
CA HIS H 185 30.75 11.98 24.13
C HIS H 185 30.38 12.42 22.71
N LYS H 186 29.95 11.45 21.90
CA LYS H 186 29.78 11.68 20.47
C LYS H 186 28.33 11.63 20.01
N VAL H 187 27.64 10.53 20.27
CA VAL H 187 26.30 10.32 19.71
C VAL H 187 25.19 10.58 20.72
N TYR H 188 24.28 11.48 20.36
CA TYR H 188 23.17 11.83 21.22
C TYR H 188 21.86 11.43 20.57
N ALA H 189 21.02 10.69 21.28
CA ALA H 189 19.80 10.16 20.69
C ALA H 189 18.64 10.10 21.67
N CYS H 190 17.45 10.47 21.22
CA CYS H 190 16.25 10.21 21.99
C CYS H 190 15.43 9.16 21.25
N GLU H 191 14.92 8.19 22.01
CA GLU H 191 14.16 7.08 21.46
C GLU H 191 12.71 7.20 21.88
N VAL H 192 11.82 7.24 20.88
CA VAL H 192 10.41 7.48 21.11
C VAL H 192 9.59 6.22 20.91
N THR H 193 8.82 5.87 21.93
CA THR H 193 7.89 4.76 21.87
C THR H 193 6.47 5.26 22.02
N HIS H 194 5.62 4.94 21.07
CA HIS H 194 4.23 5.36 21.10
C HIS H 194 3.44 4.33 20.31
N GLN H 195 2.19 4.07 20.70
CA GLN H 195 1.47 2.96 20.09
C GLN H 195 1.24 3.24 18.62
N GLY H 196 1.43 4.49 18.20
CA GLY H 196 1.27 4.85 16.82
C GLY H 196 2.47 4.44 15.99
N LEU H 197 3.56 4.08 16.66
CA LEU H 197 4.76 3.60 15.97
C LEU H 197 4.92 2.10 16.16
N SER H 198 5.07 1.37 15.07
CA SER H 198 5.20 -0.09 15.10
C SER H 198 6.42 -0.55 15.89
N SER H 199 7.53 0.17 15.75
CA SER H 199 8.69 -0.04 16.61
C SER H 199 9.22 1.34 17.02
N PRO H 200 10.01 1.40 18.09
CA PRO H 200 10.58 2.68 18.52
C PRO H 200 11.36 3.42 17.44
N VAL H 201 11.06 4.71 17.26
CA VAL H 201 11.77 5.55 16.31
C VAL H 201 12.86 6.31 17.06
N THR H 202 14.07 6.29 16.52
CA THR H 202 15.20 6.98 17.14
C THR H 202 15.71 8.12 16.27
N LYS H 203 15.72 9.32 16.84
CA LYS H 203 16.35 10.48 16.22
C LYS H 203 17.67 10.80 16.91
N SER H 204 18.70 11.03 16.13
CA SER H 204 20.04 11.18 16.68
C SER H 204 20.88 12.16 15.87
N PHE H 205 22.01 12.57 16.44
CA PHE H 205 22.98 13.39 15.72
C PHE H 205 24.40 13.17 16.24
N ASN H 206 25.38 13.40 15.37
CA ASN H 206 26.78 13.29 15.76
C ASN H 206 27.43 14.64 16.06
N ARG H 207 27.87 14.81 17.31
CA ARG H 207 28.61 16.01 17.71
C ARG H 207 29.90 16.17 16.92
#